data_7ZEV
#
_entry.id   7ZEV
#
_cell.length_a   1.000
_cell.length_b   1.000
_cell.length_c   1.000
_cell.angle_alpha   90.00
_cell.angle_beta   90.00
_cell.angle_gamma   90.00
#
_symmetry.space_group_name_H-M   'P 1'
#
_entity_poly.entity_id   1
_entity_poly.type   'polypeptide(L)'
_entity_poly.pdbx_seq_one_letter_code
;AGHMATTKRVLYVGGLAEEVDDKVLHAAFIPFGDITDIQIPLDYETEKHRGFAFVEFELAEDAAAAIDNMNESELFGRTI
RVNLAKPMRIKEGSSRPVWSDDDWLKKFSGKTLEENK
;
_entity_poly.pdbx_strand_id   A
#
# COMPACT_ATOMS: atom_id res chain seq x y z
N ALA A 1 -9.60 -13.02 9.04
CA ALA A 1 -9.19 -13.58 7.73
C ALA A 1 -8.56 -14.95 7.92
N GLY A 2 -8.26 -15.64 6.82
CA GLY A 2 -7.73 -16.99 6.83
C GLY A 2 -6.25 -17.07 7.24
N HIS A 3 -5.62 -15.92 7.52
CA HIS A 3 -4.20 -15.90 7.88
C HIS A 3 -3.91 -14.89 9.00
N MET A 4 -4.82 -13.96 9.26
CA MET A 4 -4.60 -12.89 10.22
C MET A 4 -5.92 -12.25 10.63
N ALA A 5 -5.89 -11.37 11.64
CA ALA A 5 -7.07 -10.68 12.13
C ALA A 5 -7.64 -9.69 11.10
N THR A 6 -6.93 -9.50 9.99
CA THR A 6 -7.38 -8.66 8.87
C THR A 6 -6.98 -9.22 7.52
N THR A 7 -7.72 -8.85 6.46
CA THR A 7 -7.44 -9.39 5.13
C THR A 7 -6.08 -8.99 4.57
N LYS A 8 -5.37 -9.96 4.00
CA LYS A 8 -4.04 -9.77 3.45
C LYS A 8 -4.11 -9.25 2.01
N ARG A 9 -5.33 -9.18 1.45
CA ARG A 9 -5.57 -8.83 0.05
C ARG A 9 -5.03 -7.45 -0.32
N VAL A 10 -4.73 -6.59 0.66
CA VAL A 10 -4.21 -5.25 0.42
C VAL A 10 -2.95 -5.06 1.26
N LEU A 11 -1.98 -4.31 0.74
CA LEU A 11 -0.72 -4.05 1.42
C LEU A 11 -0.17 -2.67 1.03
N TYR A 12 0.74 -2.18 1.87
CA TYR A 12 1.41 -0.89 1.73
C TYR A 12 2.85 -0.95 1.22
N VAL A 13 3.29 0.13 0.58
CA VAL A 13 4.64 0.28 0.07
C VAL A 13 5.14 1.70 0.31
N GLY A 14 6.42 1.87 0.66
CA GLY A 14 6.99 3.18 0.91
C GLY A 14 8.50 3.22 0.65
N GLY A 15 9.08 4.41 0.68
CA GLY A 15 10.50 4.61 0.43
C GLY A 15 10.80 4.73 -1.06
N LEU A 16 9.75 4.80 -1.89
CA LEU A 16 9.87 4.83 -3.34
C LEU A 16 10.31 6.19 -3.86
N ALA A 17 10.73 6.23 -5.13
CA ALA A 17 11.01 7.47 -5.83
C ALA A 17 9.72 8.11 -6.35
N GLU A 18 9.80 9.35 -6.84
CA GLU A 18 8.63 10.10 -7.28
C GLU A 18 8.11 9.62 -8.65
N GLU A 19 8.84 8.73 -9.31
CA GLU A 19 8.48 8.21 -10.62
C GLU A 19 8.03 6.75 -10.55
N VAL A 20 7.88 6.21 -9.34
CA VAL A 20 7.41 4.84 -9.12
C VAL A 20 5.89 4.76 -9.26
N ASP A 21 5.42 4.94 -10.50
CA ASP A 21 4.01 4.86 -10.84
C ASP A 21 3.38 3.47 -10.68
N ASP A 22 2.05 3.40 -10.81
CA ASP A 22 1.31 2.17 -10.60
C ASP A 22 1.68 1.04 -11.56
N LYS A 23 2.27 1.41 -12.70
CA LYS A 23 2.68 0.47 -13.73
C LYS A 23 3.99 -0.22 -13.35
N VAL A 24 4.90 0.53 -12.73
CA VAL A 24 6.17 -0.03 -12.27
C VAL A 24 5.99 -0.91 -11.04
N LEU A 25 5.02 -0.55 -10.19
CA LEU A 25 4.69 -1.33 -9.01
C LEU A 25 4.08 -2.67 -9.41
N HIS A 26 3.31 -2.72 -10.51
CA HIS A 26 2.73 -3.97 -10.94
C HIS A 26 3.85 -4.92 -11.34
N ALA A 27 4.79 -4.45 -12.17
CA ALA A 27 5.92 -5.27 -12.58
C ALA A 27 6.84 -5.59 -11.41
N ALA A 28 6.73 -4.85 -10.29
CA ALA A 28 7.58 -5.07 -9.13
C ALA A 28 6.92 -5.97 -8.09
N PHE A 29 5.63 -6.29 -8.24
CA PHE A 29 4.92 -7.13 -7.28
C PHE A 29 4.13 -8.31 -7.85
N ILE A 30 4.11 -8.45 -9.18
CA ILE A 30 3.36 -9.51 -9.85
C ILE A 30 4.00 -10.91 -9.75
N PRO A 31 5.32 -11.10 -9.53
CA PRO A 31 5.90 -12.43 -9.58
C PRO A 31 5.55 -13.29 -8.37
N PHE A 32 4.99 -12.69 -7.30
CA PHE A 32 4.65 -13.43 -6.09
C PHE A 32 3.22 -13.95 -6.20
N GLY A 33 2.43 -13.40 -7.12
CA GLY A 33 1.05 -13.80 -7.34
C GLY A 33 0.28 -12.72 -8.10
N ASP A 34 -0.90 -13.06 -8.62
CA ASP A 34 -1.68 -12.13 -9.42
C ASP A 34 -2.21 -10.90 -8.66
N ILE A 35 -2.08 -9.74 -9.30
CA ILE A 35 -2.52 -8.46 -8.76
C ILE A 35 -3.92 -8.11 -9.23
N THR A 36 -4.66 -7.38 -8.39
CA THR A 36 -6.00 -6.91 -8.71
C THR A 36 -6.12 -5.41 -8.90
N ASP A 37 -5.28 -4.63 -8.21
CA ASP A 37 -5.34 -3.18 -8.31
C ASP A 37 -4.08 -2.62 -7.64
N ILE A 38 -3.80 -1.35 -7.91
CA ILE A 38 -2.71 -0.59 -7.33
C ILE A 38 -3.17 0.86 -7.19
N GLN A 39 -2.80 1.53 -6.10
CA GLN A 39 -3.25 2.88 -5.81
C GLN A 39 -2.09 3.76 -5.34
N ILE A 40 -2.12 5.03 -5.75
CA ILE A 40 -1.07 5.99 -5.45
C ILE A 40 -1.70 7.33 -5.07
N PRO A 41 -1.31 7.92 -3.93
CA PRO A 41 -1.83 9.19 -3.45
C PRO A 41 -1.18 10.36 -4.20
N LEU A 42 -1.70 11.57 -4.00
CA LEU A 42 -1.13 12.78 -4.59
C LEU A 42 -1.21 13.93 -3.58
N ASP A 43 -0.10 14.65 -3.42
CA ASP A 43 -0.02 15.80 -2.52
C ASP A 43 -0.37 17.11 -3.22
N TYR A 44 -1.03 18.02 -2.49
CA TYR A 44 -1.43 19.30 -3.05
C TYR A 44 -0.31 20.31 -3.30
N GLU A 45 0.85 20.11 -2.66
CA GLU A 45 1.97 21.04 -2.74
C GLU A 45 2.82 20.83 -4.01
N THR A 46 2.56 19.77 -4.79
CA THR A 46 3.33 19.51 -6.00
C THR A 46 2.59 18.62 -6.99
N GLU A 47 1.46 18.03 -6.60
CA GLU A 47 0.71 17.10 -7.43
C GLU A 47 1.53 15.87 -7.80
N LYS A 48 2.29 15.35 -6.83
CA LYS A 48 3.11 14.15 -6.96
C LYS A 48 2.82 13.25 -5.76
N HIS A 49 3.14 11.95 -5.87
CA HIS A 49 2.95 11.04 -4.75
C HIS A 49 4.14 11.16 -3.79
N ARG A 50 3.92 10.86 -2.51
CA ARG A 50 4.92 11.08 -1.47
C ARG A 50 5.91 9.93 -1.34
N GLY A 51 6.06 9.13 -2.40
CA GLY A 51 7.02 8.03 -2.41
C GLY A 51 6.49 6.79 -1.71
N PHE A 52 5.17 6.58 -1.72
CA PHE A 52 4.60 5.42 -1.09
C PHE A 52 3.27 5.18 -1.82
N ALA A 53 2.79 3.93 -1.76
CA ALA A 53 1.62 3.48 -2.51
C ALA A 53 0.99 2.26 -1.85
N PHE A 54 -0.10 1.74 -2.44
CA PHE A 54 -0.76 0.53 -1.97
C PHE A 54 -0.88 -0.44 -3.15
N VAL A 55 -1.01 -1.73 -2.84
CA VAL A 55 -1.14 -2.80 -3.83
C VAL A 55 -2.22 -3.75 -3.36
N GLU A 56 -2.90 -4.42 -4.31
CA GLU A 56 -3.97 -5.35 -4.00
C GLU A 56 -3.81 -6.63 -4.82
N PHE A 57 -4.00 -7.78 -4.16
CA PHE A 57 -3.88 -9.11 -4.74
C PHE A 57 -5.21 -9.87 -4.86
N GLU A 58 -5.28 -10.87 -5.74
CA GLU A 58 -6.48 -11.70 -5.82
C GLU A 58 -6.31 -12.99 -5.00
N LEU A 59 -5.18 -13.11 -4.29
CA LEU A 59 -4.89 -14.23 -3.41
C LEU A 59 -4.27 -13.71 -2.12
N ALA A 60 -4.81 -14.13 -0.97
CA ALA A 60 -4.35 -13.62 0.32
C ALA A 60 -3.01 -14.20 0.75
N GLU A 61 -2.71 -15.45 0.37
CA GLU A 61 -1.45 -16.07 0.76
C GLU A 61 -0.29 -15.54 -0.10
N ASP A 62 -0.59 -15.14 -1.34
CA ASP A 62 0.43 -14.56 -2.22
C ASP A 62 0.79 -13.12 -1.87
N ALA A 63 -0.13 -12.43 -1.21
CA ALA A 63 0.11 -11.07 -0.75
C ALA A 63 1.06 -11.09 0.44
N ALA A 64 0.94 -12.10 1.31
CA ALA A 64 1.84 -12.27 2.43
C ALA A 64 3.25 -12.58 1.93
N ALA A 65 3.36 -13.32 0.83
CA ALA A 65 4.66 -13.65 0.26
C ALA A 65 5.33 -12.41 -0.33
N ALA A 66 4.55 -11.51 -0.95
CA ALA A 66 5.11 -10.31 -1.54
C ALA A 66 5.57 -9.31 -0.46
N ILE A 67 4.99 -9.39 0.74
CA ILE A 67 5.42 -8.54 1.83
C ILE A 67 6.77 -9.00 2.35
N ASP A 68 6.96 -10.31 2.49
CA ASP A 68 8.19 -10.88 3.01
C ASP A 68 9.35 -10.81 2.01
N ASN A 69 9.02 -10.80 0.71
CA ASN A 69 10.01 -10.83 -0.36
C ASN A 69 10.42 -9.44 -0.85
N MET A 70 9.75 -8.38 -0.39
CA MET A 70 10.08 -7.02 -0.82
C MET A 70 10.33 -6.08 0.36
N ASN A 71 10.27 -6.59 1.60
CA ASN A 71 10.55 -5.75 2.76
C ASN A 71 12.05 -5.41 2.79
N GLU A 72 12.35 -4.13 2.99
CA GLU A 72 13.71 -3.61 3.05
C GLU A 72 14.50 -3.89 1.77
N SER A 73 13.80 -4.25 0.68
CA SER A 73 14.40 -4.50 -0.62
C SER A 73 14.68 -3.18 -1.35
N GLU A 74 15.26 -3.27 -2.54
CA GLU A 74 15.55 -2.12 -3.38
C GLU A 74 14.55 -1.99 -4.54
N LEU A 75 14.21 -0.74 -4.88
CA LEU A 75 13.35 -0.41 -6.02
C LEU A 75 13.70 1.00 -6.46
N PHE A 76 13.85 1.24 -7.76
CA PHE A 76 14.24 2.55 -8.27
C PHE A 76 15.58 3.12 -7.78
N GLY A 77 16.47 2.25 -7.27
CA GLY A 77 17.78 2.66 -6.82
C GLY A 77 17.82 3.08 -5.35
N ARG A 78 16.77 2.75 -4.58
CA ARG A 78 16.73 3.07 -3.16
C ARG A 78 15.98 1.99 -2.39
N THR A 79 16.19 1.94 -1.07
CA THR A 79 15.47 1.04 -0.19
C THR A 79 13.99 1.33 -0.04
N ILE A 80 13.17 0.28 0.12
CA ILE A 80 11.72 0.42 0.24
C ILE A 80 11.23 -0.42 1.40
N ARG A 81 10.03 -0.11 1.89
CA ARG A 81 9.35 -0.84 2.95
C ARG A 81 8.06 -1.41 2.39
N VAL A 82 7.64 -2.56 2.93
CA VAL A 82 6.42 -3.24 2.52
C VAL A 82 5.79 -3.92 3.72
N ASN A 83 4.50 -3.68 3.96
CA ASN A 83 3.81 -4.27 5.10
C ASN A 83 2.30 -4.19 4.96
N LEU A 84 1.58 -5.00 5.75
CA LEU A 84 0.13 -5.06 5.71
C LEU A 84 -0.48 -3.85 6.39
N ALA A 85 -1.05 -2.94 5.59
CA ALA A 85 -1.81 -1.81 6.09
C ALA A 85 -3.26 -2.23 6.32
N LYS A 86 -4.05 -1.39 7.01
CA LYS A 86 -5.47 -1.67 7.14
C LYS A 86 -6.11 -1.67 5.76
N PRO A 87 -6.99 -2.64 5.46
CA PRO A 87 -7.66 -2.74 4.18
C PRO A 87 -8.61 -1.55 3.97
N MET A 88 -8.91 -1.26 2.70
CA MET A 88 -9.78 -0.15 2.34
C MET A 88 -11.24 -0.50 2.63
N ARG A 89 -12.11 0.53 2.63
CA ARG A 89 -13.53 0.40 2.98
C ARG A 89 -13.74 -0.20 4.36
N ILE A 90 -12.69 -0.18 5.20
CA ILE A 90 -12.69 -0.73 6.55
C ILE A 90 -12.02 0.30 7.47
N LYS A 91 -12.32 0.24 8.78
CA LYS A 91 -11.88 1.26 9.73
C LYS A 91 -11.38 0.69 11.05
N GLU A 92 -10.90 -0.55 11.05
CA GLU A 92 -10.41 -1.18 12.27
C GLU A 92 -9.18 -2.06 11.97
N GLY A 93 -8.47 -2.44 13.03
CA GLY A 93 -7.27 -3.26 12.94
C GLY A 93 -6.75 -3.58 14.34
N SER A 94 -5.77 -4.48 14.42
CA SER A 94 -5.27 -4.96 15.71
C SER A 94 -3.81 -5.43 15.62
N SER A 95 -3.22 -5.36 14.42
CA SER A 95 -1.84 -5.72 14.17
C SER A 95 -1.29 -4.80 13.08
N ARG A 96 -1.87 -3.59 13.01
CA ARG A 96 -1.62 -2.60 11.98
C ARG A 96 -0.19 -2.04 12.09
N PRO A 97 0.32 -1.39 11.03
CA PRO A 97 1.65 -0.81 10.98
C PRO A 97 1.89 0.27 12.04
N VAL A 98 3.12 0.80 12.06
CA VAL A 98 3.56 1.79 13.03
C VAL A 98 3.57 3.22 12.49
N TRP A 99 3.51 3.38 11.16
CA TRP A 99 3.41 4.68 10.53
C TRP A 99 1.99 5.26 10.67
N SER A 100 1.74 6.42 10.07
CA SER A 100 0.47 7.14 10.17
C SER A 100 -0.67 6.47 9.39
N ASP A 101 -0.77 5.14 9.42
CA ASP A 101 -1.78 4.42 8.66
C ASP A 101 -3.18 4.78 9.15
N ASP A 102 -3.32 5.28 10.38
CA ASP A 102 -4.62 5.67 10.89
C ASP A 102 -5.27 6.80 10.12
N ASP A 103 -4.57 7.93 10.01
CA ASP A 103 -5.08 9.09 9.28
C ASP A 103 -4.94 8.99 7.76
N TRP A 104 -3.99 8.18 7.26
CA TRP A 104 -3.81 8.04 5.82
C TRP A 104 -4.86 7.12 5.20
N LEU A 105 -5.08 5.93 5.78
CA LEU A 105 -6.07 5.02 5.21
C LEU A 105 -7.47 5.57 5.45
N LYS A 106 -7.66 6.32 6.54
CA LYS A 106 -8.94 6.98 6.80
C LYS A 106 -9.15 8.15 5.84
N LYS A 107 -8.07 8.73 5.32
CA LYS A 107 -8.15 9.84 4.37
C LYS A 107 -8.58 9.38 2.99
N PHE A 108 -8.04 8.26 2.50
CA PHE A 108 -8.34 7.79 1.16
C PHE A 108 -9.67 7.03 1.14
N SER A 109 -10.02 6.35 2.24
CA SER A 109 -11.26 5.58 2.31
C SER A 109 -12.40 6.39 2.91
N GLY A 110 -12.07 7.43 3.70
CA GLY A 110 -13.06 8.29 4.34
C GLY A 110 -13.18 9.65 3.65
N LYS A 111 -12.35 9.89 2.63
CA LYS A 111 -12.26 11.15 1.89
C LYS A 111 -11.79 12.32 2.78
N THR A 112 -11.00 13.23 2.21
CA THR A 112 -10.47 14.37 2.94
C THR A 112 -11.48 15.47 3.26
N LEU A 113 -11.16 16.29 4.26
CA LEU A 113 -12.04 17.31 4.78
C LEU A 113 -12.08 18.59 3.92
N GLU A 114 -11.34 18.63 2.81
CA GLU A 114 -11.22 19.84 2.01
C GLU A 114 -12.50 20.19 1.26
N GLU A 115 -13.45 19.26 1.15
CA GLU A 115 -14.72 19.52 0.50
C GLU A 115 -15.81 18.57 1.01
N ASN A 116 -15.54 17.88 2.12
CA ASN A 116 -16.46 16.93 2.72
C ASN A 116 -16.35 16.98 4.24
N LYS A 117 -17.38 16.46 4.92
CA LYS A 117 -17.46 16.40 6.37
C LYS A 117 -18.16 15.12 6.83
N ALA A 1 -8.88 -13.44 8.89
CA ALA A 1 -8.51 -14.07 7.60
C ALA A 1 -7.86 -15.43 7.84
N GLY A 2 -7.66 -16.20 6.76
CA GLY A 2 -7.09 -17.53 6.84
C GLY A 2 -5.58 -17.54 7.09
N HIS A 3 -4.94 -16.37 7.15
CA HIS A 3 -3.50 -16.27 7.35
C HIS A 3 -3.12 -15.16 8.34
N MET A 4 -4.10 -14.37 8.79
CA MET A 4 -3.81 -13.22 9.65
C MET A 4 -5.10 -12.73 10.31
N ALA A 5 -4.98 -11.96 11.40
CA ALA A 5 -6.13 -11.39 12.10
C ALA A 5 -6.82 -10.29 11.29
N THR A 6 -6.25 -9.95 10.12
CA THR A 6 -6.81 -8.97 9.19
C THR A 6 -6.57 -9.36 7.75
N THR A 7 -7.36 -8.84 6.81
CA THR A 7 -7.22 -9.24 5.42
C THR A 7 -5.86 -8.95 4.82
N LYS A 8 -5.24 -9.96 4.22
CA LYS A 8 -3.91 -9.85 3.63
C LYS A 8 -4.00 -9.31 2.19
N ARG A 9 -5.22 -9.12 1.68
CA ARG A 9 -5.46 -8.74 0.28
C ARG A 9 -4.81 -7.42 -0.13
N VAL A 10 -4.36 -6.59 0.82
CA VAL A 10 -3.61 -5.40 0.49
C VAL A 10 -2.37 -5.18 1.37
N LEU A 11 -1.39 -4.46 0.85
CA LEU A 11 -0.13 -4.22 1.53
C LEU A 11 0.42 -2.83 1.21
N TYR A 12 1.18 -2.29 2.16
CA TYR A 12 1.87 -1.01 2.05
C TYR A 12 3.23 -1.05 1.35
N VAL A 13 3.62 0.05 0.72
CA VAL A 13 4.92 0.18 0.07
C VAL A 13 5.54 1.56 0.33
N GLY A 14 6.85 1.62 0.59
CA GLY A 14 7.51 2.87 0.88
C GLY A 14 9.00 2.84 0.53
N GLY A 15 9.63 4.01 0.54
CA GLY A 15 11.05 4.16 0.24
C GLY A 15 11.30 4.27 -1.27
N LEU A 16 10.22 4.37 -2.06
CA LEU A 16 10.28 4.41 -3.51
C LEU A 16 10.82 5.75 -4.02
N ALA A 17 11.20 5.79 -5.30
CA ALA A 17 11.56 7.03 -5.99
C ALA A 17 10.27 7.74 -6.44
N GLU A 18 10.40 8.96 -6.95
CA GLU A 18 9.24 9.77 -7.34
C GLU A 18 8.64 9.35 -8.68
N GLU A 19 9.30 8.42 -9.39
CA GLU A 19 8.85 7.94 -10.69
C GLU A 19 8.31 6.52 -10.61
N VAL A 20 8.20 5.97 -9.39
CA VAL A 20 7.67 4.63 -9.15
C VAL A 20 6.15 4.60 -9.20
N ASP A 21 5.59 4.92 -10.36
CA ASP A 21 4.15 4.92 -10.59
C ASP A 21 3.51 3.53 -10.50
N ASP A 22 2.18 3.48 -10.49
CA ASP A 22 1.45 2.22 -10.35
C ASP A 22 1.72 1.21 -11.48
N LYS A 23 2.24 1.69 -12.60
CA LYS A 23 2.56 0.85 -13.74
C LYS A 23 3.79 0.00 -13.40
N VAL A 24 4.76 0.63 -12.74
CA VAL A 24 6.00 -0.05 -12.35
C VAL A 24 5.82 -0.93 -11.13
N LEU A 25 4.91 -0.54 -10.22
CA LEU A 25 4.61 -1.32 -9.03
C LEU A 25 3.88 -2.60 -9.44
N HIS A 26 3.06 -2.57 -10.50
CA HIS A 26 2.40 -3.77 -10.96
C HIS A 26 3.45 -4.74 -11.48
N ALA A 27 4.36 -4.27 -12.31
CA ALA A 27 5.42 -5.09 -12.86
C ALA A 27 6.42 -5.51 -11.77
N ALA A 28 6.39 -4.88 -10.59
CA ALA A 28 7.32 -5.19 -9.52
C ALA A 28 6.69 -6.06 -8.42
N PHE A 29 5.37 -6.30 -8.49
CA PHE A 29 4.68 -7.11 -7.49
C PHE A 29 3.83 -8.26 -8.06
N ILE A 30 3.75 -8.38 -9.39
CA ILE A 30 2.95 -9.39 -10.05
C ILE A 30 3.54 -10.82 -10.02
N PRO A 31 4.86 -11.03 -9.87
CA PRO A 31 5.42 -12.38 -9.98
C PRO A 31 5.08 -13.26 -8.78
N PHE A 32 4.61 -12.66 -7.68
CA PHE A 32 4.30 -13.42 -6.48
C PHE A 32 2.83 -13.89 -6.55
N GLY A 33 2.03 -13.27 -7.43
CA GLY A 33 0.63 -13.60 -7.59
C GLY A 33 -0.13 -12.47 -8.26
N ASP A 34 -1.36 -12.74 -8.72
CA ASP A 34 -2.15 -11.76 -9.44
C ASP A 34 -2.59 -10.53 -8.63
N ILE A 35 -2.41 -9.35 -9.22
CA ILE A 35 -2.77 -8.08 -8.61
C ILE A 35 -4.18 -7.67 -9.01
N THR A 36 -4.83 -6.88 -8.14
CA THR A 36 -6.16 -6.34 -8.39
C THR A 36 -6.23 -4.83 -8.48
N ASP A 37 -5.41 -4.14 -7.68
CA ASP A 37 -5.39 -2.69 -7.58
C ASP A 37 -4.11 -2.11 -6.99
N ILE A 38 -3.85 -0.83 -7.22
CA ILE A 38 -2.69 -0.13 -6.69
C ILE A 38 -3.06 1.33 -6.46
N GLN A 39 -2.97 1.82 -5.21
CA GLN A 39 -3.21 3.22 -4.90
C GLN A 39 -1.91 3.96 -4.61
N ILE A 40 -1.90 5.26 -4.91
CA ILE A 40 -0.72 6.11 -4.72
C ILE A 40 -1.16 7.51 -4.27
N PRO A 41 -0.98 7.84 -2.99
CA PRO A 41 -1.20 9.17 -2.46
C PRO A 41 -0.29 10.19 -3.14
N LEU A 42 -0.68 11.47 -3.13
CA LEU A 42 0.05 12.54 -3.78
C LEU A 42 0.16 13.76 -2.86
N ASP A 43 1.21 14.56 -3.06
CA ASP A 43 1.42 15.77 -2.28
C ASP A 43 0.54 16.95 -2.70
N TYR A 44 -0.16 16.80 -3.84
CA TYR A 44 -1.07 17.80 -4.40
C TYR A 44 -0.49 19.16 -4.82
N GLU A 45 0.63 19.58 -4.21
CA GLU A 45 1.29 20.82 -4.57
C GLU A 45 2.22 20.61 -5.77
N THR A 46 2.39 19.37 -6.20
CA THR A 46 3.26 19.01 -7.33
C THR A 46 2.79 17.74 -8.05
N GLU A 47 1.70 17.14 -7.58
CA GLU A 47 1.13 15.93 -8.16
C GLU A 47 2.09 14.74 -8.17
N LYS A 48 3.08 14.72 -7.26
CA LYS A 48 4.00 13.60 -7.12
C LYS A 48 3.75 12.88 -5.80
N HIS A 49 4.18 11.62 -5.70
CA HIS A 49 4.03 10.86 -4.48
C HIS A 49 5.32 10.93 -3.66
N ARG A 50 5.19 10.73 -2.34
CA ARG A 50 6.30 10.84 -1.40
C ARG A 50 7.11 9.54 -1.31
N GLY A 51 7.13 8.75 -2.39
CA GLY A 51 7.87 7.49 -2.42
C GLY A 51 7.09 6.39 -1.70
N PHE A 52 5.76 6.48 -1.71
CA PHE A 52 4.87 5.61 -0.95
C PHE A 52 3.55 5.29 -1.65
N ALA A 53 3.11 4.04 -1.54
CA ALA A 53 1.93 3.53 -2.24
C ALA A 53 1.34 2.31 -1.52
N PHE A 54 0.29 1.73 -2.10
CA PHE A 54 -0.34 0.52 -1.61
C PHE A 54 -0.57 -0.40 -2.80
N VAL A 55 -0.69 -1.70 -2.55
CA VAL A 55 -0.92 -2.71 -3.57
C VAL A 55 -1.95 -3.71 -3.09
N GLU A 56 -2.84 -4.15 -3.98
CA GLU A 56 -3.90 -5.10 -3.67
C GLU A 56 -3.79 -6.34 -4.56
N PHE A 57 -4.05 -7.50 -3.95
CA PHE A 57 -4.01 -8.81 -4.59
C PHE A 57 -5.35 -9.53 -4.62
N GLU A 58 -5.53 -10.50 -5.53
CA GLU A 58 -6.76 -11.28 -5.56
C GLU A 58 -6.58 -12.60 -4.80
N LEU A 59 -5.43 -12.78 -4.16
CA LEU A 59 -5.15 -13.96 -3.34
C LEU A 59 -4.45 -13.52 -2.05
N ALA A 60 -4.90 -14.04 -0.91
CA ALA A 60 -4.37 -13.62 0.37
C ALA A 60 -3.01 -14.25 0.68
N GLU A 61 -2.76 -15.47 0.20
CA GLU A 61 -1.50 -16.14 0.48
C GLU A 61 -0.38 -15.60 -0.41
N ASP A 62 -0.73 -15.11 -1.61
CA ASP A 62 0.24 -14.51 -2.51
C ASP A 62 0.64 -13.09 -2.11
N ALA A 63 -0.23 -12.41 -1.36
CA ALA A 63 0.06 -11.08 -0.87
C ALA A 63 1.09 -11.16 0.25
N ALA A 64 0.98 -12.17 1.11
CA ALA A 64 1.95 -12.40 2.17
C ALA A 64 3.32 -12.76 1.57
N ALA A 65 3.32 -13.48 0.44
CA ALA A 65 4.57 -13.83 -0.22
C ALA A 65 5.22 -12.60 -0.86
N ALA A 66 4.41 -11.62 -1.30
CA ALA A 66 4.97 -10.41 -1.89
C ALA A 66 5.53 -9.48 -0.81
N ILE A 67 5.08 -9.63 0.44
CA ILE A 67 5.58 -8.83 1.54
C ILE A 67 6.98 -9.29 1.93
N ASP A 68 7.17 -10.59 2.18
CA ASP A 68 8.47 -11.08 2.65
C ASP A 68 9.52 -11.20 1.54
N ASN A 69 9.09 -11.13 0.28
CA ASN A 69 9.99 -11.19 -0.87
C ASN A 69 10.43 -9.80 -1.34
N MET A 70 9.81 -8.73 -0.83
CA MET A 70 10.15 -7.37 -1.22
C MET A 70 10.45 -6.46 -0.03
N ASN A 71 10.33 -6.96 1.20
CA ASN A 71 10.67 -6.18 2.38
C ASN A 71 12.18 -5.95 2.39
N GLU A 72 12.59 -4.70 2.62
CA GLU A 72 14.00 -4.29 2.65
C GLU A 72 14.72 -4.59 1.33
N SER A 73 13.97 -4.94 0.29
CA SER A 73 14.53 -5.18 -1.04
C SER A 73 14.78 -3.86 -1.75
N GLU A 74 15.12 -3.93 -3.05
CA GLU A 74 15.45 -2.77 -3.84
C GLU A 74 14.56 -2.60 -5.06
N LEU A 75 14.29 -1.34 -5.41
CA LEU A 75 13.62 -0.92 -6.62
C LEU A 75 14.19 0.44 -7.00
N PHE A 76 14.25 0.75 -8.30
CA PHE A 76 14.68 2.06 -8.75
C PHE A 76 16.07 2.54 -8.30
N GLY A 77 16.92 1.63 -7.82
CA GLY A 77 18.27 1.96 -7.38
C GLY A 77 18.34 2.32 -5.89
N ARG A 78 17.31 1.97 -5.12
CA ARG A 78 17.23 2.34 -3.71
C ARG A 78 16.43 1.31 -2.92
N THR A 79 16.64 1.29 -1.60
CA THR A 79 15.91 0.40 -0.70
C THR A 79 14.44 0.76 -0.52
N ILE A 80 13.59 -0.26 -0.28
CA ILE A 80 12.16 -0.06 -0.11
C ILE A 80 11.66 -0.89 1.08
N ARG A 81 10.47 -0.55 1.57
CA ARG A 81 9.80 -1.24 2.66
C ARG A 81 8.48 -1.80 2.16
N VAL A 82 8.05 -2.94 2.70
CA VAL A 82 6.81 -3.60 2.33
C VAL A 82 6.25 -4.34 3.54
N ASN A 83 4.98 -4.12 3.85
CA ASN A 83 4.34 -4.72 5.00
C ASN A 83 2.82 -4.61 4.91
N LEU A 84 2.10 -5.38 5.72
CA LEU A 84 0.64 -5.40 5.71
C LEU A 84 0.06 -4.08 6.20
N ALA A 85 -0.86 -3.52 5.43
CA ALA A 85 -1.56 -2.28 5.74
C ALA A 85 -2.92 -2.58 6.37
N LYS A 86 -3.69 -1.53 6.68
CA LYS A 86 -5.06 -1.70 7.18
C LYS A 86 -5.91 -2.38 6.11
N PRO A 87 -6.99 -3.08 6.50
CA PRO A 87 -7.83 -3.83 5.59
C PRO A 87 -8.64 -2.92 4.67
N MET A 88 -8.57 -1.60 4.86
CA MET A 88 -9.21 -0.58 4.05
C MET A 88 -10.74 -0.69 3.96
N ARG A 89 -11.26 -1.68 3.23
CA ARG A 89 -12.70 -1.80 2.97
C ARG A 89 -13.46 -2.36 4.16
N ILE A 90 -12.78 -3.05 5.08
CA ILE A 90 -13.43 -3.62 6.26
C ILE A 90 -13.54 -2.55 7.34
N LYS A 91 -14.67 -2.51 8.05
CA LYS A 91 -14.98 -1.47 9.03
C LYS A 91 -14.32 -1.70 10.40
N GLU A 92 -13.40 -2.65 10.50
CA GLU A 92 -12.74 -2.99 11.75
C GLU A 92 -11.39 -3.66 11.49
N GLY A 93 -10.62 -3.88 12.56
CA GLY A 93 -9.32 -4.53 12.46
C GLY A 93 -8.75 -4.78 13.85
N SER A 94 -7.66 -5.57 13.92
CA SER A 94 -7.02 -5.91 15.18
C SER A 94 -5.52 -6.21 14.98
N SER A 95 -4.97 -5.77 13.85
CA SER A 95 -3.57 -5.90 13.51
C SER A 95 -3.21 -4.75 12.58
N ARG A 96 -2.11 -4.06 12.87
CA ARG A 96 -1.78 -2.82 12.17
C ARG A 96 -0.27 -2.61 12.03
N PRO A 97 0.12 -1.83 11.02
CA PRO A 97 1.48 -1.38 10.76
C PRO A 97 1.94 -0.35 11.79
N VAL A 98 3.15 0.18 11.63
CA VAL A 98 3.74 1.16 12.55
C VAL A 98 4.07 2.51 11.93
N TRP A 99 3.84 2.69 10.62
CA TRP A 99 4.13 3.92 9.91
C TRP A 99 3.09 5.03 10.12
N SER A 100 2.49 5.09 11.32
CA SER A 100 1.46 6.08 11.64
C SER A 100 0.30 6.02 10.66
N ASP A 101 -0.12 4.81 10.29
CA ASP A 101 -1.22 4.59 9.37
C ASP A 101 -2.45 5.46 9.63
N ASP A 102 -2.90 5.53 10.88
CA ASP A 102 -4.11 6.28 11.19
C ASP A 102 -4.02 7.78 10.98
N ASP A 103 -2.81 8.33 10.93
CA ASP A 103 -2.61 9.74 10.64
C ASP A 103 -2.66 10.03 9.15
N TRP A 104 -2.13 9.11 8.33
CA TRP A 104 -2.15 9.26 6.89
C TRP A 104 -3.48 8.85 6.28
N LEU A 105 -4.07 7.75 6.74
CA LEU A 105 -5.35 7.28 6.22
C LEU A 105 -6.46 8.25 6.63
N LYS A 106 -6.37 8.83 7.83
CA LYS A 106 -7.35 9.81 8.26
C LYS A 106 -7.15 11.14 7.54
N LYS A 107 -5.92 11.43 7.12
CA LYS A 107 -5.63 12.66 6.40
C LYS A 107 -6.27 12.66 5.01
N PHE A 108 -6.27 11.52 4.31
CA PHE A 108 -6.85 11.46 2.98
C PHE A 108 -8.38 11.52 3.12
N SER A 109 -8.92 10.96 4.20
CA SER A 109 -10.36 11.00 4.45
C SER A 109 -10.80 12.38 4.94
N GLY A 110 -9.90 13.11 5.59
CA GLY A 110 -10.16 14.44 6.14
C GLY A 110 -9.77 15.57 5.20
N LYS A 111 -9.21 15.24 4.03
CA LYS A 111 -8.79 16.23 3.05
C LYS A 111 -9.96 17.12 2.63
N THR A 112 -9.68 18.41 2.40
CA THR A 112 -10.67 19.44 2.10
C THR A 112 -11.68 19.76 3.19
N LEU A 113 -11.94 21.05 3.41
CA LEU A 113 -12.87 21.51 4.45
C LEU A 113 -14.31 21.51 3.96
N GLU A 114 -14.54 21.26 2.67
CA GLU A 114 -15.88 21.25 2.09
C GLU A 114 -16.68 20.03 2.54
N GLU A 115 -18.01 20.14 2.49
CA GLU A 115 -18.92 19.09 2.88
C GLU A 115 -20.24 19.24 2.12
N ASN A 116 -20.92 18.13 1.86
CA ASN A 116 -22.16 18.12 1.11
C ASN A 116 -23.07 16.96 1.53
N LYS A 117 -24.35 17.08 1.20
CA LYS A 117 -25.35 16.07 1.51
C LYS A 117 -25.13 14.82 0.68
N ALA A 1 -8.25 -13.18 9.69
CA ALA A 1 -8.11 -13.77 8.36
C ALA A 1 -7.65 -15.22 8.45
N GLY A 2 -7.61 -15.92 7.31
CA GLY A 2 -7.22 -17.33 7.26
C GLY A 2 -5.72 -17.55 7.36
N HIS A 3 -4.92 -16.48 7.39
CA HIS A 3 -3.46 -16.59 7.45
C HIS A 3 -2.86 -15.62 8.47
N MET A 4 -3.68 -14.74 9.07
CA MET A 4 -3.17 -13.70 9.94
C MET A 4 -4.31 -13.13 10.79
N ALA A 5 -3.97 -12.46 11.90
CA ALA A 5 -4.94 -11.83 12.77
C ALA A 5 -5.61 -10.62 12.11
N THR A 6 -5.21 -10.30 10.88
CA THR A 6 -5.81 -9.25 10.06
C THR A 6 -5.79 -9.59 8.57
N THR A 7 -6.63 -8.93 7.77
CA THR A 7 -6.75 -9.24 6.35
C THR A 7 -5.40 -8.94 5.68
N LYS A 8 -4.85 -9.95 5.01
CA LYS A 8 -3.57 -9.87 4.33
C LYS A 8 -3.72 -9.25 2.93
N ARG A 9 -4.96 -9.10 2.46
CA ARG A 9 -5.27 -8.67 1.09
C ARG A 9 -4.72 -7.29 0.76
N VAL A 10 -4.26 -6.52 1.75
CA VAL A 10 -3.72 -5.19 1.53
C VAL A 10 -2.35 -5.07 2.18
N LEU A 11 -1.42 -4.34 1.56
CA LEU A 11 -0.09 -4.14 2.09
C LEU A 11 0.41 -2.74 1.77
N TYR A 12 1.31 -2.24 2.63
CA TYR A 12 1.95 -0.94 2.52
C TYR A 12 3.25 -0.92 1.72
N VAL A 13 3.57 0.22 1.11
CA VAL A 13 4.80 0.41 0.38
C VAL A 13 5.44 1.77 0.68
N GLY A 14 6.76 1.83 0.80
CA GLY A 14 7.46 3.06 1.13
C GLY A 14 8.89 3.07 0.61
N GLY A 15 9.55 4.22 0.67
CA GLY A 15 10.94 4.38 0.22
C GLY A 15 11.03 4.58 -1.30
N LEU A 16 9.89 4.79 -1.95
CA LEU A 16 9.80 4.92 -3.40
C LEU A 16 10.25 6.29 -3.90
N ALA A 17 10.54 6.39 -5.20
CA ALA A 17 10.81 7.66 -5.86
C ALA A 17 9.50 8.37 -6.16
N GLU A 18 9.57 9.63 -6.59
CA GLU A 18 8.38 10.46 -6.82
C GLU A 18 7.64 10.09 -8.11
N GLU A 19 8.25 9.24 -8.94
CA GLU A 19 7.66 8.81 -10.22
C GLU A 19 7.15 7.37 -10.16
N VAL A 20 7.15 6.76 -8.97
CA VAL A 20 6.66 5.41 -8.75
C VAL A 20 5.13 5.38 -8.68
N ASP A 21 4.49 5.72 -9.81
CA ASP A 21 3.04 5.72 -9.93
C ASP A 21 2.40 4.33 -9.82
N ASP A 22 1.07 4.29 -9.66
CA ASP A 22 0.35 3.03 -9.49
C ASP A 22 0.49 2.06 -10.67
N LYS A 23 0.94 2.56 -11.81
CA LYS A 23 1.14 1.75 -13.01
C LYS A 23 2.41 0.92 -12.83
N VAL A 24 3.44 1.53 -12.25
CA VAL A 24 4.71 0.85 -12.03
C VAL A 24 4.66 -0.12 -10.86
N LEU A 25 3.84 0.21 -9.86
CA LEU A 25 3.63 -0.66 -8.71
C LEU A 25 2.90 -1.93 -9.14
N HIS A 26 2.01 -1.84 -10.12
CA HIS A 26 1.33 -3.03 -10.60
C HIS A 26 2.34 -3.97 -11.24
N ALA A 27 3.19 -3.42 -12.13
CA ALA A 27 4.20 -4.21 -12.79
C ALA A 27 5.28 -4.70 -11.81
N ALA A 28 5.33 -4.13 -10.60
CA ALA A 28 6.33 -4.49 -9.61
C ALA A 28 5.76 -5.42 -8.52
N PHE A 29 4.45 -5.66 -8.51
CA PHE A 29 3.82 -6.53 -7.53
C PHE A 29 2.92 -7.64 -8.07
N ILE A 30 2.72 -7.67 -9.38
CA ILE A 30 1.86 -8.65 -10.02
C ILE A 30 2.46 -10.07 -10.12
N PRO A 31 3.79 -10.28 -10.12
CA PRO A 31 4.33 -11.63 -10.34
C PRO A 31 4.11 -12.56 -9.14
N PHE A 32 3.75 -12.02 -7.97
CA PHE A 32 3.55 -12.83 -6.78
C PHE A 32 2.10 -13.31 -6.75
N GLY A 33 1.21 -12.66 -7.50
CA GLY A 33 -0.20 -13.00 -7.57
C GLY A 33 -1.01 -11.84 -8.13
N ASP A 34 -2.27 -12.12 -8.50
CA ASP A 34 -3.12 -11.10 -9.11
C ASP A 34 -3.51 -9.94 -8.20
N ILE A 35 -3.45 -8.72 -8.76
CA ILE A 35 -3.76 -7.49 -8.04
C ILE A 35 -5.20 -7.06 -8.27
N THR A 36 -5.77 -6.38 -7.26
CA THR A 36 -7.14 -5.85 -7.31
C THR A 36 -7.23 -4.33 -7.34
N ASP A 37 -6.27 -3.65 -6.71
CA ASP A 37 -6.28 -2.20 -6.65
C ASP A 37 -4.90 -1.74 -6.17
N ILE A 38 -4.62 -0.46 -6.40
CA ILE A 38 -3.41 0.23 -5.95
C ILE A 38 -3.78 1.68 -5.67
N GLN A 39 -3.23 2.28 -4.62
CA GLN A 39 -3.58 3.64 -4.23
C GLN A 39 -2.35 4.44 -3.83
N ILE A 40 -2.37 5.73 -4.12
CA ILE A 40 -1.26 6.63 -3.83
C ILE A 40 -1.79 7.97 -3.33
N PRO A 41 -1.46 8.37 -2.10
CA PRO A 41 -1.83 9.66 -1.54
C PRO A 41 -0.94 10.76 -2.12
N LEU A 42 -1.40 12.01 -2.05
CA LEU A 42 -0.65 13.15 -2.58
C LEU A 42 -0.61 14.28 -1.56
N ASP A 43 0.55 14.95 -1.46
CA ASP A 43 0.74 16.07 -0.55
C ASP A 43 0.22 17.35 -1.21
N TYR A 44 -0.64 18.09 -0.52
CA TYR A 44 -1.22 19.32 -1.06
C TYR A 44 -0.23 20.44 -1.39
N GLU A 45 1.00 20.35 -0.87
CA GLU A 45 2.02 21.37 -1.08
C GLU A 45 2.64 21.29 -2.49
N THR A 46 2.52 20.15 -3.16
CA THR A 46 3.15 19.96 -4.47
C THR A 46 2.45 18.94 -5.35
N GLU A 47 1.39 18.30 -4.83
CA GLU A 47 0.62 17.28 -5.54
C GLU A 47 1.46 16.06 -5.94
N LYS A 48 2.50 15.75 -5.15
CA LYS A 48 3.34 14.57 -5.36
C LYS A 48 3.20 13.64 -4.15
N HIS A 49 3.53 12.37 -4.32
CA HIS A 49 3.49 11.42 -3.20
C HIS A 49 4.85 11.38 -2.53
N ARG A 50 4.86 11.06 -1.23
CA ARG A 50 6.07 11.05 -0.41
C ARG A 50 6.85 9.74 -0.50
N GLY A 51 6.80 9.07 -1.66
CA GLY A 51 7.50 7.81 -1.85
C GLY A 51 6.76 6.67 -1.16
N PHE A 52 5.44 6.79 -1.06
CA PHE A 52 4.59 5.87 -0.30
C PHE A 52 3.24 5.59 -0.95
N ALA A 53 2.82 4.31 -0.89
CA ALA A 53 1.62 3.83 -1.55
C ALA A 53 1.06 2.59 -0.86
N PHE A 54 -0.05 2.05 -1.38
CA PHE A 54 -0.64 0.82 -0.90
C PHE A 54 -0.92 -0.06 -2.12
N VAL A 55 -1.04 -1.37 -1.90
CA VAL A 55 -1.34 -2.35 -2.93
C VAL A 55 -2.35 -3.34 -2.38
N GLU A 56 -3.22 -3.88 -3.24
CA GLU A 56 -4.25 -4.80 -2.84
C GLU A 56 -4.32 -6.00 -3.80
N PHE A 57 -4.47 -7.19 -3.23
CA PHE A 57 -4.50 -8.45 -3.95
C PHE A 57 -5.85 -9.16 -3.97
N GLU A 58 -6.07 -10.07 -4.93
CA GLU A 58 -7.31 -10.86 -4.96
C GLU A 58 -7.11 -12.20 -4.25
N LEU A 59 -5.92 -12.44 -3.69
CA LEU A 59 -5.59 -13.64 -2.95
C LEU A 59 -4.82 -13.26 -1.69
N ALA A 60 -5.17 -13.84 -0.54
CA ALA A 60 -4.58 -13.46 0.73
C ALA A 60 -3.19 -14.09 0.93
N GLU A 61 -2.97 -15.28 0.38
CA GLU A 61 -1.67 -15.95 0.54
C GLU A 61 -0.63 -15.38 -0.42
N ASP A 62 -1.07 -14.86 -1.57
CA ASP A 62 -0.16 -14.23 -2.51
C ASP A 62 0.30 -12.84 -2.07
N ALA A 63 -0.51 -12.18 -1.23
CA ALA A 63 -0.16 -10.89 -0.67
C ALA A 63 0.93 -11.07 0.39
N ALA A 64 0.89 -12.18 1.13
CA ALA A 64 1.93 -12.49 2.10
C ALA A 64 3.25 -12.76 1.40
N ALA A 65 3.20 -13.37 0.22
CA ALA A 65 4.41 -13.66 -0.53
C ALA A 65 5.03 -12.37 -1.07
N ALA A 66 4.22 -11.40 -1.51
CA ALA A 66 4.74 -10.16 -2.06
C ALA A 66 5.41 -9.30 -0.99
N ILE A 67 4.98 -9.42 0.27
CA ILE A 67 5.62 -8.71 1.36
C ILE A 67 7.01 -9.30 1.60
N ASP A 68 7.10 -10.63 1.66
CA ASP A 68 8.34 -11.32 1.93
C ASP A 68 9.33 -11.36 0.77
N ASN A 69 8.89 -10.92 -0.42
CA ASN A 69 9.73 -10.89 -1.61
C ASN A 69 10.12 -9.47 -2.03
N MET A 70 9.54 -8.44 -1.41
CA MET A 70 9.84 -7.06 -1.76
C MET A 70 10.24 -6.20 -0.55
N ASN A 71 10.20 -6.75 0.67
CA ASN A 71 10.67 -6.02 1.82
C ASN A 71 12.18 -5.82 1.70
N GLU A 72 12.64 -4.59 2.00
CA GLU A 72 14.05 -4.22 1.90
C GLU A 72 14.62 -4.43 0.49
N SER A 73 13.75 -4.66 -0.49
CA SER A 73 14.15 -4.81 -1.89
C SER A 73 14.40 -3.45 -2.51
N GLU A 74 14.48 -3.38 -3.84
CA GLU A 74 14.79 -2.17 -4.55
C GLU A 74 13.84 -1.95 -5.73
N LEU A 75 13.54 -0.67 -5.98
CA LEU A 75 12.77 -0.20 -7.11
C LEU A 75 13.27 1.19 -7.48
N PHE A 76 13.22 1.54 -8.76
CA PHE A 76 13.61 2.87 -9.22
C PHE A 76 15.04 3.32 -8.90
N GLY A 77 15.91 2.40 -8.49
CA GLY A 77 17.30 2.70 -8.19
C GLY A 77 17.53 3.00 -6.70
N ARG A 78 16.54 2.72 -5.84
CA ARG A 78 16.66 2.93 -4.40
C ARG A 78 15.97 1.82 -3.61
N THR A 79 16.38 1.65 -2.36
CA THR A 79 15.77 0.70 -1.46
C THR A 79 14.34 1.06 -1.04
N ILE A 80 13.49 0.05 -0.83
CA ILE A 80 12.09 0.25 -0.47
C ILE A 80 11.72 -0.59 0.75
N ARG A 81 10.49 -0.39 1.24
CA ARG A 81 9.92 -1.11 2.36
C ARG A 81 8.56 -1.66 1.95
N VAL A 82 8.20 -2.81 2.51
CA VAL A 82 6.92 -3.48 2.26
C VAL A 82 6.49 -4.23 3.50
N ASN A 83 5.24 -4.04 3.92
CA ASN A 83 4.74 -4.66 5.13
C ASN A 83 3.21 -4.68 5.14
N LEU A 84 2.62 -5.50 6.00
CA LEU A 84 1.18 -5.63 6.08
C LEU A 84 0.57 -4.36 6.68
N ALA A 85 -0.36 -3.76 5.94
CA ALA A 85 -1.04 -2.55 6.37
C ALA A 85 -2.37 -2.90 7.05
N LYS A 86 -2.92 -1.94 7.80
CA LYS A 86 -4.24 -2.09 8.38
C LYS A 86 -5.26 -2.09 7.24
N PRO A 87 -6.24 -3.01 7.22
CA PRO A 87 -7.20 -3.11 6.13
C PRO A 87 -8.07 -1.86 6.01
N MET A 88 -8.88 -1.83 4.94
CA MET A 88 -9.71 -0.69 4.61
C MET A 88 -11.12 -1.10 4.18
N ARG A 89 -11.44 -2.39 4.24
CA ARG A 89 -12.73 -2.93 3.83
C ARG A 89 -13.24 -3.99 4.80
N ILE A 90 -12.51 -4.21 5.90
CA ILE A 90 -12.78 -5.29 6.86
C ILE A 90 -12.66 -4.76 8.28
N LYS A 91 -13.51 -5.27 9.18
CA LYS A 91 -13.55 -4.85 10.58
C LYS A 91 -12.38 -5.39 11.40
N GLU A 92 -11.53 -6.23 10.81
CA GLU A 92 -10.41 -6.81 11.53
C GLU A 92 -9.34 -5.76 11.84
N GLY A 93 -8.58 -6.00 12.92
CA GLY A 93 -7.54 -5.09 13.33
C GLY A 93 -6.72 -5.62 14.52
N SER A 94 -6.79 -6.93 14.79
CA SER A 94 -6.09 -7.54 15.91
C SER A 94 -4.56 -7.55 15.69
N SER A 95 -4.13 -7.13 14.50
CA SER A 95 -2.72 -6.97 14.17
C SER A 95 -2.60 -5.81 13.20
N ARG A 96 -1.58 -4.95 13.39
CA ARG A 96 -1.49 -3.69 12.68
C ARG A 96 -0.01 -3.31 12.50
N PRO A 97 0.29 -2.46 11.50
CA PRO A 97 1.64 -1.95 11.26
C PRO A 97 2.12 -1.06 12.40
N VAL A 98 3.35 -0.55 12.28
CA VAL A 98 3.99 0.27 13.31
C VAL A 98 4.10 1.74 12.93
N TRP A 99 3.87 2.07 11.65
CA TRP A 99 3.84 3.45 11.19
C TRP A 99 2.54 4.14 11.59
N SER A 100 2.39 5.41 11.22
CA SER A 100 1.25 6.25 11.59
C SER A 100 -0.03 5.86 10.83
N ASP A 101 -0.37 4.57 10.78
CA ASP A 101 -1.55 4.10 10.08
C ASP A 101 -2.83 4.88 10.36
N ASP A 102 -3.29 4.92 11.62
CA ASP A 102 -4.55 5.56 11.94
C ASP A 102 -4.61 7.05 11.67
N ASP A 103 -3.45 7.73 11.63
CA ASP A 103 -3.42 9.14 11.31
C ASP A 103 -3.51 9.41 9.80
N TRP A 104 -2.87 8.55 9.00
CA TRP A 104 -2.91 8.70 7.56
C TRP A 104 -4.20 8.14 6.97
N LEU A 105 -4.63 6.97 7.44
CA LEU A 105 -5.85 6.34 6.91
C LEU A 105 -7.08 7.16 7.32
N LYS A 106 -7.06 7.80 8.49
CA LYS A 106 -8.16 8.68 8.89
C LYS A 106 -8.12 9.97 8.08
N LYS A 107 -6.92 10.45 7.72
CA LYS A 107 -6.76 11.68 6.97
C LYS A 107 -7.32 11.55 5.56
N PHE A 108 -7.07 10.42 4.89
CA PHE A 108 -7.56 10.24 3.52
C PHE A 108 -9.07 9.98 3.57
N SER A 109 -9.56 9.41 4.69
CA SER A 109 -10.99 9.15 4.85
C SER A 109 -11.75 10.44 5.19
N GLY A 110 -11.07 11.39 5.83
CA GLY A 110 -11.67 12.66 6.21
C GLY A 110 -11.59 13.69 5.08
N LYS A 111 -10.76 13.43 4.05
CA LYS A 111 -10.64 14.32 2.91
C LYS A 111 -11.95 14.35 2.13
N THR A 112 -12.36 15.53 1.66
CA THR A 112 -13.65 15.72 1.01
C THR A 112 -13.85 14.99 -0.33
N LEU A 113 -15.05 14.45 -0.54
CA LEU A 113 -15.36 13.77 -1.80
C LEU A 113 -15.52 14.74 -2.96
N GLU A 114 -15.53 16.06 -2.67
CA GLU A 114 -15.66 17.08 -3.69
C GLU A 114 -14.35 17.27 -4.46
N GLU A 115 -14.45 17.91 -5.64
CA GLU A 115 -13.31 18.18 -6.50
C GLU A 115 -13.59 19.39 -7.38
N ASN A 116 -12.53 19.96 -7.98
CA ASN A 116 -12.63 21.14 -8.82
C ASN A 116 -11.57 21.12 -9.91
N LYS A 117 -11.65 22.12 -10.80
CA LYS A 117 -10.73 22.28 -11.91
C LYS A 117 -9.30 22.54 -11.41
N ALA A 1 -8.23 -14.23 9.05
CA ALA A 1 -7.79 -14.77 7.75
C ALA A 1 -6.98 -16.05 7.95
N GLY A 2 -6.64 -16.75 6.86
CA GLY A 2 -5.94 -18.02 6.91
C GLY A 2 -4.46 -17.88 7.27
N HIS A 3 -3.95 -16.65 7.39
CA HIS A 3 -2.54 -16.43 7.68
C HIS A 3 -2.31 -15.30 8.70
N MET A 4 -3.36 -14.55 9.04
CA MET A 4 -3.23 -13.37 9.89
C MET A 4 -4.59 -12.97 10.48
N ALA A 5 -4.57 -12.15 11.53
CA ALA A 5 -5.79 -11.66 12.16
C ALA A 5 -6.57 -10.72 11.24
N THR A 6 -5.99 -10.35 10.09
CA THR A 6 -6.65 -9.58 9.04
C THR A 6 -6.25 -10.02 7.64
N THR A 7 -7.06 -9.71 6.63
CA THR A 7 -6.79 -10.18 5.27
C THR A 7 -5.49 -9.68 4.66
N LYS A 8 -4.78 -10.60 3.98
CA LYS A 8 -3.50 -10.30 3.36
C LYS A 8 -3.67 -9.73 1.96
N ARG A 9 -4.92 -9.65 1.47
CA ARG A 9 -5.20 -9.24 0.11
C ARG A 9 -4.68 -7.84 -0.20
N VAL A 10 -4.35 -7.05 0.81
CA VAL A 10 -3.83 -5.69 0.62
C VAL A 10 -2.58 -5.48 1.47
N LEU A 11 -1.64 -4.69 0.95
CA LEU A 11 -0.35 -4.43 1.59
C LEU A 11 0.12 -3.01 1.30
N TYR A 12 1.02 -2.51 2.14
CA TYR A 12 1.61 -1.19 2.05
C TYR A 12 3.02 -1.14 1.49
N VAL A 13 3.39 -0.03 0.83
CA VAL A 13 4.71 0.18 0.27
C VAL A 13 5.19 1.61 0.53
N GLY A 14 6.49 1.81 0.73
CA GLY A 14 7.05 3.13 1.00
C GLY A 14 8.55 3.18 0.70
N GLY A 15 9.12 4.39 0.74
CA GLY A 15 10.54 4.61 0.47
C GLY A 15 10.81 4.76 -1.03
N LEU A 16 9.75 4.88 -1.84
CA LEU A 16 9.84 4.93 -3.28
C LEU A 16 10.28 6.31 -3.80
N ALA A 17 10.76 6.35 -5.05
CA ALA A 17 11.08 7.59 -5.75
C ALA A 17 9.81 8.23 -6.32
N GLU A 18 9.96 9.39 -6.96
CA GLU A 18 8.83 10.16 -7.48
C GLU A 18 8.19 9.52 -8.72
N GLU A 19 8.97 8.76 -9.49
CA GLU A 19 8.50 8.17 -10.74
C GLU A 19 7.99 6.73 -10.56
N VAL A 20 7.89 6.26 -9.31
CA VAL A 20 7.39 4.92 -8.99
C VAL A 20 5.88 4.82 -9.06
N ASP A 21 5.33 5.00 -10.27
CA ASP A 21 3.91 4.90 -10.52
C ASP A 21 3.35 3.49 -10.42
N ASP A 22 2.01 3.36 -10.52
CA ASP A 22 1.33 2.09 -10.34
C ASP A 22 1.71 1.01 -11.35
N LYS A 23 2.23 1.44 -12.49
CA LYS A 23 2.63 0.54 -13.56
C LYS A 23 3.96 -0.14 -13.23
N VAL A 24 4.87 0.60 -12.58
CA VAL A 24 6.14 0.05 -12.15
C VAL A 24 6.00 -0.85 -10.93
N LEU A 25 5.04 -0.54 -10.07
CA LEU A 25 4.76 -1.36 -8.89
C LEU A 25 4.16 -2.69 -9.32
N HIS A 26 3.39 -2.72 -10.41
CA HIS A 26 2.83 -3.98 -10.87
C HIS A 26 3.96 -4.89 -11.32
N ALA A 27 4.87 -4.35 -12.14
CA ALA A 27 6.01 -5.12 -12.62
C ALA A 27 6.97 -5.49 -11.50
N ALA A 28 6.88 -4.81 -10.34
CA ALA A 28 7.76 -5.06 -9.21
C ALA A 28 7.13 -6.00 -8.17
N PHE A 29 5.83 -6.29 -8.29
CA PHE A 29 5.14 -7.15 -7.32
C PHE A 29 4.38 -8.35 -7.90
N ILE A 30 4.34 -8.47 -9.24
CA ILE A 30 3.62 -9.53 -9.91
C ILE A 30 4.31 -10.91 -9.87
N PRO A 31 5.64 -11.04 -9.69
CA PRO A 31 6.29 -12.34 -9.78
C PRO A 31 5.98 -13.23 -8.57
N PHE A 32 5.44 -12.67 -7.49
CA PHE A 32 5.15 -13.44 -6.29
C PHE A 32 3.73 -14.01 -6.38
N GLY A 33 2.89 -13.45 -7.27
CA GLY A 33 1.52 -13.88 -7.45
C GLY A 33 0.70 -12.82 -8.18
N ASP A 34 -0.48 -13.20 -8.66
CA ASP A 34 -1.33 -12.29 -9.41
C ASP A 34 -1.86 -11.09 -8.63
N ILE A 35 -1.82 -9.91 -9.27
CA ILE A 35 -2.28 -8.66 -8.69
C ILE A 35 -3.70 -8.33 -9.12
N THR A 36 -4.46 -7.70 -8.23
CA THR A 36 -5.83 -7.27 -8.49
C THR A 36 -5.99 -5.77 -8.70
N ASP A 37 -5.17 -4.97 -8.02
CA ASP A 37 -5.27 -3.52 -8.12
C ASP A 37 -4.02 -2.94 -7.47
N ILE A 38 -3.77 -1.65 -7.74
CA ILE A 38 -2.69 -0.87 -7.14
C ILE A 38 -3.21 0.55 -6.94
N GLN A 39 -2.79 1.20 -5.86
CA GLN A 39 -3.31 2.51 -5.49
C GLN A 39 -2.19 3.41 -4.96
N ILE A 40 -2.23 4.68 -5.34
CA ILE A 40 -1.23 5.65 -4.94
C ILE A 40 -1.90 7.00 -4.66
N PRO A 41 -1.68 7.60 -3.49
CA PRO A 41 -2.22 8.90 -3.14
C PRO A 41 -1.44 10.02 -3.85
N LEU A 42 -2.15 10.99 -4.40
CA LEU A 42 -1.55 12.13 -5.10
C LEU A 42 -1.90 13.42 -4.36
N ASP A 43 -0.95 14.35 -4.29
CA ASP A 43 -1.18 15.66 -3.70
C ASP A 43 -1.89 16.63 -4.64
N TYR A 44 -2.83 17.41 -4.11
CA TYR A 44 -3.61 18.34 -4.91
C TYR A 44 -2.89 19.60 -5.42
N GLU A 45 -1.62 19.77 -5.01
CA GLU A 45 -0.84 20.95 -5.37
C GLU A 45 0.15 20.64 -6.50
N THR A 46 0.40 19.37 -6.79
CA THR A 46 1.42 19.00 -7.79
C THR A 46 1.15 17.66 -8.48
N GLU A 47 0.11 16.92 -8.05
CA GLU A 47 -0.27 15.64 -8.63
C GLU A 47 0.84 14.58 -8.55
N LYS A 48 1.79 14.74 -7.62
CA LYS A 48 2.83 13.75 -7.36
C LYS A 48 2.45 12.95 -6.13
N HIS A 49 3.03 11.76 -5.96
CA HIS A 49 2.73 10.92 -4.80
C HIS A 49 3.81 11.07 -3.72
N ARG A 50 3.48 10.61 -2.52
CA ARG A 50 4.32 10.75 -1.33
C ARG A 50 5.49 9.78 -1.29
N GLY A 51 5.71 9.00 -2.36
CA GLY A 51 6.76 7.99 -2.37
C GLY A 51 6.34 6.75 -1.60
N PHE A 52 5.03 6.50 -1.50
CA PHE A 52 4.53 5.34 -0.80
C PHE A 52 3.18 5.04 -1.49
N ALA A 53 2.76 3.77 -1.44
CA ALA A 53 1.62 3.28 -2.19
C ALA A 53 1.00 2.04 -1.53
N PHE A 54 -0.05 1.50 -2.14
CA PHE A 54 -0.70 0.28 -1.69
C PHE A 54 -0.82 -0.66 -2.90
N VAL A 55 -0.90 -1.97 -2.62
CA VAL A 55 -1.00 -3.00 -3.64
C VAL A 55 -2.04 -4.02 -3.18
N GLU A 56 -2.73 -4.67 -4.13
CA GLU A 56 -3.75 -5.65 -3.83
C GLU A 56 -3.54 -6.92 -4.67
N PHE A 57 -3.63 -8.07 -4.01
CA PHE A 57 -3.50 -9.40 -4.61
C PHE A 57 -4.80 -10.19 -4.70
N GLU A 58 -4.86 -11.21 -5.56
CA GLU A 58 -6.03 -12.09 -5.61
C GLU A 58 -5.78 -13.37 -4.79
N LEU A 59 -4.62 -13.45 -4.13
CA LEU A 59 -4.26 -14.57 -3.27
C LEU A 59 -3.58 -14.04 -2.01
N ALA A 60 -4.08 -14.43 -0.83
CA ALA A 60 -3.54 -13.92 0.43
C ALA A 60 -2.18 -14.54 0.77
N GLU A 61 -1.93 -15.78 0.32
CA GLU A 61 -0.66 -16.43 0.61
C GLU A 61 0.46 -15.83 -0.25
N ASP A 62 0.12 -15.37 -1.46
CA ASP A 62 1.08 -14.72 -2.34
C ASP A 62 1.39 -13.29 -1.95
N ALA A 63 0.46 -12.64 -1.24
CA ALA A 63 0.68 -11.30 -0.74
C ALA A 63 1.66 -11.34 0.43
N ALA A 64 1.56 -12.37 1.27
CA ALA A 64 2.50 -12.54 2.38
C ALA A 64 3.90 -12.85 1.84
N ALA A 65 3.98 -13.54 0.69
CA ALA A 65 5.26 -13.82 0.07
C ALA A 65 5.89 -12.55 -0.49
N ALA A 66 5.08 -11.67 -1.11
CA ALA A 66 5.59 -10.44 -1.69
C ALA A 66 6.06 -9.47 -0.61
N ILE A 67 5.44 -9.53 0.58
CA ILE A 67 5.88 -8.71 1.70
C ILE A 67 7.24 -9.20 2.19
N ASP A 68 7.39 -10.52 2.32
CA ASP A 68 8.62 -11.13 2.80
C ASP A 68 9.75 -11.19 1.77
N ASN A 69 9.47 -10.80 0.52
CA ASN A 69 10.46 -10.79 -0.54
C ASN A 69 10.79 -9.38 -1.04
N MET A 70 10.11 -8.35 -0.52
CA MET A 70 10.36 -6.97 -0.92
C MET A 70 10.56 -6.04 0.28
N ASN A 71 10.44 -6.54 1.51
CA ASN A 71 10.69 -5.71 2.69
C ASN A 71 12.20 -5.42 2.77
N GLU A 72 12.53 -4.15 3.01
CA GLU A 72 13.91 -3.67 3.09
C GLU A 72 14.69 -3.93 1.80
N SER A 73 13.99 -4.32 0.72
CA SER A 73 14.59 -4.52 -0.60
C SER A 73 14.78 -3.17 -1.29
N GLU A 74 15.10 -3.20 -2.58
CA GLU A 74 15.38 -1.99 -3.33
C GLU A 74 14.55 -1.89 -4.62
N LEU A 75 14.21 -0.66 -4.97
CA LEU A 75 13.57 -0.30 -6.23
C LEU A 75 14.04 1.10 -6.61
N PHE A 76 14.14 1.37 -7.90
CA PHE A 76 14.49 2.69 -8.39
C PHE A 76 15.82 3.30 -7.90
N GLY A 77 16.68 2.47 -7.32
CA GLY A 77 17.99 2.92 -6.83
C GLY A 77 17.99 3.27 -5.34
N ARG A 78 16.93 2.94 -4.61
CA ARG A 78 16.85 3.22 -3.17
C ARG A 78 16.10 2.12 -2.43
N THR A 79 16.34 2.03 -1.11
CA THR A 79 15.64 1.10 -0.25
C THR A 79 14.15 1.37 -0.09
N ILE A 80 13.35 0.32 0.06
CA ILE A 80 11.91 0.44 0.20
C ILE A 80 11.42 -0.41 1.38
N ARG A 81 10.20 -0.12 1.84
CA ARG A 81 9.54 -0.87 2.91
C ARG A 81 8.28 -1.50 2.34
N VAL A 82 7.92 -2.67 2.88
CA VAL A 82 6.73 -3.41 2.47
C VAL A 82 6.18 -4.17 3.67
N ASN A 83 4.88 -4.07 3.93
CA ASN A 83 4.28 -4.73 5.09
C ASN A 83 2.77 -4.87 4.95
N LEU A 84 2.19 -5.76 5.77
CA LEU A 84 0.76 -5.99 5.80
C LEU A 84 0.06 -4.72 6.26
N ALA A 85 -0.85 -4.21 5.43
CA ALA A 85 -1.62 -3.02 5.73
C ALA A 85 -3.01 -3.41 6.23
N LYS A 86 -3.62 -2.57 7.07
CA LYS A 86 -5.01 -2.79 7.45
C LYS A 86 -5.84 -2.62 6.19
N PRO A 87 -7.00 -3.29 6.10
CA PRO A 87 -7.78 -3.32 4.87
C PRO A 87 -8.33 -1.95 4.53
N MET A 88 -8.41 -1.66 3.23
CA MET A 88 -8.81 -0.36 2.70
C MET A 88 -10.30 -0.24 2.46
N ARG A 89 -11.08 -1.29 2.80
CA ARG A 89 -12.51 -1.31 2.56
C ARG A 89 -13.29 -1.83 3.77
N ILE A 90 -12.64 -1.86 4.94
CA ILE A 90 -13.27 -2.21 6.21
C ILE A 90 -12.86 -1.18 7.26
N LYS A 91 -13.82 -0.73 8.08
CA LYS A 91 -13.59 0.35 9.04
C LYS A 91 -12.96 -0.12 10.35
N GLU A 92 -12.48 -1.37 10.40
CA GLU A 92 -11.89 -1.93 11.62
C GLU A 92 -10.94 -3.08 11.27
N GLY A 93 -10.22 -3.57 12.28
CA GLY A 93 -9.32 -4.70 12.12
C GLY A 93 -8.88 -5.23 13.48
N SER A 94 -8.67 -6.55 13.57
CA SER A 94 -8.25 -7.22 14.80
C SER A 94 -6.74 -7.04 15.01
N SER A 95 -6.04 -6.57 13.98
CA SER A 95 -4.62 -6.28 14.01
C SER A 95 -4.35 -5.24 12.93
N ARG A 96 -3.49 -4.26 13.23
CA ARG A 96 -3.26 -3.14 12.33
C ARG A 96 -1.81 -2.67 12.39
N PRO A 97 -1.31 -2.04 11.32
CA PRO A 97 0.03 -1.49 11.23
C PRO A 97 0.39 -0.50 12.35
N VAL A 98 1.64 -0.04 12.33
CA VAL A 98 2.16 0.91 13.31
C VAL A 98 2.29 2.33 12.77
N TRP A 99 2.20 2.49 11.45
CA TRP A 99 2.20 3.80 10.81
C TRP A 99 0.85 4.49 10.93
N SER A 100 0.72 5.69 10.36
CA SER A 100 -0.49 6.50 10.43
C SER A 100 -1.62 5.94 9.56
N ASP A 101 -1.87 4.63 9.65
CA ASP A 101 -2.89 3.94 8.87
C ASP A 101 -4.27 4.60 8.82
N ASP A 102 -5.06 4.47 9.88
CA ASP A 102 -6.41 5.00 9.89
C ASP A 102 -6.50 6.50 9.74
N ASP A 103 -5.38 7.21 9.92
CA ASP A 103 -5.32 8.64 9.66
C ASP A 103 -5.22 8.94 8.15
N TRP A 104 -4.32 8.23 7.46
CA TRP A 104 -4.13 8.40 6.03
C TRP A 104 -5.27 7.74 5.24
N LEU A 105 -5.68 6.53 5.61
CA LEU A 105 -6.71 5.81 4.87
C LEU A 105 -8.06 6.50 5.04
N LYS A 106 -8.38 7.01 6.25
CA LYS A 106 -9.63 7.73 6.44
C LYS A 106 -9.60 9.06 5.67
N LYS A 107 -8.41 9.64 5.52
CA LYS A 107 -8.24 10.86 4.75
C LYS A 107 -8.48 10.59 3.26
N PHE A 108 -8.03 9.43 2.77
CA PHE A 108 -8.15 9.10 1.35
C PHE A 108 -9.56 8.71 0.91
N SER A 109 -10.43 8.36 1.87
CA SER A 109 -11.80 7.97 1.56
C SER A 109 -12.83 8.74 2.41
N GLY A 110 -12.40 9.83 3.07
CA GLY A 110 -13.30 10.61 3.93
C GLY A 110 -12.89 12.08 4.04
N LYS A 111 -11.91 12.53 3.25
CA LYS A 111 -11.46 13.92 3.29
C LYS A 111 -11.01 14.39 1.90
N THR A 112 -11.01 15.70 1.71
CA THR A 112 -10.61 16.35 0.47
C THR A 112 -9.93 17.68 0.82
N LEU A 113 -9.43 18.40 -0.18
CA LEU A 113 -8.71 19.66 0.02
C LEU A 113 -9.62 20.77 0.56
N GLU A 114 -10.94 20.56 0.57
CA GLU A 114 -11.88 21.54 1.10
C GLU A 114 -11.87 21.52 2.63
N GLU A 115 -12.38 22.59 3.24
CA GLU A 115 -12.45 22.74 4.69
C GLU A 115 -13.74 23.44 5.10
N ASN A 116 -14.15 23.25 6.36
CA ASN A 116 -15.35 23.86 6.89
C ASN A 116 -15.26 23.96 8.42
N LYS A 117 -15.98 24.92 9.00
CA LYS A 117 -16.01 25.14 10.44
C LYS A 117 -17.28 25.90 10.82
N ALA A 1 -9.74 -12.03 9.23
CA ALA A 1 -9.40 -12.77 7.99
C ALA A 1 -8.68 -14.07 8.33
N GLY A 2 -8.41 -14.90 7.31
CA GLY A 2 -7.79 -16.20 7.49
C GLY A 2 -6.30 -16.14 7.82
N HIS A 3 -5.70 -14.94 7.86
CA HIS A 3 -4.28 -14.78 8.12
C HIS A 3 -3.98 -13.63 9.07
N MET A 4 -4.94 -12.72 9.30
CA MET A 4 -4.69 -11.53 10.10
C MET A 4 -6.01 -10.91 10.54
N ALA A 5 -5.96 -9.95 11.46
CA ALA A 5 -7.14 -9.22 11.93
C ALA A 5 -7.75 -8.36 10.82
N THR A 6 -7.11 -8.30 9.66
CA THR A 6 -7.62 -7.62 8.47
C THR A 6 -7.39 -8.41 7.20
N THR A 7 -8.14 -8.10 6.14
CA THR A 7 -7.97 -8.81 4.88
C THR A 7 -6.64 -8.33 4.29
N LYS A 8 -5.75 -9.29 4.00
CA LYS A 8 -4.39 -9.02 3.57
C LYS A 8 -4.29 -8.76 2.06
N ARG A 9 -5.44 -8.70 1.37
CA ARG A 9 -5.47 -8.49 -0.07
C ARG A 9 -4.84 -7.15 -0.45
N VAL A 10 -4.65 -6.25 0.52
CA VAL A 10 -4.08 -4.93 0.27
C VAL A 10 -2.84 -4.73 1.15
N LEU A 11 -1.86 -3.96 0.64
CA LEU A 11 -0.60 -3.70 1.33
C LEU A 11 -0.05 -2.31 0.95
N TYR A 12 0.81 -1.79 1.82
CA TYR A 12 1.50 -0.51 1.69
C TYR A 12 2.91 -0.56 1.10
N VAL A 13 3.33 0.52 0.44
CA VAL A 13 4.68 0.65 -0.12
C VAL A 13 5.23 2.07 0.06
N GLY A 14 6.53 2.19 0.34
CA GLY A 14 7.14 3.50 0.55
C GLY A 14 8.65 3.48 0.29
N GLY A 15 9.27 4.65 0.30
CA GLY A 15 10.71 4.80 0.08
C GLY A 15 11.06 4.83 -1.41
N LEU A 16 10.04 4.89 -2.26
CA LEU A 16 10.18 4.83 -3.71
C LEU A 16 10.69 6.14 -4.31
N ALA A 17 11.13 6.08 -5.57
CA ALA A 17 11.45 7.27 -6.36
C ALA A 17 10.17 7.86 -6.93
N GLU A 18 10.25 9.06 -7.52
CA GLU A 18 9.09 9.76 -8.03
C GLU A 18 8.59 9.20 -9.37
N GLU A 19 9.35 8.28 -9.97
CA GLU A 19 9.00 7.67 -11.25
C GLU A 19 8.55 6.21 -11.08
N VAL A 20 8.40 5.75 -9.84
CA VAL A 20 7.93 4.41 -9.53
C VAL A 20 6.40 4.30 -9.70
N ASP A 21 5.95 4.46 -10.94
CA ASP A 21 4.54 4.35 -11.30
C ASP A 21 3.95 2.95 -11.14
N ASP A 22 2.62 2.84 -11.24
CA ASP A 22 1.94 1.57 -11.03
C ASP A 22 2.33 0.47 -12.03
N LYS A 23 2.93 0.86 -13.15
CA LYS A 23 3.39 -0.08 -14.16
C LYS A 23 4.62 -0.82 -13.62
N VAL A 24 5.50 -0.08 -12.94
CA VAL A 24 6.72 -0.63 -12.40
C VAL A 24 6.50 -1.41 -11.12
N LEU A 25 5.51 -0.98 -10.32
CA LEU A 25 5.15 -1.69 -9.10
C LEU A 25 4.54 -3.04 -9.44
N HIS A 26 3.79 -3.13 -10.54
CA HIS A 26 3.21 -4.41 -10.93
C HIS A 26 4.34 -5.38 -11.27
N ALA A 27 5.31 -4.92 -12.08
CA ALA A 27 6.45 -5.75 -12.45
C ALA A 27 7.35 -6.04 -11.24
N ALA A 28 7.19 -5.30 -10.15
CA ALA A 28 8.02 -5.46 -8.96
C ALA A 28 7.32 -6.28 -7.86
N PHE A 29 6.03 -6.59 -8.03
CA PHE A 29 5.28 -7.34 -7.04
C PHE A 29 4.50 -8.56 -7.55
N ILE A 30 4.53 -8.79 -8.87
CA ILE A 30 3.81 -9.89 -9.49
C ILE A 30 4.43 -11.28 -9.27
N PRO A 31 5.74 -11.45 -9.00
CA PRO A 31 6.32 -12.78 -8.91
C PRO A 31 5.92 -13.53 -7.64
N PHE A 32 5.35 -12.83 -6.66
CA PHE A 32 4.96 -13.46 -5.40
C PHE A 32 3.52 -13.97 -5.52
N GLY A 33 2.77 -13.48 -6.51
CA GLY A 33 1.39 -13.87 -6.73
C GLY A 33 0.68 -12.85 -7.61
N ASP A 34 -0.49 -13.22 -8.14
CA ASP A 34 -1.23 -12.36 -9.05
C ASP A 34 -1.78 -11.08 -8.44
N ILE A 35 -1.64 -9.96 -9.16
CA ILE A 35 -2.10 -8.65 -8.72
C ILE A 35 -3.50 -8.34 -9.24
N THR A 36 -4.21 -7.48 -8.50
CA THR A 36 -5.56 -7.04 -8.84
C THR A 36 -5.69 -5.53 -9.08
N ASP A 37 -4.87 -4.73 -8.39
CA ASP A 37 -4.93 -3.29 -8.55
C ASP A 37 -3.68 -2.71 -7.87
N ILE A 38 -3.40 -1.44 -8.18
CA ILE A 38 -2.31 -0.66 -7.60
C ILE A 38 -2.77 0.79 -7.52
N GLN A 39 -2.38 1.50 -6.46
CA GLN A 39 -2.83 2.87 -6.25
C GLN A 39 -1.66 3.76 -5.82
N ILE A 40 -1.65 5.01 -6.31
CA ILE A 40 -0.57 5.94 -6.06
C ILE A 40 -1.14 7.35 -5.82
N PRO A 41 -1.11 7.83 -4.57
CA PRO A 41 -1.46 9.19 -4.20
C PRO A 41 -0.59 10.21 -4.93
N LEU A 42 -1.04 11.47 -5.03
CA LEU A 42 -0.29 12.51 -5.71
C LEU A 42 -0.29 13.79 -4.88
N ASP A 43 0.75 14.61 -5.02
CA ASP A 43 0.89 15.86 -4.28
C ASP A 43 0.14 17.04 -4.89
N TYR A 44 -0.37 16.87 -6.12
CA TYR A 44 -1.08 17.88 -6.89
C TYR A 44 -0.39 19.23 -7.16
N GLU A 45 0.73 19.50 -6.49
CA GLU A 45 1.52 20.70 -6.71
C GLU A 45 2.54 20.47 -7.83
N THR A 46 2.78 19.19 -8.17
CA THR A 46 3.77 18.79 -9.14
C THR A 46 3.37 17.55 -9.94
N GLU A 47 2.19 16.98 -9.65
CA GLU A 47 1.68 15.78 -10.31
C GLU A 47 2.60 14.56 -10.09
N LYS A 48 3.24 14.47 -8.91
CA LYS A 48 4.11 13.36 -8.56
C LYS A 48 3.73 12.83 -7.18
N HIS A 49 4.17 11.60 -6.86
CA HIS A 49 3.85 10.98 -5.59
C HIS A 49 5.01 11.14 -4.60
N ARG A 50 4.70 10.93 -3.32
CA ARG A 50 5.66 11.12 -2.22
C ARG A 50 6.64 9.95 -2.11
N GLY A 51 6.71 9.09 -3.14
CA GLY A 51 7.53 7.88 -3.05
C GLY A 51 6.78 6.79 -2.29
N PHE A 52 5.45 6.85 -2.34
CA PHE A 52 4.54 6.00 -1.58
C PHE A 52 3.31 5.57 -2.36
N ALA A 53 2.91 4.30 -2.19
CA ALA A 53 1.83 3.70 -2.95
C ALA A 53 1.21 2.52 -2.19
N PHE A 54 0.23 1.87 -2.82
CA PHE A 54 -0.41 0.67 -2.31
C PHE A 54 -0.49 -0.37 -3.43
N VAL A 55 -0.64 -1.64 -3.05
CA VAL A 55 -0.76 -2.74 -4.00
C VAL A 55 -1.87 -3.66 -3.53
N GLU A 56 -2.50 -4.37 -4.46
CA GLU A 56 -3.57 -5.30 -4.14
C GLU A 56 -3.41 -6.60 -4.90
N PHE A 57 -3.55 -7.72 -4.18
CA PHE A 57 -3.44 -9.07 -4.72
C PHE A 57 -4.78 -9.79 -4.88
N GLU A 58 -4.82 -10.84 -5.69
CA GLU A 58 -6.04 -11.65 -5.80
C GLU A 58 -5.96 -12.84 -4.83
N LEU A 59 -4.88 -12.93 -4.06
CA LEU A 59 -4.68 -13.98 -3.06
C LEU A 59 -4.15 -13.34 -1.77
N ALA A 60 -4.72 -13.71 -0.62
CA ALA A 60 -4.35 -13.08 0.64
C ALA A 60 -3.04 -13.62 1.20
N GLU A 61 -2.70 -14.87 0.90
CA GLU A 61 -1.47 -15.47 1.42
C GLU A 61 -0.26 -15.03 0.57
N ASP A 62 -0.48 -14.74 -0.71
CA ASP A 62 0.58 -14.24 -1.57
C ASP A 62 0.96 -12.79 -1.32
N ALA A 63 0.01 -12.03 -0.77
CA ALA A 63 0.27 -10.64 -0.39
C ALA A 63 1.15 -10.61 0.86
N ALA A 64 0.94 -11.55 1.79
CA ALA A 64 1.79 -11.67 2.95
C ALA A 64 3.21 -12.06 2.56
N ALA A 65 3.36 -12.86 1.48
CA ALA A 65 4.67 -13.25 1.01
C ALA A 65 5.40 -12.08 0.37
N ALA A 66 4.69 -11.23 -0.38
CA ALA A 66 5.30 -10.09 -1.04
C ALA A 66 5.78 -9.05 -0.03
N ILE A 67 5.13 -8.98 1.14
CA ILE A 67 5.55 -8.08 2.20
C ILE A 67 6.87 -8.59 2.78
N ASP A 68 6.94 -9.90 3.05
CA ASP A 68 8.12 -10.52 3.64
C ASP A 68 9.29 -10.70 2.69
N ASN A 69 9.08 -10.45 1.39
CA ASN A 69 10.11 -10.59 0.38
C ASN A 69 10.55 -9.25 -0.22
N MET A 70 9.89 -8.15 0.15
CA MET A 70 10.25 -6.83 -0.35
C MET A 70 10.43 -5.79 0.75
N ASN A 71 10.19 -6.15 2.02
CA ASN A 71 10.44 -5.23 3.12
C ASN A 71 11.95 -4.97 3.21
N GLU A 72 12.32 -3.71 3.38
CA GLU A 72 13.71 -3.26 3.44
C GLU A 72 14.50 -3.63 2.19
N SER A 73 13.81 -4.02 1.11
CA SER A 73 14.43 -4.35 -0.17
C SER A 73 14.74 -3.05 -0.92
N GLU A 74 15.03 -3.15 -2.22
CA GLU A 74 15.41 -2.02 -3.03
C GLU A 74 14.71 -2.01 -4.38
N LEU A 75 14.41 -0.79 -4.85
CA LEU A 75 13.85 -0.52 -6.15
C LEU A 75 14.36 0.84 -6.61
N PHE A 76 14.51 1.02 -7.92
CA PHE A 76 14.93 2.30 -8.48
C PHE A 76 16.26 2.88 -8.00
N GLY A 77 17.07 2.08 -7.32
CA GLY A 77 18.37 2.50 -6.84
C GLY A 77 18.34 3.00 -5.39
N ARG A 78 17.23 2.77 -4.68
CA ARG A 78 17.11 3.18 -3.28
C ARG A 78 16.32 2.14 -2.47
N THR A 79 16.55 2.12 -1.16
CA THR A 79 15.83 1.25 -0.25
C THR A 79 14.34 1.57 -0.12
N ILE A 80 13.50 0.55 0.05
CA ILE A 80 12.06 0.72 0.14
C ILE A 80 11.52 0.03 1.40
N ARG A 81 10.23 0.26 1.67
CA ARG A 81 9.51 -0.34 2.77
C ARG A 81 8.24 -0.99 2.21
N VAL A 82 7.82 -2.10 2.84
CA VAL A 82 6.63 -2.83 2.45
C VAL A 82 5.99 -3.43 3.68
N ASN A 83 4.69 -3.22 3.89
CA ASN A 83 4.00 -3.74 5.05
C ASN A 83 2.49 -3.71 4.82
N LEU A 84 1.74 -4.39 5.69
CA LEU A 84 0.29 -4.47 5.58
C LEU A 84 -0.35 -3.10 5.78
N ALA A 85 -1.55 -2.91 5.22
CA ALA A 85 -2.36 -1.73 5.43
C ALA A 85 -3.82 -2.16 5.38
N LYS A 86 -4.68 -1.57 6.22
CA LYS A 86 -6.08 -1.96 6.25
C LYS A 86 -6.71 -1.61 4.90
N PRO A 87 -7.44 -2.54 4.28
CA PRO A 87 -8.13 -2.29 3.03
C PRO A 87 -9.19 -1.19 3.17
N MET A 88 -9.71 -0.70 2.05
CA MET A 88 -10.70 0.36 2.06
C MET A 88 -12.07 -0.14 2.52
N ARG A 89 -12.83 0.75 3.15
CA ARG A 89 -14.22 0.57 3.58
C ARG A 89 -14.52 -0.75 4.30
N ILE A 90 -13.52 -1.39 4.94
CA ILE A 90 -13.76 -2.61 5.70
C ILE A 90 -14.58 -2.29 6.95
N LYS A 91 -15.43 -3.25 7.37
CA LYS A 91 -16.36 -3.05 8.47
C LYS A 91 -15.69 -3.04 9.84
N GLU A 92 -14.44 -3.49 9.95
CA GLU A 92 -13.76 -3.56 11.23
C GLU A 92 -12.25 -3.64 11.04
N GLY A 93 -11.51 -3.52 12.15
CA GLY A 93 -10.06 -3.62 12.16
C GLY A 93 -9.54 -3.39 13.59
N SER A 94 -8.28 -3.79 13.84
CA SER A 94 -7.68 -3.61 15.15
C SER A 94 -6.16 -3.61 15.05
N SER A 95 -5.59 -4.51 14.24
CA SER A 95 -4.16 -4.52 13.97
C SER A 95 -3.86 -3.56 12.82
N ARG A 96 -2.84 -2.73 12.96
CA ARG A 96 -2.51 -1.74 11.94
C ARG A 96 -1.07 -1.24 12.12
N PRO A 97 -0.49 -0.63 11.07
CA PRO A 97 0.86 -0.06 11.06
C PRO A 97 1.09 1.04 12.10
N VAL A 98 2.30 1.60 12.08
CA VAL A 98 2.71 2.66 12.99
C VAL A 98 2.75 4.05 12.35
N TRP A 99 2.68 4.11 11.02
CA TRP A 99 2.62 5.38 10.29
C TRP A 99 1.22 5.99 10.34
N SER A 100 0.98 7.06 9.57
CA SER A 100 -0.28 7.79 9.53
C SER A 100 -1.39 7.01 8.83
N ASP A 101 -1.51 5.71 9.13
CA ASP A 101 -2.50 4.83 8.52
C ASP A 101 -3.94 5.35 8.55
N ASP A 102 -4.43 5.77 9.71
CA ASP A 102 -5.80 6.22 9.84
C ASP A 102 -6.14 7.44 8.99
N ASP A 103 -5.20 8.37 8.86
CA ASP A 103 -5.40 9.58 8.09
C ASP A 103 -5.27 9.39 6.59
N TRP A 104 -4.36 8.50 6.16
CA TRP A 104 -4.15 8.27 4.74
C TRP A 104 -5.19 7.30 4.18
N LEU A 105 -5.49 6.20 4.89
CA LEU A 105 -6.43 5.23 4.35
C LEU A 105 -7.84 5.80 4.37
N LYS A 106 -8.20 6.65 5.35
CA LYS A 106 -9.50 7.28 5.36
C LYS A 106 -9.59 8.33 4.24
N LYS A 107 -8.47 9.01 3.96
CA LYS A 107 -8.43 10.05 2.96
C LYS A 107 -8.87 9.53 1.60
N PHE A 108 -8.20 8.50 1.07
CA PHE A 108 -8.50 7.99 -0.25
C PHE A 108 -9.77 7.13 -0.17
N SER A 109 -10.18 6.71 1.03
CA SER A 109 -11.41 5.94 1.18
C SER A 109 -12.64 6.80 0.94
N GLY A 110 -12.53 8.13 1.10
CA GLY A 110 -13.67 8.99 0.85
C GLY A 110 -13.35 10.48 0.86
N LYS A 111 -12.48 10.95 1.78
CA LYS A 111 -12.20 12.37 1.94
C LYS A 111 -11.11 12.58 2.98
N THR A 112 -10.29 13.61 2.82
CA THR A 112 -9.27 13.99 3.78
C THR A 112 -9.91 14.22 5.16
N LEU A 113 -9.13 14.07 6.23
CA LEU A 113 -9.62 14.37 7.56
C LEU A 113 -9.97 15.86 7.69
N GLU A 114 -11.09 16.13 8.35
CA GLU A 114 -11.61 17.48 8.56
C GLU A 114 -12.30 17.57 9.93
N GLU A 115 -12.58 18.79 10.37
CA GLU A 115 -13.25 19.04 11.64
C GLU A 115 -14.50 19.89 11.44
N ASN A 116 -14.84 20.19 10.19
CA ASN A 116 -15.98 21.00 9.83
C ASN A 116 -17.28 20.22 9.97
N LYS A 117 -18.34 20.96 10.33
CA LYS A 117 -19.69 20.44 10.47
C LYS A 117 -20.72 21.57 10.37
N ALA A 1 -9.58 -12.95 8.26
CA ALA A 1 -9.14 -13.49 6.96
C ALA A 1 -8.62 -14.92 7.11
N GLY A 2 -8.31 -15.58 5.99
CA GLY A 2 -7.88 -16.97 5.98
C GLY A 2 -6.44 -17.17 6.46
N HIS A 3 -5.73 -16.08 6.80
CA HIS A 3 -4.34 -16.17 7.24
C HIS A 3 -4.03 -15.21 8.39
N MET A 4 -4.91 -14.25 8.67
CA MET A 4 -4.64 -13.23 9.68
C MET A 4 -5.94 -12.55 10.12
N ALA A 5 -5.88 -11.78 11.20
CA ALA A 5 -7.04 -11.07 11.75
C ALA A 5 -7.53 -9.94 10.84
N THR A 6 -6.82 -9.68 9.73
CA THR A 6 -7.22 -8.67 8.76
C THR A 6 -6.94 -9.07 7.32
N THR A 7 -7.64 -8.43 6.37
CA THR A 7 -7.48 -8.73 4.95
C THR A 7 -6.07 -8.56 4.42
N LYS A 8 -5.43 -9.67 4.03
CA LYS A 8 -4.05 -9.67 3.54
C LYS A 8 -3.96 -9.09 2.13
N ARG A 9 -5.10 -8.97 1.44
CA ARG A 9 -5.14 -8.56 0.04
C ARG A 9 -4.47 -7.21 -0.18
N VAL A 10 -4.56 -6.30 0.79
CA VAL A 10 -3.95 -4.98 0.69
C VAL A 10 -2.61 -4.96 1.41
N LEU A 11 -1.63 -4.23 0.89
CA LEU A 11 -0.32 -4.08 1.52
C LEU A 11 0.29 -2.71 1.22
N TYR A 12 1.13 -2.26 2.14
CA TYR A 12 1.88 -1.00 2.08
C TYR A 12 3.23 -1.07 1.37
N VAL A 13 3.67 0.05 0.81
CA VAL A 13 4.97 0.19 0.16
C VAL A 13 5.61 1.54 0.45
N GLY A 14 6.92 1.57 0.67
CA GLY A 14 7.60 2.83 0.97
C GLY A 14 9.09 2.78 0.61
N GLY A 15 9.76 3.93 0.65
CA GLY A 15 11.17 4.03 0.32
C GLY A 15 11.40 4.20 -1.18
N LEU A 16 10.32 4.41 -1.93
CA LEU A 16 10.36 4.51 -3.39
C LEU A 16 10.92 5.84 -3.89
N ALA A 17 11.30 5.88 -5.17
CA ALA A 17 11.71 7.11 -5.84
C ALA A 17 10.47 7.91 -6.29
N GLU A 18 10.69 9.10 -6.85
CA GLU A 18 9.61 10.00 -7.26
C GLU A 18 8.84 9.46 -8.48
N GLU A 19 9.52 8.77 -9.38
CA GLU A 19 8.94 8.28 -10.64
C GLU A 19 8.30 6.89 -10.51
N VAL A 20 8.21 6.36 -9.29
CA VAL A 20 7.61 5.06 -9.02
C VAL A 20 6.07 5.12 -9.03
N ASP A 21 5.51 5.42 -10.20
CA ASP A 21 4.07 5.48 -10.41
C ASP A 21 3.37 4.12 -10.30
N ASP A 22 2.04 4.13 -10.27
CA ASP A 22 1.26 2.91 -10.07
C ASP A 22 1.43 1.86 -11.18
N LYS A 23 1.93 2.29 -12.34
CA LYS A 23 2.18 1.41 -13.47
C LYS A 23 3.42 0.56 -13.20
N VAL A 24 4.45 1.18 -12.60
CA VAL A 24 5.68 0.48 -12.28
C VAL A 24 5.52 -0.47 -11.10
N LEU A 25 4.65 -0.11 -10.16
CA LEU A 25 4.35 -0.94 -9.00
C LEU A 25 3.64 -2.21 -9.45
N HIS A 26 2.80 -2.13 -10.50
CA HIS A 26 2.12 -3.30 -11.00
C HIS A 26 3.16 -4.28 -11.54
N ALA A 27 4.07 -3.79 -12.37
CA ALA A 27 5.12 -4.62 -12.95
C ALA A 27 6.13 -5.09 -11.89
N ALA A 28 6.12 -4.46 -10.70
CA ALA A 28 7.05 -4.80 -9.63
C ALA A 28 6.44 -5.74 -8.59
N PHE A 29 5.12 -5.97 -8.65
CA PHE A 29 4.44 -6.84 -7.69
C PHE A 29 3.59 -7.96 -8.29
N ILE A 30 3.46 -8.00 -9.61
CA ILE A 30 2.65 -8.98 -10.31
C ILE A 30 3.22 -10.42 -10.33
N PRO A 31 4.54 -10.66 -10.21
CA PRO A 31 5.06 -12.02 -10.37
C PRO A 31 4.71 -12.93 -9.20
N PHE A 32 4.27 -12.37 -8.07
CA PHE A 32 3.95 -13.15 -6.89
C PHE A 32 2.49 -13.61 -6.96
N GLY A 33 1.68 -12.93 -7.78
CA GLY A 33 0.27 -13.25 -7.93
C GLY A 33 -0.48 -12.09 -8.59
N ASP A 34 -1.71 -12.34 -9.05
CA ASP A 34 -2.49 -11.34 -9.74
C ASP A 34 -2.89 -10.13 -8.89
N ILE A 35 -2.75 -8.94 -9.46
CA ILE A 35 -3.08 -7.67 -8.80
C ILE A 35 -4.50 -7.24 -9.15
N THR A 36 -5.13 -6.52 -8.21
CA THR A 36 -6.47 -5.99 -8.38
C THR A 36 -6.54 -4.47 -8.43
N ASP A 37 -5.67 -3.82 -7.65
CA ASP A 37 -5.64 -2.36 -7.49
C ASP A 37 -4.33 -1.81 -6.96
N ILE A 38 -4.06 -0.54 -7.22
CA ILE A 38 -2.88 0.17 -6.74
C ILE A 38 -3.26 1.63 -6.50
N GLN A 39 -2.78 2.21 -5.40
CA GLN A 39 -3.07 3.59 -5.04
C GLN A 39 -1.82 4.34 -4.63
N ILE A 40 -1.79 5.66 -4.88
CA ILE A 40 -0.66 6.50 -4.55
C ILE A 40 -1.17 7.85 -4.03
N PRO A 41 -0.88 8.19 -2.77
CA PRO A 41 -1.24 9.47 -2.18
C PRO A 41 -0.31 10.57 -2.67
N LEU A 42 -0.65 11.83 -2.38
CA LEU A 42 0.14 12.99 -2.79
C LEU A 42 0.28 13.96 -1.63
N ASP A 43 1.34 14.77 -1.66
CA ASP A 43 1.59 15.78 -0.63
C ASP A 43 0.65 16.98 -0.67
N TYR A 44 -0.19 17.07 -1.71
CA TYR A 44 -1.16 18.14 -1.88
C TYR A 44 -0.65 19.58 -1.92
N GLU A 45 0.67 19.74 -2.10
CA GLU A 45 1.29 21.06 -2.17
C GLU A 45 2.41 21.08 -3.23
N THR A 46 2.61 19.95 -3.93
CA THR A 46 3.64 19.83 -4.96
C THR A 46 3.29 18.81 -6.05
N GLU A 47 2.14 18.14 -5.92
CA GLU A 47 1.68 17.13 -6.86
C GLU A 47 2.64 15.94 -7.00
N LYS A 48 3.27 15.52 -5.89
CA LYS A 48 4.18 14.38 -5.87
C LYS A 48 3.86 13.47 -4.68
N HIS A 49 4.20 12.19 -4.79
CA HIS A 49 4.00 11.24 -3.70
C HIS A 49 5.25 11.18 -2.83
N ARG A 50 5.10 10.68 -1.61
CA ARG A 50 6.15 10.68 -0.59
C ARG A 50 7.05 9.44 -0.68
N GLY A 51 7.15 8.83 -1.86
CA GLY A 51 7.92 7.60 -2.03
C GLY A 51 7.16 6.43 -1.40
N PHE A 52 5.83 6.54 -1.36
CA PHE A 52 4.94 5.63 -0.66
C PHE A 52 3.63 5.38 -1.40
N ALA A 53 3.17 4.13 -1.38
CA ALA A 53 1.99 3.68 -2.11
C ALA A 53 1.36 2.45 -1.46
N PHE A 54 0.24 1.98 -2.04
CA PHE A 54 -0.42 0.76 -1.60
C PHE A 54 -0.63 -0.14 -2.82
N VAL A 55 -0.74 -1.45 -2.58
CA VAL A 55 -0.97 -2.44 -3.62
C VAL A 55 -2.04 -3.40 -3.12
N GLU A 56 -2.81 -3.98 -4.05
CA GLU A 56 -3.87 -4.92 -3.68
C GLU A 56 -3.92 -6.11 -4.63
N PHE A 57 -4.13 -7.30 -4.06
CA PHE A 57 -4.16 -8.57 -4.76
C PHE A 57 -5.54 -9.24 -4.82
N GLU A 58 -5.73 -10.21 -5.72
CA GLU A 58 -6.97 -10.98 -5.77
C GLU A 58 -6.79 -12.32 -5.04
N LEU A 59 -5.64 -12.54 -4.41
CA LEU A 59 -5.35 -13.73 -3.64
C LEU A 59 -4.64 -13.34 -2.35
N ALA A 60 -5.07 -13.91 -1.21
CA ALA A 60 -4.53 -13.52 0.08
C ALA A 60 -3.17 -14.17 0.37
N GLU A 61 -2.95 -15.39 -0.12
CA GLU A 61 -1.68 -16.07 0.14
C GLU A 61 -0.58 -15.51 -0.75
N ASP A 62 -0.94 -14.97 -1.92
CA ASP A 62 0.02 -14.34 -2.82
C ASP A 62 0.42 -12.94 -2.36
N ALA A 63 -0.46 -12.27 -1.61
CA ALA A 63 -0.18 -10.96 -1.07
C ALA A 63 0.84 -11.08 0.07
N ALA A 64 0.70 -12.12 0.90
CA ALA A 64 1.65 -12.39 1.95
C ALA A 64 3.01 -12.78 1.38
N ALA A 65 3.02 -13.42 0.20
CA ALA A 65 4.28 -13.80 -0.45
C ALA A 65 5.00 -12.57 -1.00
N ALA A 66 4.25 -11.60 -1.55
CA ALA A 66 4.87 -10.41 -2.12
C ALA A 66 5.48 -9.54 -1.02
N ILE A 67 4.94 -9.60 0.20
CA ILE A 67 5.51 -8.88 1.33
C ILE A 67 6.85 -9.50 1.69
N ASP A 68 6.88 -10.83 1.82
CA ASP A 68 8.09 -11.56 2.19
C ASP A 68 9.16 -11.66 1.10
N ASN A 69 8.83 -11.22 -0.12
CA ASN A 69 9.75 -11.26 -1.25
C ASN A 69 10.18 -9.87 -1.72
N MET A 70 9.59 -8.79 -1.17
CA MET A 70 9.97 -7.44 -1.55
C MET A 70 10.32 -6.56 -0.35
N ASN A 71 10.16 -7.06 0.88
CA ASN A 71 10.56 -6.30 2.05
C ASN A 71 12.09 -6.13 2.04
N GLU A 72 12.55 -4.91 2.33
CA GLU A 72 13.96 -4.55 2.34
C GLU A 72 14.65 -4.82 1.00
N SER A 73 13.87 -5.05 -0.07
CA SER A 73 14.40 -5.27 -1.40
C SER A 73 14.70 -3.94 -2.08
N GLU A 74 15.17 -4.00 -3.33
CA GLU A 74 15.52 -2.83 -4.11
C GLU A 74 14.49 -2.56 -5.21
N LEU A 75 14.21 -1.28 -5.46
CA LEU A 75 13.31 -0.84 -6.51
C LEU A 75 13.79 0.54 -6.97
N PHE A 76 13.82 0.79 -8.28
CA PHE A 76 14.29 2.06 -8.81
C PHE A 76 15.71 2.50 -8.42
N GLY A 77 16.55 1.57 -7.96
CA GLY A 77 17.93 1.87 -7.60
C GLY A 77 18.11 2.21 -6.13
N ARG A 78 17.10 1.94 -5.28
CA ARG A 78 17.18 2.20 -3.85
C ARG A 78 16.39 1.15 -3.07
N THR A 79 16.71 1.01 -1.78
CA THR A 79 15.98 0.12 -0.89
C THR A 79 14.56 0.54 -0.58
N ILE A 80 13.65 -0.41 -0.36
CA ILE A 80 12.25 -0.13 -0.10
C ILE A 80 11.75 -0.95 1.08
N ARG A 81 10.51 -0.68 1.49
CA ARG A 81 9.82 -1.39 2.56
C ARG A 81 8.50 -1.93 2.01
N VAL A 82 8.06 -3.08 2.54
CA VAL A 82 6.81 -3.71 2.16
C VAL A 82 6.25 -4.46 3.36
N ASN A 83 4.98 -4.22 3.68
CA ASN A 83 4.34 -4.86 4.83
C ASN A 83 2.83 -4.71 4.75
N LEU A 84 2.10 -5.50 5.54
CA LEU A 84 0.65 -5.48 5.55
C LEU A 84 0.15 -4.14 6.10
N ALA A 85 -0.96 -3.65 5.52
CA ALA A 85 -1.63 -2.44 5.94
C ALA A 85 -3.09 -2.78 6.23
N LYS A 86 -3.73 -2.10 7.19
CA LYS A 86 -5.14 -2.37 7.43
C LYS A 86 -5.90 -1.94 6.17
N PRO A 87 -6.88 -2.72 5.70
CA PRO A 87 -7.61 -2.45 4.46
C PRO A 87 -8.35 -1.10 4.47
N MET A 88 -7.62 -0.02 4.15
CA MET A 88 -8.15 1.32 4.01
C MET A 88 -8.96 1.78 5.22
N ARG A 89 -10.20 2.22 5.00
CA ARG A 89 -11.06 2.87 5.98
C ARG A 89 -11.67 1.92 7.01
N ILE A 90 -10.84 1.11 7.69
CA ILE A 90 -11.31 0.23 8.74
C ILE A 90 -11.91 1.05 9.89
N LYS A 91 -12.98 0.54 10.50
CA LYS A 91 -13.73 1.25 11.52
C LYS A 91 -13.13 1.16 12.92
N GLU A 92 -11.94 0.57 13.07
CA GLU A 92 -11.30 0.44 14.38
C GLU A 92 -9.79 0.31 14.26
N GLY A 93 -9.08 0.62 15.35
CA GLY A 93 -7.63 0.53 15.43
C GLY A 93 -7.17 -0.70 16.22
N SER A 94 -8.09 -1.65 16.43
CA SER A 94 -7.81 -2.85 17.23
C SER A 94 -6.71 -3.71 16.62
N SER A 95 -6.44 -3.54 15.33
CA SER A 95 -5.36 -4.22 14.63
C SER A 95 -4.84 -3.31 13.52
N ARG A 96 -3.54 -3.01 13.54
CA ARG A 96 -2.95 -2.05 12.62
C ARG A 96 -1.43 -2.16 12.58
N PRO A 97 -0.80 -1.63 11.52
CA PRO A 97 0.65 -1.52 11.38
C PRO A 97 1.28 -0.68 12.49
N VAL A 98 2.60 -0.53 12.43
CA VAL A 98 3.37 0.21 13.43
C VAL A 98 3.71 1.62 12.97
N TRP A 99 3.61 1.89 11.66
CA TRP A 99 3.82 3.22 11.11
C TRP A 99 2.61 4.12 11.34
N SER A 100 2.71 5.38 10.92
CA SER A 100 1.67 6.39 11.12
C SER A 100 0.46 6.16 10.22
N ASP A 101 -0.05 4.93 10.13
CA ASP A 101 -1.17 4.61 9.27
C ASP A 101 -2.40 5.46 9.61
N ASP A 102 -2.67 5.72 10.89
CA ASP A 102 -3.84 6.48 11.27
C ASP A 102 -3.84 7.92 10.76
N ASP A 103 -2.66 8.54 10.64
CA ASP A 103 -2.56 9.88 10.12
C ASP A 103 -2.76 9.92 8.60
N TRP A 104 -2.12 8.97 7.90
CA TRP A 104 -2.17 8.93 6.46
C TRP A 104 -3.51 8.43 5.93
N LEU A 105 -4.03 7.33 6.48
CA LEU A 105 -5.28 6.77 5.99
C LEU A 105 -6.45 7.68 6.35
N LYS A 106 -6.38 8.39 7.48
CA LYS A 106 -7.43 9.35 7.84
C LYS A 106 -7.34 10.59 6.97
N LYS A 107 -6.14 10.91 6.47
CA LYS A 107 -5.91 12.11 5.65
C LYS A 107 -6.48 11.95 4.25
N PHE A 108 -6.33 10.76 3.64
CA PHE A 108 -6.77 10.57 2.26
C PHE A 108 -8.30 10.36 2.30
N SER A 109 -8.84 9.82 3.38
CA SER A 109 -10.27 9.64 3.52
C SER A 109 -10.95 10.90 4.01
N GLY A 110 -10.18 11.84 4.59
CA GLY A 110 -10.69 13.12 5.04
C GLY A 110 -10.61 14.18 3.94
N LYS A 111 -9.82 13.91 2.90
CA LYS A 111 -9.67 14.82 1.77
C LYS A 111 -10.94 14.81 0.91
N THR A 112 -11.40 16.01 0.52
CA THR A 112 -12.63 16.20 -0.24
C THR A 112 -13.94 15.76 0.45
N LEU A 113 -15.04 16.44 0.13
CA LEU A 113 -16.34 16.12 0.72
C LEU A 113 -16.97 14.87 0.06
N GLU A 114 -16.37 14.39 -1.04
CA GLU A 114 -16.82 13.24 -1.80
C GLU A 114 -18.26 13.36 -2.34
N GLU A 115 -18.63 12.43 -3.23
CA GLU A 115 -19.96 12.37 -3.80
C GLU A 115 -20.95 11.68 -2.86
N ASN A 116 -20.53 11.40 -1.63
CA ASN A 116 -21.35 10.70 -0.64
C ASN A 116 -21.07 11.21 0.77
N LYS A 117 -22.09 11.12 1.63
CA LYS A 117 -21.99 11.55 3.03
C LYS A 117 -22.77 10.58 3.93
N ALA A 1 -9.14 -12.59 9.07
CA ALA A 1 -8.77 -13.29 7.83
C ALA A 1 -8.02 -14.58 8.13
N GLY A 2 -7.74 -15.38 7.10
CA GLY A 2 -7.08 -16.67 7.24
C GLY A 2 -5.58 -16.56 7.53
N HIS A 3 -5.01 -15.35 7.54
CA HIS A 3 -3.58 -15.15 7.77
C HIS A 3 -3.31 -14.01 8.75
N MET A 4 -4.29 -13.16 9.05
CA MET A 4 -4.10 -12.00 9.89
C MET A 4 -5.44 -11.48 10.41
N ALA A 5 -5.41 -10.57 11.39
CA ALA A 5 -6.60 -9.95 11.95
C ALA A 5 -7.32 -9.06 10.92
N THR A 6 -6.75 -8.93 9.73
CA THR A 6 -7.34 -8.17 8.63
C THR A 6 -7.04 -8.80 7.27
N THR A 7 -7.81 -8.47 6.24
CA THR A 7 -7.53 -9.04 4.93
C THR A 7 -6.24 -8.53 4.32
N LYS A 8 -5.40 -9.49 3.89
CA LYS A 8 -4.06 -9.20 3.40
C LYS A 8 -4.05 -8.91 1.91
N ARG A 9 -5.23 -8.77 1.31
CA ARG A 9 -5.39 -8.47 -0.10
C ARG A 9 -4.77 -7.11 -0.46
N VAL A 10 -4.54 -6.24 0.54
CA VAL A 10 -3.96 -4.92 0.34
C VAL A 10 -2.65 -4.78 1.11
N LEU A 11 -1.70 -4.04 0.56
CA LEU A 11 -0.40 -3.82 1.19
C LEU A 11 0.15 -2.43 0.85
N TYR A 12 1.02 -1.95 1.72
CA TYR A 12 1.66 -0.65 1.65
C TYR A 12 3.10 -0.64 1.10
N VAL A 13 3.49 0.47 0.46
CA VAL A 13 4.83 0.63 -0.09
C VAL A 13 5.37 2.04 0.15
N GLY A 14 6.65 2.15 0.47
CA GLY A 14 7.28 3.44 0.73
C GLY A 14 8.78 3.41 0.47
N GLY A 15 9.40 4.59 0.44
CA GLY A 15 10.84 4.73 0.20
C GLY A 15 11.15 4.80 -1.29
N LEU A 16 10.11 4.81 -2.13
CA LEU A 16 10.25 4.79 -3.58
C LEU A 16 10.77 6.12 -4.12
N ALA A 17 11.24 6.10 -5.38
CA ALA A 17 11.58 7.31 -6.12
C ALA A 17 10.30 7.92 -6.68
N GLU A 18 10.37 9.14 -7.20
CA GLU A 18 9.20 9.86 -7.69
C GLU A 18 8.72 9.35 -9.04
N GLU A 19 9.50 8.48 -9.69
CA GLU A 19 9.18 7.92 -10.99
C GLU A 19 8.70 6.47 -10.89
N VAL A 20 8.51 5.97 -9.67
CA VAL A 20 8.03 4.62 -9.42
C VAL A 20 6.51 4.55 -9.60
N ASP A 21 6.06 4.74 -10.83
CA ASP A 21 4.65 4.66 -11.20
C ASP A 21 4.03 3.28 -11.05
N ASP A 22 2.71 3.18 -11.17
CA ASP A 22 2.00 1.92 -10.98
C ASP A 22 2.36 0.83 -11.97
N LYS A 23 2.96 1.22 -13.10
CA LYS A 23 3.40 0.28 -14.12
C LYS A 23 4.64 -0.47 -13.63
N VAL A 24 5.55 0.26 -12.97
CA VAL A 24 6.77 -0.34 -12.44
C VAL A 24 6.52 -1.17 -11.19
N LEU A 25 5.54 -0.75 -10.36
CA LEU A 25 5.17 -1.48 -9.18
C LEU A 25 4.52 -2.81 -9.54
N HIS A 26 3.79 -2.86 -10.65
CA HIS A 26 3.19 -4.11 -11.07
C HIS A 26 4.28 -5.10 -11.44
N ALA A 27 5.24 -4.68 -12.26
CA ALA A 27 6.35 -5.51 -12.67
C ALA A 27 7.27 -5.86 -11.49
N ALA A 28 7.16 -5.12 -10.37
CA ALA A 28 7.99 -5.34 -9.20
C ALA A 28 7.29 -6.17 -8.13
N PHE A 29 5.98 -6.43 -8.27
CA PHE A 29 5.22 -7.21 -7.28
C PHE A 29 4.44 -8.40 -7.83
N ILE A 30 4.44 -8.59 -9.16
CA ILE A 30 3.70 -9.66 -9.80
C ILE A 30 4.30 -11.07 -9.63
N PRO A 31 5.62 -11.26 -9.39
CA PRO A 31 6.19 -12.59 -9.38
C PRO A 31 5.79 -13.39 -8.13
N PHE A 32 5.26 -12.73 -7.10
CA PHE A 32 4.88 -13.40 -5.87
C PHE A 32 3.43 -13.89 -5.99
N GLY A 33 2.68 -13.36 -6.96
CA GLY A 33 1.28 -13.74 -7.18
C GLY A 33 0.56 -12.68 -7.99
N ASP A 34 -0.61 -13.02 -8.52
CA ASP A 34 -1.37 -12.11 -9.37
C ASP A 34 -1.89 -10.85 -8.68
N ILE A 35 -1.76 -9.71 -9.36
CA ILE A 35 -2.18 -8.41 -8.86
C ILE A 35 -3.57 -8.05 -9.37
N THR A 36 -4.33 -7.33 -8.54
CA THR A 36 -5.66 -6.83 -8.87
C THR A 36 -5.72 -5.35 -9.17
N ASP A 37 -4.94 -4.58 -8.40
CA ASP A 37 -4.90 -3.13 -8.44
C ASP A 37 -3.65 -2.52 -7.81
N ILE A 38 -3.38 -1.25 -8.14
CA ILE A 38 -2.28 -0.49 -7.57
C ILE A 38 -2.75 0.95 -7.44
N GLN A 39 -2.35 1.64 -6.36
CA GLN A 39 -2.80 2.99 -6.10
C GLN A 39 -1.64 3.91 -5.72
N ILE A 40 -1.68 5.15 -6.22
CA ILE A 40 -0.63 6.13 -6.00
C ILE A 40 -1.25 7.52 -5.82
N PRO A 41 -1.00 8.18 -4.68
CA PRO A 41 -1.46 9.53 -4.42
C PRO A 41 -0.61 10.55 -5.18
N LEU A 42 -1.08 11.78 -5.31
CA LEU A 42 -0.35 12.84 -6.00
C LEU A 42 -0.48 14.15 -5.24
N ASP A 43 0.62 14.91 -5.15
CA ASP A 43 0.65 16.21 -4.50
C ASP A 43 0.61 17.38 -5.47
N TYR A 44 -0.01 18.49 -5.06
CA TYR A 44 -0.12 19.67 -5.89
C TYR A 44 1.17 20.47 -6.12
N GLU A 45 2.17 20.26 -5.27
CA GLU A 45 3.42 21.01 -5.34
C GLU A 45 4.37 20.44 -6.40
N THR A 46 4.08 19.27 -6.95
CA THR A 46 4.95 18.64 -7.95
C THR A 46 4.26 17.66 -8.90
N GLU A 47 2.98 17.34 -8.65
CA GLU A 47 2.22 16.38 -9.43
C GLU A 47 2.83 14.98 -9.41
N LYS A 48 3.45 14.59 -8.29
CA LYS A 48 4.03 13.27 -8.09
C LYS A 48 3.77 12.79 -6.67
N HIS A 49 4.02 11.50 -6.43
CA HIS A 49 3.86 10.89 -5.12
C HIS A 49 5.11 11.12 -4.27
N ARG A 50 4.97 10.96 -2.95
CA ARG A 50 6.05 11.21 -2.00
C ARG A 50 6.96 9.98 -1.83
N GLY A 51 6.99 9.10 -2.84
CA GLY A 51 7.76 7.87 -2.74
C GLY A 51 6.95 6.79 -2.02
N PHE A 52 5.63 6.86 -2.16
CA PHE A 52 4.67 6.02 -1.43
C PHE A 52 3.44 5.62 -2.23
N ALA A 53 3.02 4.36 -2.10
CA ALA A 53 1.92 3.78 -2.86
C ALA A 53 1.32 2.57 -2.13
N PHE A 54 0.28 1.97 -2.72
CA PHE A 54 -0.30 0.73 -2.21
C PHE A 54 -0.41 -0.23 -3.39
N VAL A 55 -0.55 -1.53 -3.07
CA VAL A 55 -0.71 -2.60 -4.04
C VAL A 55 -1.81 -3.54 -3.55
N GLU A 56 -2.46 -4.25 -4.47
CA GLU A 56 -3.54 -5.16 -4.13
C GLU A 56 -3.44 -6.46 -4.93
N PHE A 57 -3.62 -7.59 -4.25
CA PHE A 57 -3.57 -8.93 -4.81
C PHE A 57 -4.92 -9.62 -4.93
N GLU A 58 -5.02 -10.67 -5.76
CA GLU A 58 -6.24 -11.46 -5.83
C GLU A 58 -6.11 -12.71 -4.94
N LEU A 59 -4.97 -12.82 -4.23
CA LEU A 59 -4.71 -13.91 -3.30
C LEU A 59 -4.09 -13.33 -2.03
N ALA A 60 -4.66 -13.65 -0.87
CA ALA A 60 -4.20 -13.08 0.39
C ALA A 60 -2.89 -13.69 0.88
N GLU A 61 -2.60 -14.94 0.50
CA GLU A 61 -1.38 -15.60 0.93
C GLU A 61 -0.19 -15.13 0.08
N ASP A 62 -0.45 -14.77 -1.18
CA ASP A 62 0.60 -14.25 -2.06
C ASP A 62 1.02 -12.82 -1.76
N ALA A 63 0.11 -12.04 -1.15
CA ALA A 63 0.40 -10.69 -0.74
C ALA A 63 1.29 -10.72 0.50
N ALA A 64 1.07 -11.68 1.39
CA ALA A 64 1.92 -11.84 2.57
C ALA A 64 3.33 -12.26 2.16
N ALA A 65 3.45 -13.01 1.07
CA ALA A 65 4.75 -13.41 0.57
C ALA A 65 5.48 -12.22 -0.06
N ALA A 66 4.75 -11.34 -0.76
CA ALA A 66 5.35 -10.18 -1.39
C ALA A 66 5.83 -9.18 -0.35
N ILE A 67 5.17 -9.12 0.81
CA ILE A 67 5.61 -8.28 1.91
C ILE A 67 6.91 -8.82 2.47
N ASP A 68 6.98 -10.15 2.68
CA ASP A 68 8.15 -10.81 3.23
C ASP A 68 9.32 -10.97 2.26
N ASN A 69 9.11 -10.62 0.98
CA ASN A 69 10.14 -10.71 -0.04
C ASN A 69 10.58 -9.36 -0.59
N MET A 70 9.92 -8.26 -0.18
CA MET A 70 10.28 -6.93 -0.64
C MET A 70 10.48 -5.94 0.51
N ASN A 71 10.27 -6.36 1.76
CA ASN A 71 10.53 -5.48 2.89
C ASN A 71 12.04 -5.22 2.98
N GLU A 72 12.41 -3.97 3.20
CA GLU A 72 13.81 -3.53 3.27
C GLU A 72 14.59 -3.86 2.00
N SER A 73 13.88 -4.23 0.92
CA SER A 73 14.48 -4.55 -0.36
C SER A 73 14.81 -3.24 -1.11
N GLU A 74 15.10 -3.35 -2.41
CA GLU A 74 15.51 -2.22 -3.22
C GLU A 74 14.75 -2.15 -4.53
N LEU A 75 14.50 -0.91 -4.96
CA LEU A 75 13.91 -0.56 -6.24
C LEU A 75 14.47 0.80 -6.64
N PHE A 76 14.61 1.04 -7.94
CA PHE A 76 15.06 2.34 -8.43
C PHE A 76 16.40 2.86 -7.93
N GLY A 77 17.22 2.00 -7.32
CA GLY A 77 18.54 2.38 -6.82
C GLY A 77 18.51 2.83 -5.37
N ARG A 78 17.45 2.49 -4.63
CA ARG A 78 17.27 2.94 -3.25
C ARG A 78 16.45 1.94 -2.45
N THR A 79 16.59 1.99 -1.13
CA THR A 79 15.84 1.13 -0.22
C THR A 79 14.34 1.42 -0.17
N ILE A 80 13.52 0.40 0.06
CA ILE A 80 12.07 0.54 0.14
C ILE A 80 11.53 -0.25 1.34
N ARG A 81 10.30 0.07 1.73
CA ARG A 81 9.59 -0.60 2.80
C ARG A 81 8.32 -1.21 2.22
N VAL A 82 7.88 -2.33 2.80
CA VAL A 82 6.68 -3.04 2.39
C VAL A 82 6.05 -3.70 3.60
N ASN A 83 4.74 -3.53 3.77
CA ASN A 83 4.04 -4.08 4.92
C ASN A 83 2.54 -4.14 4.69
N LEU A 84 1.83 -4.90 5.53
CA LEU A 84 0.39 -5.04 5.44
C LEU A 84 -0.27 -3.68 5.65
N ALA A 85 -1.28 -3.37 4.82
CA ALA A 85 -2.01 -2.11 4.92
C ALA A 85 -3.45 -2.38 5.33
N LYS A 86 -4.03 -1.49 6.13
CA LYS A 86 -5.41 -1.62 6.56
C LYS A 86 -6.33 -1.36 5.36
N PRO A 87 -7.23 -2.30 5.04
CA PRO A 87 -8.20 -2.15 3.97
C PRO A 87 -9.00 -0.85 4.03
N MET A 88 -9.67 -0.50 2.92
CA MET A 88 -10.41 0.75 2.80
C MET A 88 -11.55 0.86 3.83
N ARG A 89 -12.04 -0.29 4.32
CA ARG A 89 -13.08 -0.32 5.34
C ARG A 89 -13.00 -1.66 6.08
N ILE A 90 -13.17 -1.61 7.41
CA ILE A 90 -13.10 -2.77 8.28
C ILE A 90 -14.40 -2.92 9.06
N LYS A 91 -14.71 -4.12 9.53
CA LYS A 91 -15.93 -4.38 10.30
C LYS A 91 -15.87 -3.72 11.69
N GLU A 92 -14.68 -3.68 12.30
CA GLU A 92 -14.48 -3.00 13.57
C GLU A 92 -12.99 -2.80 13.88
N GLY A 93 -12.12 -3.63 13.28
CA GLY A 93 -10.68 -3.55 13.48
C GLY A 93 -10.26 -4.06 14.86
N SER A 94 -8.98 -4.41 14.99
CA SER A 94 -8.42 -4.90 16.26
C SER A 94 -6.90 -4.86 16.24
N SER A 95 -6.29 -4.87 15.05
CA SER A 95 -4.85 -4.75 14.87
C SER A 95 -4.58 -4.14 13.49
N ARG A 96 -3.69 -3.16 13.44
CA ARG A 96 -3.43 -2.40 12.22
C ARG A 96 -2.08 -1.68 12.26
N PRO A 97 -1.60 -1.19 11.10
CA PRO A 97 -0.34 -0.49 10.95
C PRO A 97 -0.15 0.69 11.91
N VAL A 98 1.09 1.15 12.04
CA VAL A 98 1.45 2.21 12.98
C VAL A 98 1.48 3.60 12.36
N TRP A 99 1.52 3.66 11.02
CA TRP A 99 1.44 4.92 10.29
C TRP A 99 0.00 5.43 10.23
N SER A 100 -0.20 6.57 9.56
CA SER A 100 -1.50 7.23 9.45
C SER A 100 -2.49 6.48 8.56
N ASP A 101 -2.60 5.16 8.75
CA ASP A 101 -3.48 4.32 7.94
C ASP A 101 -4.91 4.84 7.76
N ASP A 102 -5.64 5.04 8.86
CA ASP A 102 -7.03 5.45 8.75
C ASP A 102 -7.26 6.84 8.15
N ASP A 103 -6.28 7.74 8.30
CA ASP A 103 -6.38 9.04 7.69
C ASP A 103 -6.14 9.02 6.19
N TRP A 104 -5.13 8.26 5.75
CA TRP A 104 -4.80 8.17 4.33
C TRP A 104 -5.78 7.28 3.57
N LEU A 105 -6.07 6.09 4.10
CA LEU A 105 -6.91 5.13 3.39
C LEU A 105 -8.34 5.66 3.30
N LYS A 106 -8.85 6.31 4.34
CA LYS A 106 -10.21 6.85 4.28
C LYS A 106 -10.25 8.11 3.42
N LYS A 107 -9.14 8.84 3.33
CA LYS A 107 -9.08 10.05 2.53
C LYS A 107 -9.34 9.75 1.06
N PHE A 108 -8.63 8.77 0.49
CA PHE A 108 -8.81 8.42 -0.91
C PHE A 108 -10.13 7.67 -1.06
N SER A 109 -10.66 7.11 0.04
CA SER A 109 -11.90 6.35 -0.02
C SER A 109 -13.14 7.23 -0.05
N GLY A 110 -13.12 8.44 0.51
CA GLY A 110 -14.33 9.25 0.52
C GLY A 110 -14.31 10.57 1.30
N LYS A 111 -13.16 11.05 1.79
CA LYS A 111 -13.18 12.26 2.61
C LYS A 111 -11.89 13.06 2.49
N THR A 112 -11.91 14.32 2.93
CA THR A 112 -10.74 15.19 2.93
C THR A 112 -10.68 16.11 4.15
N LEU A 113 -9.50 16.67 4.42
CA LEU A 113 -9.24 17.47 5.60
C LEU A 113 -9.96 18.82 5.57
N GLU A 114 -10.65 19.15 4.47
CA GLU A 114 -11.43 20.38 4.38
C GLU A 114 -12.77 20.24 5.11
N GLU A 115 -13.18 19.01 5.41
CA GLU A 115 -14.45 18.75 6.06
C GLU A 115 -14.36 19.02 7.56
N ASN A 116 -15.44 19.54 8.12
CA ASN A 116 -15.56 19.89 9.53
C ASN A 116 -16.93 19.52 10.08
N LYS A 117 -17.03 19.48 11.40
CA LYS A 117 -18.26 19.14 12.11
C LYS A 117 -19.33 20.20 11.88
N ALA A 1 -9.62 -13.15 8.39
CA ALA A 1 -9.14 -13.83 7.18
C ALA A 1 -8.42 -15.13 7.54
N GLY A 2 -8.06 -15.94 6.53
CA GLY A 2 -7.42 -17.23 6.74
C GLY A 2 -5.94 -17.14 7.13
N HIS A 3 -5.39 -15.92 7.20
CA HIS A 3 -3.97 -15.72 7.51
C HIS A 3 -3.75 -14.55 8.47
N MET A 4 -4.79 -13.76 8.75
CA MET A 4 -4.65 -12.54 9.53
C MET A 4 -6.02 -12.04 10.02
N ALA A 5 -6.02 -11.15 11.01
CA ALA A 5 -7.25 -10.56 11.54
C ALA A 5 -7.94 -9.65 10.52
N THR A 6 -7.30 -9.42 9.38
CA THR A 6 -7.85 -8.63 8.28
C THR A 6 -7.40 -9.16 6.92
N THR A 7 -8.13 -8.85 5.85
CA THR A 7 -7.76 -9.41 4.55
C THR A 7 -6.39 -8.98 4.05
N LYS A 8 -5.57 -9.96 3.67
CA LYS A 8 -4.20 -9.74 3.23
C LYS A 8 -4.17 -9.29 1.76
N ARG A 9 -5.34 -9.26 1.11
CA ARG A 9 -5.49 -8.98 -0.31
C ARG A 9 -4.98 -7.59 -0.71
N VAL A 10 -4.74 -6.71 0.26
CA VAL A 10 -4.26 -5.35 -0.01
C VAL A 10 -3.08 -5.06 0.91
N LEU A 11 -2.12 -4.26 0.42
CA LEU A 11 -0.94 -3.90 1.17
C LEU A 11 -0.43 -2.51 0.80
N TYR A 12 0.29 -1.89 1.74
CA TYR A 12 0.93 -0.60 1.61
C TYR A 12 2.37 -0.62 1.08
N VAL A 13 2.78 0.47 0.41
CA VAL A 13 4.14 0.65 -0.09
C VAL A 13 4.61 2.08 0.14
N GLY A 14 5.85 2.27 0.57
CA GLY A 14 6.38 3.59 0.84
C GLY A 14 7.89 3.67 0.63
N GLY A 15 8.42 4.90 0.65
CA GLY A 15 9.85 5.15 0.48
C GLY A 15 10.23 5.23 -0.99
N LEU A 16 9.24 5.21 -1.89
CA LEU A 16 9.44 5.18 -3.33
C LEU A 16 9.93 6.52 -3.89
N ALA A 17 10.51 6.49 -5.09
CA ALA A 17 10.87 7.69 -5.83
C ALA A 17 9.64 8.23 -6.57
N GLU A 18 9.79 9.38 -7.24
CA GLU A 18 8.67 10.02 -7.94
C GLU A 18 8.33 9.32 -9.24
N GLU A 19 9.27 8.54 -9.78
CA GLU A 19 9.13 7.84 -11.06
C GLU A 19 8.32 6.56 -10.89
N VAL A 20 8.25 6.08 -9.65
CA VAL A 20 7.57 4.85 -9.25
C VAL A 20 6.05 4.86 -9.43
N ASP A 21 5.61 4.94 -10.68
CA ASP A 21 4.20 4.86 -11.05
C ASP A 21 3.60 3.46 -10.88
N ASP A 22 2.29 3.34 -11.10
CA ASP A 22 1.56 2.10 -10.88
C ASP A 22 2.00 0.94 -11.77
N LYS A 23 2.63 1.28 -12.91
CA LYS A 23 3.09 0.30 -13.88
C LYS A 23 4.37 -0.39 -13.41
N VAL A 24 5.26 0.38 -12.78
CA VAL A 24 6.49 -0.18 -12.25
C VAL A 24 6.28 -1.01 -11.00
N LEU A 25 5.24 -0.66 -10.22
CA LEU A 25 4.88 -1.40 -9.04
C LEU A 25 4.31 -2.77 -9.42
N HIS A 26 3.61 -2.86 -10.56
CA HIS A 26 3.10 -4.15 -10.99
C HIS A 26 4.27 -5.06 -11.30
N ALA A 27 5.24 -4.56 -12.07
CA ALA A 27 6.42 -5.34 -12.42
C ALA A 27 7.30 -5.62 -11.20
N ALA A 28 7.12 -4.89 -10.10
CA ALA A 28 7.91 -5.06 -8.89
C ALA A 28 7.22 -5.93 -7.85
N PHE A 29 5.94 -6.27 -8.05
CA PHE A 29 5.18 -7.08 -7.10
C PHE A 29 4.49 -8.32 -7.67
N ILE A 30 4.56 -8.51 -8.99
CA ILE A 30 3.92 -9.64 -9.65
C ILE A 30 4.62 -10.99 -9.45
N PRO A 31 5.93 -11.09 -9.17
CA PRO A 31 6.60 -12.38 -9.12
C PRO A 31 6.21 -13.21 -7.88
N PHE A 32 5.57 -12.60 -6.89
CA PHE A 32 5.17 -13.31 -5.68
C PHE A 32 3.76 -13.88 -5.87
N GLY A 33 3.01 -13.39 -6.85
CA GLY A 33 1.66 -13.85 -7.13
C GLY A 33 0.92 -12.84 -7.99
N ASP A 34 -0.24 -13.24 -8.54
CA ASP A 34 -0.99 -12.37 -9.42
C ASP A 34 -1.61 -11.13 -8.77
N ILE A 35 -1.52 -9.99 -9.45
CA ILE A 35 -2.02 -8.72 -8.98
C ILE A 35 -3.41 -8.44 -9.53
N THR A 36 -4.21 -7.69 -8.76
CA THR A 36 -5.55 -7.27 -9.15
C THR A 36 -5.73 -5.78 -9.39
N ASP A 37 -4.97 -4.96 -8.65
CA ASP A 37 -5.07 -3.51 -8.79
C ASP A 37 -3.89 -2.88 -8.07
N ILE A 38 -3.66 -1.59 -8.37
CA ILE A 38 -2.63 -0.77 -7.74
C ILE A 38 -3.17 0.65 -7.66
N GLN A 39 -2.86 1.36 -6.57
CA GLN A 39 -3.39 2.70 -6.33
C GLN A 39 -2.28 3.66 -5.90
N ILE A 40 -2.37 4.90 -6.38
CA ILE A 40 -1.38 5.93 -6.08
C ILE A 40 -2.08 7.27 -5.84
N PRO A 41 -1.93 7.84 -4.64
CA PRO A 41 -2.47 9.13 -4.28
C PRO A 41 -1.59 10.26 -4.84
N LEU A 42 -2.05 11.50 -4.75
CA LEU A 42 -1.30 12.66 -5.21
C LEU A 42 -1.33 13.77 -4.17
N ASP A 43 -0.25 14.54 -4.08
CA ASP A 43 -0.17 15.65 -3.13
C ASP A 43 -0.88 16.93 -3.59
N TYR A 44 -1.29 16.96 -4.86
CA TYR A 44 -1.98 18.08 -5.48
C TYR A 44 -1.28 19.44 -5.52
N GLU A 45 -0.19 19.60 -4.75
CA GLU A 45 0.61 20.81 -4.74
C GLU A 45 1.62 20.78 -5.90
N THR A 46 1.91 19.57 -6.41
CA THR A 46 2.85 19.37 -7.50
C THR A 46 2.47 18.23 -8.44
N GLU A 47 1.28 17.67 -8.25
CA GLU A 47 0.77 16.56 -9.06
C GLU A 47 1.67 15.32 -9.02
N LYS A 48 2.25 15.03 -7.85
CA LYS A 48 3.09 13.85 -7.65
C LYS A 48 2.67 13.10 -6.39
N HIS A 49 3.00 11.81 -6.34
CA HIS A 49 2.75 11.01 -5.16
C HIS A 49 3.87 11.20 -4.15
N ARG A 50 3.60 10.93 -2.87
CA ARG A 50 4.53 11.18 -1.78
C ARG A 50 5.50 10.01 -1.58
N GLY A 51 5.79 9.26 -2.65
CA GLY A 51 6.66 8.08 -2.55
C GLY A 51 5.91 6.94 -1.88
N PHE A 52 4.58 6.93 -2.04
CA PHE A 52 3.67 6.00 -1.38
C PHE A 52 2.51 5.53 -2.26
N ALA A 53 2.17 4.25 -2.16
CA ALA A 53 1.16 3.61 -2.98
C ALA A 53 0.57 2.38 -2.29
N PHE A 54 -0.46 1.79 -2.90
CA PHE A 54 -1.06 0.54 -2.44
C PHE A 54 -1.02 -0.50 -3.57
N VAL A 55 -1.08 -1.78 -3.20
CA VAL A 55 -1.10 -2.88 -4.13
C VAL A 55 -2.16 -3.89 -3.69
N GLU A 56 -2.79 -4.57 -4.65
CA GLU A 56 -3.84 -5.54 -4.37
C GLU A 56 -3.58 -6.83 -5.14
N PHE A 57 -3.75 -7.98 -4.47
CA PHE A 57 -3.55 -9.31 -5.01
C PHE A 57 -4.83 -10.12 -5.19
N GLU A 58 -4.81 -11.16 -6.04
CA GLU A 58 -5.96 -12.04 -6.17
C GLU A 58 -5.81 -13.28 -5.29
N LEU A 59 -4.73 -13.33 -4.49
CA LEU A 59 -4.47 -14.41 -3.56
C LEU A 59 -3.98 -13.83 -2.24
N ALA A 60 -4.55 -14.28 -1.11
CA ALA A 60 -4.22 -13.71 0.19
C ALA A 60 -2.88 -14.21 0.72
N GLU A 61 -2.47 -15.45 0.38
CA GLU A 61 -1.22 -15.99 0.87
C GLU A 61 -0.04 -15.44 0.07
N ASP A 62 -0.25 -15.12 -1.21
CA ASP A 62 0.78 -14.52 -2.03
C ASP A 62 1.06 -13.06 -1.70
N ALA A 63 0.06 -12.38 -1.11
CA ALA A 63 0.22 -11.01 -0.69
C ALA A 63 1.07 -10.94 0.57
N ALA A 64 0.94 -11.93 1.47
CA ALA A 64 1.78 -12.02 2.66
C ALA A 64 3.23 -12.28 2.27
N ALA A 65 3.45 -13.04 1.20
CA ALA A 65 4.80 -13.31 0.72
C ALA A 65 5.44 -12.05 0.12
N ALA A 66 4.65 -11.24 -0.60
CA ALA A 66 5.18 -10.03 -1.21
C ALA A 66 5.55 -8.98 -0.18
N ILE A 67 4.90 -9.02 1.00
CA ILE A 67 5.23 -8.11 2.08
C ILE A 67 6.58 -8.50 2.68
N ASP A 68 6.78 -9.78 2.95
CA ASP A 68 8.00 -10.27 3.58
C ASP A 68 9.22 -10.21 2.64
N ASN A 69 8.96 -10.25 1.33
CA ASN A 69 10.02 -10.26 0.33
C ASN A 69 10.40 -8.86 -0.16
N MET A 70 9.63 -7.83 0.20
CA MET A 70 9.92 -6.46 -0.24
C MET A 70 10.01 -5.48 0.93
N ASN A 71 9.80 -5.93 2.16
CA ASN A 71 9.96 -5.07 3.32
C ASN A 71 11.44 -4.72 3.46
N GLU A 72 11.73 -3.43 3.67
CA GLU A 72 13.08 -2.90 3.80
C GLU A 72 13.94 -3.21 2.57
N SER A 73 13.31 -3.63 1.46
CA SER A 73 14.00 -3.92 0.22
C SER A 73 14.28 -2.63 -0.53
N GLU A 74 14.66 -2.73 -1.80
CA GLU A 74 15.05 -1.59 -2.61
C GLU A 74 14.33 -1.58 -3.97
N LEU A 75 14.03 -0.36 -4.42
CA LEU A 75 13.48 -0.07 -5.73
C LEU A 75 13.99 1.30 -6.15
N PHE A 76 14.18 1.52 -7.45
CA PHE A 76 14.58 2.81 -7.96
C PHE A 76 15.87 3.42 -7.41
N GLY A 77 16.70 2.61 -6.74
CA GLY A 77 17.97 3.07 -6.20
C GLY A 77 17.86 3.54 -4.75
N ARG A 78 16.81 3.15 -4.05
CA ARG A 78 16.55 3.60 -2.68
C ARG A 78 15.75 2.56 -1.90
N THR A 79 15.83 2.62 -0.57
CA THR A 79 15.07 1.76 0.31
C THR A 79 13.57 2.00 0.31
N ILE A 80 12.77 0.94 0.52
CA ILE A 80 11.32 1.03 0.54
C ILE A 80 10.77 0.22 1.71
N ARG A 81 9.50 0.48 2.06
CA ARG A 81 8.78 -0.20 3.12
C ARG A 81 7.54 -0.85 2.53
N VAL A 82 7.11 -1.96 3.12
CA VAL A 82 5.95 -2.72 2.67
C VAL A 82 5.29 -3.39 3.87
N ASN A 83 3.98 -3.23 4.02
CA ASN A 83 3.25 -3.77 5.16
C ASN A 83 1.76 -3.82 4.90
N LEU A 84 1.04 -4.63 5.68
CA LEU A 84 -0.40 -4.78 5.54
C LEU A 84 -1.12 -3.57 6.11
N ALA A 85 -1.80 -2.81 5.25
CA ALA A 85 -2.58 -1.66 5.66
C ALA A 85 -4.03 -2.07 5.94
N LYS A 86 -4.77 -1.22 6.65
CA LYS A 86 -6.19 -1.48 6.90
C LYS A 86 -6.93 -1.41 5.56
N PRO A 87 -7.61 -2.49 5.14
CA PRO A 87 -8.34 -2.52 3.89
C PRO A 87 -9.43 -1.46 3.81
N MET A 88 -9.87 -1.15 2.58
CA MET A 88 -10.86 -0.12 2.31
C MET A 88 -12.27 -0.53 2.70
N ARG A 89 -12.45 -1.74 3.23
CA ARG A 89 -13.77 -2.26 3.57
C ARG A 89 -13.81 -3.03 4.88
N ILE A 90 -12.78 -2.88 5.72
CA ILE A 90 -12.75 -3.48 7.06
C ILE A 90 -12.41 -2.42 8.10
N LYS A 91 -13.21 -2.37 9.17
CA LYS A 91 -12.96 -1.46 10.28
C LYS A 91 -11.90 -2.02 11.22
N GLU A 92 -11.07 -1.11 11.71
CA GLU A 92 -9.99 -1.32 12.68
C GLU A 92 -9.08 -2.51 12.32
N GLY A 93 -8.19 -2.87 13.25
CA GLY A 93 -7.31 -4.03 13.09
C GLY A 93 -6.39 -4.17 14.31
N SER A 94 -6.11 -5.42 14.69
CA SER A 94 -5.28 -5.72 15.85
C SER A 94 -3.80 -5.77 15.47
N SER A 95 -3.49 -5.65 14.17
CA SER A 95 -2.13 -5.74 13.65
C SER A 95 -1.88 -4.70 12.57
N ARG A 96 -2.69 -3.64 12.56
CA ARG A 96 -2.59 -2.57 11.56
C ARG A 96 -1.29 -1.79 11.75
N PRO A 97 -0.86 -1.02 10.74
CA PRO A 97 0.38 -0.27 10.73
C PRO A 97 0.51 0.77 11.85
N VAL A 98 1.68 1.39 11.92
CA VAL A 98 2.01 2.40 12.93
C VAL A 98 2.00 3.83 12.37
N TRP A 99 1.97 3.96 11.05
CA TRP A 99 1.84 5.25 10.39
C TRP A 99 0.40 5.78 10.46
N SER A 100 0.14 6.92 9.82
CA SER A 100 -1.15 7.58 9.84
C SER A 100 -2.21 6.84 9.02
N ASP A 101 -2.32 5.52 9.19
CA ASP A 101 -3.28 4.72 8.46
C ASP A 101 -4.71 5.26 8.44
N ASP A 102 -5.31 5.46 9.62
CA ASP A 102 -6.69 5.89 9.67
C ASP A 102 -6.98 7.26 9.07
N ASP A 103 -5.97 8.14 9.01
CA ASP A 103 -6.12 9.45 8.40
C ASP A 103 -5.95 9.42 6.88
N TRP A 104 -5.09 8.54 6.38
CA TRP A 104 -4.88 8.41 4.95
C TRP A 104 -5.95 7.53 4.31
N LEU A 105 -6.34 6.44 4.97
CA LEU A 105 -7.36 5.56 4.42
C LEU A 105 -8.71 6.25 4.45
N LYS A 106 -8.98 7.09 5.46
CA LYS A 106 -10.21 7.88 5.51
C LYS A 106 -10.20 8.97 4.45
N LYS A 107 -9.02 9.55 4.18
CA LYS A 107 -8.89 10.62 3.21
C LYS A 107 -9.32 10.17 1.82
N PHE A 108 -8.81 9.03 1.33
CA PHE A 108 -9.15 8.54 0.01
C PHE A 108 -10.53 7.90 0.07
N SER A 109 -11.03 7.57 1.27
CA SER A 109 -12.33 6.95 1.41
C SER A 109 -13.47 7.95 1.23
N GLY A 110 -13.23 9.26 1.40
CA GLY A 110 -14.33 10.21 1.21
C GLY A 110 -13.92 11.65 0.93
N LYS A 111 -12.86 12.18 1.55
CA LYS A 111 -12.55 13.61 1.41
C LYS A 111 -11.14 13.96 1.88
N THR A 112 -10.60 15.04 1.33
CA THR A 112 -9.30 15.58 1.70
C THR A 112 -9.08 15.84 3.20
N LEU A 113 -7.81 15.89 3.62
CA LEU A 113 -7.43 16.11 5.02
C LEU A 113 -7.73 17.52 5.50
N GLU A 114 -8.39 18.35 4.68
CA GLU A 114 -8.70 19.73 5.01
C GLU A 114 -9.72 19.85 6.15
N GLU A 115 -10.08 18.74 6.79
CA GLU A 115 -10.99 18.72 7.95
C GLU A 115 -10.56 17.62 8.91
N ASN A 116 -9.36 17.07 8.69
CA ASN A 116 -8.85 15.93 9.44
C ASN A 116 -7.33 16.08 9.55
N LYS A 117 -6.88 17.22 10.10
CA LYS A 117 -5.47 17.52 10.26
C LYS A 117 -4.82 16.57 11.27
N ALA A 1 -10.69 -14.07 7.14
CA ALA A 1 -10.12 -14.65 5.91
C ALA A 1 -9.28 -15.88 6.24
N GLY A 2 -8.45 -16.33 5.30
CA GLY A 2 -7.69 -17.57 5.44
C GLY A 2 -6.67 -17.55 6.56
N HIS A 3 -6.13 -16.38 6.93
CA HIS A 3 -5.10 -16.30 7.96
C HIS A 3 -5.16 -14.98 8.75
N MET A 4 -6.07 -14.06 8.39
CA MET A 4 -6.11 -12.75 9.04
C MET A 4 -7.52 -12.17 8.94
N ALA A 5 -7.81 -11.14 9.75
CA ALA A 5 -9.14 -10.55 9.79
C ALA A 5 -9.31 -9.40 8.80
N THR A 6 -8.23 -8.64 8.54
CA THR A 6 -8.30 -7.47 7.69
C THR A 6 -8.24 -7.73 6.19
N THR A 7 -7.98 -8.97 5.81
CA THR A 7 -7.67 -9.33 4.43
C THR A 7 -6.33 -8.84 3.92
N LYS A 8 -5.41 -9.80 3.76
CA LYS A 8 -4.04 -9.55 3.34
C LYS A 8 -3.93 -9.38 1.82
N ARG A 9 -5.06 -9.46 1.12
CA ARG A 9 -5.10 -9.23 -0.31
C ARG A 9 -4.59 -7.83 -0.64
N VAL A 10 -4.59 -6.93 0.36
CA VAL A 10 -4.07 -5.58 0.20
C VAL A 10 -2.86 -5.32 1.09
N LEU A 11 -1.92 -4.49 0.63
CA LEU A 11 -0.71 -4.16 1.36
C LEU A 11 -0.23 -2.75 1.03
N TYR A 12 0.54 -2.18 1.96
CA TYR A 12 1.14 -0.86 1.84
C TYR A 12 2.54 -0.82 1.26
N VAL A 13 2.90 0.29 0.62
CA VAL A 13 4.24 0.50 0.07
C VAL A 13 4.70 1.94 0.28
N GLY A 14 5.96 2.15 0.68
CA GLY A 14 6.46 3.49 0.94
C GLY A 14 7.96 3.59 0.71
N GLY A 15 8.49 4.82 0.74
CA GLY A 15 9.91 5.08 0.57
C GLY A 15 10.29 5.15 -0.92
N LEU A 16 9.29 5.15 -1.79
CA LEU A 16 9.47 5.12 -3.24
C LEU A 16 9.90 6.47 -3.81
N ALA A 17 10.43 6.48 -5.03
CA ALA A 17 10.71 7.70 -5.78
C ALA A 17 9.42 8.21 -6.43
N GLU A 18 9.45 9.42 -6.98
CA GLU A 18 8.26 10.06 -7.54
C GLU A 18 7.84 9.47 -8.88
N GLU A 19 8.69 8.61 -9.48
CA GLU A 19 8.42 7.99 -10.77
C GLU A 19 8.04 6.51 -10.63
N VAL A 20 7.87 6.03 -9.39
CA VAL A 20 7.46 4.67 -9.10
C VAL A 20 5.96 4.47 -9.31
N ASP A 21 5.52 4.63 -10.57
CA ASP A 21 4.14 4.46 -10.96
C ASP A 21 3.59 3.04 -10.81
N ASP A 22 2.28 2.88 -10.91
CA ASP A 22 1.63 1.58 -10.74
C ASP A 22 2.09 0.52 -11.73
N LYS A 23 2.72 0.95 -12.82
CA LYS A 23 3.23 0.04 -13.85
C LYS A 23 4.50 -0.63 -13.32
N VAL A 24 5.35 0.14 -12.64
CA VAL A 24 6.60 -0.36 -12.10
C VAL A 24 6.40 -1.21 -10.84
N LEU A 25 5.38 -0.87 -10.05
CA LEU A 25 5.03 -1.63 -8.86
C LEU A 25 4.52 -3.01 -9.25
N HIS A 26 3.83 -3.12 -10.38
CA HIS A 26 3.36 -4.42 -10.83
C HIS A 26 4.55 -5.29 -11.16
N ALA A 27 5.50 -4.75 -11.93
CA ALA A 27 6.71 -5.48 -12.30
C ALA A 27 7.60 -5.75 -11.10
N ALA A 28 7.37 -5.05 -9.97
CA ALA A 28 8.18 -5.20 -8.76
C ALA A 28 7.51 -6.08 -7.71
N PHE A 29 6.24 -6.46 -7.91
CA PHE A 29 5.51 -7.28 -6.96
C PHE A 29 4.83 -8.54 -7.52
N ILE A 30 4.89 -8.73 -8.84
CA ILE A 30 4.27 -9.86 -9.51
C ILE A 30 4.98 -11.22 -9.29
N PRO A 31 6.29 -11.31 -8.99
CA PRO A 31 6.96 -12.59 -8.94
C PRO A 31 6.57 -13.41 -7.70
N PHE A 32 5.94 -12.79 -6.70
CA PHE A 32 5.58 -13.48 -5.48
C PHE A 32 4.18 -14.09 -5.66
N GLY A 33 3.42 -13.63 -6.66
CA GLY A 33 2.08 -14.12 -6.93
C GLY A 33 1.33 -13.13 -7.81
N ASP A 34 0.19 -13.57 -8.37
CA ASP A 34 -0.57 -12.74 -9.28
C ASP A 34 -1.22 -11.50 -8.64
N ILE A 35 -1.17 -10.37 -9.36
CA ILE A 35 -1.72 -9.11 -8.90
C ILE A 35 -3.10 -8.87 -9.51
N THR A 36 -3.97 -8.21 -8.74
CA THR A 36 -5.33 -7.89 -9.18
C THR A 36 -5.38 -6.39 -9.47
N ASP A 37 -4.74 -5.58 -8.61
CA ASP A 37 -4.80 -4.13 -8.69
C ASP A 37 -3.65 -3.41 -7.97
N ILE A 38 -3.45 -2.13 -8.32
CA ILE A 38 -2.47 -1.26 -7.70
C ILE A 38 -3.06 0.15 -7.67
N GLN A 39 -2.74 0.95 -6.64
CA GLN A 39 -3.31 2.28 -6.49
C GLN A 39 -2.27 3.25 -5.93
N ILE A 40 -2.35 4.52 -6.36
CA ILE A 40 -1.40 5.55 -5.97
C ILE A 40 -2.13 6.87 -5.72
N PRO A 41 -2.03 7.46 -4.53
CA PRO A 41 -2.59 8.76 -4.21
C PRO A 41 -1.71 9.87 -4.80
N LEU A 42 -2.29 11.06 -5.00
CA LEU A 42 -1.56 12.18 -5.59
C LEU A 42 -1.88 13.47 -4.83
N ASP A 43 -0.86 14.34 -4.69
CA ASP A 43 -1.03 15.64 -4.07
C ASP A 43 -1.59 16.69 -5.03
N TYR A 44 -2.44 17.58 -4.53
CA TYR A 44 -3.04 18.62 -5.36
C TYR A 44 -2.12 19.75 -5.81
N GLU A 45 -1.01 19.95 -5.10
CA GLU A 45 -0.08 21.04 -5.38
C GLU A 45 0.98 20.66 -6.41
N THR A 46 1.04 19.39 -6.81
CA THR A 46 2.07 18.94 -7.75
C THR A 46 1.71 17.74 -8.61
N GLU A 47 0.57 17.10 -8.34
CA GLU A 47 0.10 15.93 -9.08
C GLU A 47 1.08 14.75 -9.05
N LYS A 48 1.84 14.61 -7.95
CA LYS A 48 2.76 13.49 -7.75
C LYS A 48 2.46 12.82 -6.41
N HIS A 49 2.91 11.57 -6.25
CA HIS A 49 2.67 10.82 -5.03
C HIS A 49 3.80 11.05 -4.02
N ARG A 50 3.51 10.75 -2.75
CA ARG A 50 4.43 10.99 -1.64
C ARG A 50 5.49 9.89 -1.50
N GLY A 51 5.74 9.12 -2.56
CA GLY A 51 6.64 7.98 -2.48
C GLY A 51 5.92 6.81 -1.80
N PHE A 52 4.59 6.77 -1.93
CA PHE A 52 3.71 5.84 -1.26
C PHE A 52 2.54 5.35 -2.11
N ALA A 53 2.22 4.06 -1.98
CA ALA A 53 1.22 3.40 -2.81
C ALA A 53 0.63 2.18 -2.08
N PHE A 54 -0.31 1.50 -2.74
CA PHE A 54 -0.90 0.27 -2.23
C PHE A 54 -0.82 -0.74 -3.37
N VAL A 55 -0.86 -2.02 -3.03
CA VAL A 55 -0.83 -3.12 -3.98
C VAL A 55 -1.89 -4.13 -3.56
N GLU A 56 -2.48 -4.85 -4.52
CA GLU A 56 -3.50 -5.82 -4.24
C GLU A 56 -3.30 -7.11 -5.05
N PHE A 57 -3.19 -8.23 -4.34
CA PHE A 57 -3.02 -9.56 -4.94
C PHE A 57 -4.32 -10.30 -5.21
N GLU A 58 -4.28 -11.37 -6.01
CA GLU A 58 -5.45 -12.23 -6.18
C GLU A 58 -5.39 -13.40 -5.19
N LEU A 59 -4.34 -13.45 -4.36
CA LEU A 59 -4.13 -14.48 -3.36
C LEU A 59 -3.66 -13.84 -2.06
N ALA A 60 -4.16 -14.32 -0.92
CA ALA A 60 -3.83 -13.71 0.38
C ALA A 60 -2.50 -14.21 0.92
N GLU A 61 -2.12 -15.46 0.63
CA GLU A 61 -0.86 -16.00 1.13
C GLU A 61 0.33 -15.49 0.30
N ASP A 62 0.10 -15.16 -0.97
CA ASP A 62 1.15 -14.58 -1.80
C ASP A 62 1.44 -13.11 -1.51
N ALA A 63 0.43 -12.40 -0.98
CA ALA A 63 0.62 -11.02 -0.56
C ALA A 63 1.46 -10.99 0.71
N ALA A 64 1.23 -11.95 1.61
CA ALA A 64 2.04 -12.09 2.81
C ALA A 64 3.50 -12.38 2.46
N ALA A 65 3.74 -13.13 1.37
CA ALA A 65 5.09 -13.43 0.93
C ALA A 65 5.76 -12.19 0.34
N ALA A 66 5.01 -11.36 -0.40
CA ALA A 66 5.56 -10.16 -1.01
C ALA A 66 5.92 -9.13 0.05
N ILE A 67 5.24 -9.14 1.20
CA ILE A 67 5.57 -8.25 2.30
C ILE A 67 6.91 -8.69 2.89
N ASP A 68 7.06 -9.98 3.13
CA ASP A 68 8.27 -10.54 3.72
C ASP A 68 9.48 -10.63 2.78
N ASN A 69 9.26 -10.33 1.50
CA ASN A 69 10.33 -10.36 0.50
C ASN A 69 10.67 -8.99 -0.07
N MET A 70 9.93 -7.94 0.32
CA MET A 70 10.20 -6.59 -0.16
C MET A 70 10.27 -5.55 0.98
N ASN A 71 10.06 -5.95 2.23
CA ASN A 71 10.20 -5.03 3.35
C ASN A 71 11.67 -4.68 3.51
N GLU A 72 11.95 -3.39 3.72
CA GLU A 72 13.30 -2.84 3.86
C GLU A 72 14.19 -3.14 2.65
N SER A 73 13.59 -3.59 1.55
CA SER A 73 14.29 -3.85 0.29
C SER A 73 14.52 -2.55 -0.46
N GLU A 74 14.95 -2.64 -1.72
CA GLU A 74 15.25 -1.48 -2.54
C GLU A 74 14.52 -1.50 -3.88
N LEU A 75 14.15 -0.30 -4.33
CA LEU A 75 13.58 -0.02 -5.65
C LEU A 75 14.03 1.37 -6.07
N PHE A 76 14.18 1.58 -7.37
CA PHE A 76 14.53 2.90 -7.90
C PHE A 76 15.82 3.55 -7.38
N GLY A 77 16.68 2.76 -6.71
CA GLY A 77 17.94 3.27 -6.19
C GLY A 77 17.83 3.74 -4.74
N ARG A 78 16.73 3.43 -4.05
CA ARG A 78 16.54 3.80 -2.65
C ARG A 78 15.79 2.72 -1.88
N THR A 79 15.93 2.73 -0.56
CA THR A 79 15.22 1.81 0.32
C THR A 79 13.71 2.05 0.39
N ILE A 80 12.93 0.98 0.57
CA ILE A 80 11.48 1.06 0.61
C ILE A 80 10.94 0.31 1.82
N ARG A 81 9.63 0.44 2.06
CA ARG A 81 8.91 -0.22 3.13
C ARG A 81 7.72 -0.96 2.54
N VAL A 82 7.34 -2.09 3.14
CA VAL A 82 6.22 -2.90 2.71
C VAL A 82 5.61 -3.59 3.93
N ASN A 83 4.29 -3.50 4.09
CA ASN A 83 3.62 -4.09 5.23
C ASN A 83 2.12 -4.26 5.01
N LEU A 84 1.50 -5.10 5.84
CA LEU A 84 0.07 -5.36 5.79
C LEU A 84 -0.69 -4.09 6.15
N ALA A 85 -1.75 -3.79 5.41
CA ALA A 85 -2.54 -2.59 5.57
C ALA A 85 -4.02 -2.93 5.48
N LYS A 86 -4.87 -2.19 6.20
CA LYS A 86 -6.31 -2.39 6.12
C LYS A 86 -6.76 -1.97 4.72
N PRO A 87 -7.58 -2.79 4.04
CA PRO A 87 -8.12 -2.46 2.75
C PRO A 87 -8.90 -1.15 2.77
N MET A 88 -9.11 -0.56 1.58
CA MET A 88 -9.84 0.68 1.42
C MET A 88 -11.35 0.44 1.54
N ARG A 89 -11.74 -0.34 2.55
CA ARG A 89 -13.13 -0.74 2.78
C ARG A 89 -13.43 -0.90 4.28
N ILE A 90 -12.40 -0.95 5.13
CA ILE A 90 -12.59 -1.11 6.57
C ILE A 90 -11.78 -0.05 7.32
N LYS A 91 -12.33 0.42 8.45
CA LYS A 91 -11.73 1.49 9.24
C LYS A 91 -10.54 1.01 10.09
N GLU A 92 -10.34 -0.31 10.22
CA GLU A 92 -9.29 -0.85 11.07
C GLU A 92 -8.86 -2.24 10.59
N GLY A 93 -7.84 -2.79 11.25
CA GLY A 93 -7.34 -4.12 10.96
C GLY A 93 -6.74 -4.76 12.22
N SER A 94 -6.67 -6.09 12.23
CA SER A 94 -6.19 -6.87 13.37
C SER A 94 -4.66 -6.92 13.46
N SER A 95 -3.98 -6.12 12.63
CA SER A 95 -2.52 -6.08 12.57
C SER A 95 -2.10 -4.69 12.15
N ARG A 96 -2.39 -3.70 13.01
CA ARG A 96 -2.15 -2.30 12.72
C ARG A 96 -0.68 -2.03 12.39
N PRO A 97 -0.43 -1.07 11.48
CA PRO A 97 0.89 -0.59 11.11
C PRO A 97 1.38 0.44 12.13
N VAL A 98 2.40 1.23 11.74
CA VAL A 98 2.96 2.27 12.58
C VAL A 98 2.81 3.67 11.98
N TRP A 99 2.35 3.73 10.73
CA TRP A 99 2.06 4.98 10.04
C TRP A 99 0.63 5.45 10.28
N SER A 100 0.30 6.64 9.80
CA SER A 100 -1.01 7.27 9.99
C SER A 100 -2.11 6.63 9.13
N ASP A 101 -2.27 5.31 9.24
CA ASP A 101 -3.31 4.61 8.47
C ASP A 101 -4.71 5.17 8.70
N ASP A 102 -4.99 5.76 9.86
CA ASP A 102 -6.30 6.33 10.12
C ASP A 102 -6.65 7.51 9.22
N ASP A 103 -5.72 8.46 9.09
CA ASP A 103 -5.91 9.63 8.26
C ASP A 103 -5.91 9.30 6.77
N TRP A 104 -4.90 8.55 6.31
CA TRP A 104 -4.72 8.29 4.90
C TRP A 104 -5.84 7.45 4.32
N LEU A 105 -6.22 6.35 4.97
CA LEU A 105 -7.23 5.47 4.39
C LEU A 105 -8.61 6.12 4.48
N LYS A 106 -8.92 6.85 5.55
CA LYS A 106 -10.22 7.50 5.66
C LYS A 106 -10.34 8.63 4.64
N LYS A 107 -9.22 9.29 4.34
CA LYS A 107 -9.17 10.40 3.42
C LYS A 107 -9.63 9.98 2.03
N PHE A 108 -9.06 8.89 1.50
CA PHE A 108 -9.41 8.44 0.16
C PHE A 108 -10.75 7.70 0.21
N SER A 109 -11.22 7.31 1.41
CA SER A 109 -12.45 6.54 1.54
C SER A 109 -13.71 7.39 1.72
N GLY A 110 -13.63 8.69 2.00
CA GLY A 110 -14.88 9.41 2.22
C GLY A 110 -14.81 10.94 2.35
N LYS A 111 -13.66 11.60 2.23
CA LYS A 111 -13.64 13.05 2.44
C LYS A 111 -12.49 13.74 1.71
N THR A 112 -12.47 15.07 1.81
CA THR A 112 -11.41 15.92 1.28
C THR A 112 -10.00 15.55 1.71
N LEU A 113 -8.99 16.00 0.95
CA LEU A 113 -7.60 15.70 1.26
C LEU A 113 -7.11 16.40 2.53
N GLU A 114 -7.96 17.24 3.14
CA GLU A 114 -7.67 17.93 4.39
C GLU A 114 -8.89 17.93 5.30
N GLU A 115 -8.68 18.15 6.60
CA GLU A 115 -9.75 18.21 7.58
C GLU A 115 -9.32 19.05 8.79
N ASN A 116 -10.31 19.46 9.59
CA ASN A 116 -10.10 20.30 10.77
C ASN A 116 -11.11 19.95 11.86
N LYS A 117 -10.88 20.50 13.06
CA LYS A 117 -11.75 20.27 14.21
C LYS A 117 -13.13 20.84 13.98
N ALA A 1 -9.26 -13.10 9.05
CA ALA A 1 -9.36 -13.62 7.67
C ALA A 1 -8.23 -14.60 7.38
N GLY A 2 -8.40 -15.86 7.75
CA GLY A 2 -7.44 -16.91 7.43
C GLY A 2 -6.11 -16.71 8.15
N HIS A 3 -5.09 -16.33 7.39
CA HIS A 3 -3.71 -16.25 7.85
C HIS A 3 -3.50 -15.25 8.98
N MET A 4 -4.41 -14.28 9.14
CA MET A 4 -4.23 -13.22 10.13
C MET A 4 -5.57 -12.60 10.52
N ALA A 5 -5.58 -11.81 11.60
CA ALA A 5 -6.76 -11.13 12.10
C ALA A 5 -7.29 -10.07 11.11
N THR A 6 -6.55 -9.83 10.02
CA THR A 6 -6.98 -8.97 8.93
C THR A 6 -6.67 -9.55 7.56
N THR A 7 -7.44 -9.19 6.53
CA THR A 7 -7.17 -9.71 5.20
C THR A 7 -5.83 -9.25 4.65
N LYS A 8 -5.00 -10.22 4.24
CA LYS A 8 -3.64 -9.97 3.77
C LYS A 8 -3.66 -9.37 2.36
N ARG A 9 -4.83 -9.31 1.73
CA ARG A 9 -5.01 -8.90 0.35
C ARG A 9 -4.47 -7.50 0.05
N VAL A 10 -4.38 -6.63 1.06
CA VAL A 10 -3.90 -5.27 0.88
C VAL A 10 -2.63 -5.00 1.69
N LEU A 11 -1.69 -4.26 1.10
CA LEU A 11 -0.45 -3.93 1.77
C LEU A 11 0.05 -2.54 1.36
N TYR A 12 0.76 -1.90 2.29
CA TYR A 12 1.36 -0.58 2.17
C TYR A 12 2.74 -0.53 1.53
N VAL A 13 3.06 0.59 0.87
CA VAL A 13 4.37 0.81 0.27
C VAL A 13 4.86 2.23 0.48
N GLY A 14 6.16 2.41 0.80
CA GLY A 14 6.71 3.73 1.05
C GLY A 14 8.21 3.76 0.83
N GLY A 15 8.79 4.96 0.84
CA GLY A 15 10.21 5.17 0.60
C GLY A 15 10.53 5.25 -0.90
N LEU A 16 9.48 5.31 -1.72
CA LEU A 16 9.59 5.30 -3.17
C LEU A 16 10.07 6.64 -3.73
N ALA A 17 10.59 6.62 -4.96
CA ALA A 17 10.93 7.82 -5.69
C ALA A 17 9.67 8.49 -6.25
N GLU A 18 9.83 9.66 -6.88
CA GLU A 18 8.72 10.45 -7.39
C GLU A 18 8.11 9.85 -8.66
N GLU A 19 8.87 9.02 -9.38
CA GLU A 19 8.43 8.43 -10.65
C GLU A 19 7.91 6.99 -10.48
N VAL A 20 7.76 6.53 -9.24
CA VAL A 20 7.26 5.19 -8.92
C VAL A 20 5.73 5.11 -9.03
N ASP A 21 5.21 5.32 -10.24
CA ASP A 21 3.79 5.22 -10.52
C ASP A 21 3.23 3.81 -10.38
N ASP A 22 1.91 3.67 -10.41
CA ASP A 22 1.25 2.38 -10.21
C ASP A 22 1.59 1.33 -11.27
N LYS A 23 2.13 1.76 -12.41
CA LYS A 23 2.54 0.87 -13.48
C LYS A 23 3.82 0.14 -13.08
N VAL A 24 4.74 0.85 -12.45
CA VAL A 24 6.01 0.27 -12.00
C VAL A 24 5.84 -0.61 -10.77
N LEU A 25 4.87 -0.27 -9.92
CA LEU A 25 4.56 -1.07 -8.75
C LEU A 25 3.97 -2.41 -9.16
N HIS A 26 3.24 -2.47 -10.27
CA HIS A 26 2.72 -3.73 -10.74
C HIS A 26 3.87 -4.63 -11.16
N ALA A 27 4.79 -4.08 -11.96
CA ALA A 27 5.95 -4.84 -12.42
C ALA A 27 6.91 -5.16 -11.27
N ALA A 28 6.76 -4.52 -10.11
CA ALA A 28 7.63 -4.73 -8.97
C ALA A 28 7.02 -5.64 -7.91
N PHE A 29 5.72 -5.97 -8.05
CA PHE A 29 5.03 -6.81 -7.09
C PHE A 29 4.29 -8.03 -7.66
N ILE A 30 4.30 -8.18 -8.99
CA ILE A 30 3.62 -9.28 -9.66
C ILE A 30 4.35 -10.64 -9.56
N PRO A 31 5.68 -10.73 -9.36
CA PRO A 31 6.36 -12.01 -9.41
C PRO A 31 6.06 -12.90 -8.20
N PHE A 32 5.48 -12.34 -7.14
CA PHE A 32 5.18 -13.09 -5.93
C PHE A 32 3.78 -13.69 -6.05
N GLY A 33 2.96 -13.15 -6.97
CA GLY A 33 1.59 -13.62 -7.17
C GLY A 33 0.78 -12.56 -7.92
N ASP A 34 -0.37 -12.96 -8.45
CA ASP A 34 -1.20 -12.07 -9.24
C ASP A 34 -1.79 -10.88 -8.48
N ILE A 35 -1.80 -9.72 -9.13
CA ILE A 35 -2.30 -8.48 -8.55
C ILE A 35 -3.74 -8.22 -9.01
N THR A 36 -4.55 -7.63 -8.13
CA THR A 36 -5.94 -7.29 -8.44
C THR A 36 -5.99 -5.79 -8.72
N ASP A 37 -5.25 -5.00 -7.93
CA ASP A 37 -5.30 -3.54 -7.97
C ASP A 37 -4.09 -2.85 -7.35
N ILE A 38 -3.90 -1.57 -7.69
CA ILE A 38 -2.89 -0.70 -7.12
C ILE A 38 -3.47 0.70 -7.07
N GLN A 39 -3.18 1.45 -6.01
CA GLN A 39 -3.70 2.81 -5.85
C GLN A 39 -2.69 3.69 -5.12
N ILE A 40 -2.71 4.99 -5.44
CA ILE A 40 -1.74 5.95 -4.92
C ILE A 40 -2.43 7.29 -4.68
N PRO A 41 -2.18 7.94 -3.52
CA PRO A 41 -2.66 9.27 -3.24
C PRO A 41 -1.89 10.29 -4.09
N LEU A 42 -2.49 11.44 -4.38
CA LEU A 42 -1.88 12.46 -5.22
C LEU A 42 -2.14 13.84 -4.64
N ASP A 43 -1.13 14.71 -4.71
CA ASP A 43 -1.27 16.09 -4.27
C ASP A 43 -1.99 16.98 -5.30
N TYR A 44 -2.81 17.93 -4.83
CA TYR A 44 -3.61 18.75 -5.72
C TYR A 44 -2.87 19.80 -6.55
N GLU A 45 -1.74 20.30 -6.04
CA GLU A 45 -1.00 21.35 -6.71
C GLU A 45 0.00 20.80 -7.73
N THR A 46 0.11 19.47 -7.87
CA THR A 46 1.06 18.87 -8.81
C THR A 46 0.65 17.54 -9.42
N GLU A 47 -0.40 16.90 -8.90
CA GLU A 47 -0.89 15.62 -9.39
C GLU A 47 0.14 14.49 -9.31
N LYS A 48 1.01 14.50 -8.28
CA LYS A 48 2.03 13.48 -8.07
C LYS A 48 2.01 12.97 -6.63
N HIS A 49 2.56 11.78 -6.41
CA HIS A 49 2.51 11.11 -5.12
C HIS A 49 3.72 11.45 -4.24
N ARG A 50 3.62 11.11 -2.95
CA ARG A 50 4.59 11.45 -1.93
C ARG A 50 5.65 10.36 -1.73
N GLY A 51 5.79 9.43 -2.68
CA GLY A 51 6.70 8.30 -2.53
C GLY A 51 6.07 7.18 -1.71
N PHE A 52 4.73 7.14 -1.71
CA PHE A 52 3.92 6.22 -0.93
C PHE A 52 2.66 5.77 -1.64
N ALA A 53 2.34 4.48 -1.53
CA ALA A 53 1.25 3.85 -2.26
C ALA A 53 0.71 2.62 -1.53
N PHE A 54 -0.27 1.94 -2.13
CA PHE A 54 -0.79 0.69 -1.60
C PHE A 54 -0.91 -0.24 -2.81
N VAL A 55 -0.98 -1.54 -2.54
CA VAL A 55 -1.09 -2.58 -3.55
C VAL A 55 -2.12 -3.60 -3.05
N GLU A 56 -2.73 -4.35 -3.96
CA GLU A 56 -3.73 -5.35 -3.60
C GLU A 56 -3.60 -6.62 -4.45
N PHE A 57 -3.38 -7.76 -3.80
CA PHE A 57 -3.26 -9.05 -4.46
C PHE A 57 -4.59 -9.77 -4.73
N GLU A 58 -4.59 -10.77 -5.62
CA GLU A 58 -5.79 -11.60 -5.81
C GLU A 58 -5.69 -12.86 -4.95
N LEU A 59 -4.59 -13.04 -4.22
CA LEU A 59 -4.38 -14.16 -3.32
C LEU A 59 -3.83 -13.65 -1.99
N ALA A 60 -4.35 -14.17 -0.87
CA ALA A 60 -3.96 -13.69 0.44
C ALA A 60 -2.61 -14.26 0.90
N GLU A 61 -2.25 -15.46 0.45
CA GLU A 61 -0.99 -16.06 0.87
C GLU A 61 0.19 -15.48 0.06
N ASP A 62 -0.04 -15.13 -1.21
CA ASP A 62 0.99 -14.50 -2.02
C ASP A 62 1.28 -13.06 -1.63
N ALA A 63 0.32 -12.43 -0.94
CA ALA A 63 0.51 -11.08 -0.44
C ALA A 63 1.49 -11.08 0.72
N ALA A 64 1.39 -12.08 1.60
CA ALA A 64 2.33 -12.22 2.70
C ALA A 64 3.74 -12.48 2.17
N ALA A 65 3.84 -13.19 1.05
CA ALA A 65 5.14 -13.45 0.44
C ALA A 65 5.74 -12.15 -0.10
N ALA A 66 4.93 -11.30 -0.74
CA ALA A 66 5.42 -10.07 -1.32
C ALA A 66 5.85 -9.07 -0.24
N ILE A 67 5.24 -9.15 0.95
CA ILE A 67 5.62 -8.29 2.06
C ILE A 67 7.00 -8.70 2.58
N ASP A 68 7.23 -10.00 2.77
CA ASP A 68 8.49 -10.50 3.31
C ASP A 68 9.65 -10.40 2.31
N ASN A 69 9.33 -10.34 1.01
CA ASN A 69 10.32 -10.30 -0.05
C ASN A 69 10.65 -8.89 -0.52
N MET A 70 9.87 -7.88 -0.10
CA MET A 70 10.12 -6.50 -0.49
C MET A 70 10.28 -5.55 0.70
N ASN A 71 10.10 -6.04 1.93
CA ASN A 71 10.33 -5.22 3.10
C ASN A 71 11.82 -4.88 3.19
N GLU A 72 12.14 -3.62 3.44
CA GLU A 72 13.51 -3.11 3.51
C GLU A 72 14.30 -3.40 2.23
N SER A 73 13.60 -3.77 1.15
CA SER A 73 14.21 -4.02 -0.15
C SER A 73 14.44 -2.69 -0.86
N GLU A 74 14.75 -2.74 -2.15
CA GLU A 74 15.08 -1.56 -2.94
C GLU A 74 14.33 -1.50 -4.26
N LEU A 75 13.99 -0.27 -4.65
CA LEU A 75 13.37 0.04 -5.93
C LEU A 75 13.86 1.43 -6.33
N PHE A 76 14.00 1.66 -7.64
CA PHE A 76 14.38 2.97 -8.14
C PHE A 76 15.71 3.55 -7.63
N GLY A 77 16.54 2.71 -7.00
CA GLY A 77 17.84 3.14 -6.50
C GLY A 77 17.82 3.55 -5.03
N ARG A 78 16.72 3.26 -4.31
CA ARG A 78 16.59 3.60 -2.90
C ARG A 78 15.81 2.54 -2.14
N THR A 79 16.00 2.50 -0.82
CA THR A 79 15.28 1.60 0.07
C THR A 79 13.78 1.87 0.16
N ILE A 80 12.98 0.82 0.35
CA ILE A 80 11.54 0.93 0.46
C ILE A 80 11.04 0.09 1.63
N ARG A 81 9.81 0.38 2.07
CA ARG A 81 9.15 -0.36 3.15
C ARG A 81 7.90 -1.02 2.59
N VAL A 82 7.54 -2.17 3.14
CA VAL A 82 6.37 -2.95 2.73
C VAL A 82 5.80 -3.67 3.93
N ASN A 83 4.49 -3.55 4.15
CA ASN A 83 3.83 -4.17 5.28
C ASN A 83 2.32 -4.20 5.08
N LEU A 84 1.60 -4.93 5.93
CA LEU A 84 0.15 -5.01 5.83
C LEU A 84 -0.46 -3.64 6.09
N ALA A 85 -1.61 -3.38 5.46
CA ALA A 85 -2.29 -2.10 5.57
C ALA A 85 -3.78 -2.30 5.88
N LYS A 86 -4.43 -1.24 6.34
CA LYS A 86 -5.86 -1.28 6.64
C LYS A 86 -6.61 -1.59 5.34
N PRO A 87 -7.35 -2.71 5.27
CA PRO A 87 -8.06 -3.13 4.08
C PRO A 87 -9.04 -2.10 3.54
N MET A 88 -9.38 -2.23 2.26
CA MET A 88 -10.28 -1.30 1.56
C MET A 88 -11.75 -1.55 1.91
N ARG A 89 -12.05 -2.65 2.62
CA ARG A 89 -13.42 -3.03 2.94
C ARG A 89 -13.41 -3.78 4.27
N ILE A 90 -13.46 -3.03 5.38
CA ILE A 90 -13.36 -3.60 6.72
C ILE A 90 -14.60 -4.41 7.07
N LYS A 91 -14.39 -5.56 7.72
CA LYS A 91 -15.46 -6.43 8.20
C LYS A 91 -15.05 -7.26 9.41
N GLU A 92 -13.89 -6.95 10.00
CA GLU A 92 -13.35 -7.67 11.15
C GLU A 92 -12.41 -6.78 11.97
N GLY A 93 -12.28 -5.50 11.59
CA GLY A 93 -11.38 -4.55 12.24
C GLY A 93 -9.93 -4.75 11.81
N SER A 94 -9.15 -3.68 11.89
CA SER A 94 -7.72 -3.73 11.60
C SER A 94 -7.01 -2.55 12.26
N SER A 95 -6.05 -2.89 13.12
CA SER A 95 -5.20 -1.92 13.82
C SER A 95 -3.77 -2.45 13.91
N ARG A 96 -3.43 -3.44 13.08
CA ARG A 96 -2.12 -4.10 13.07
C ARG A 96 -0.98 -3.23 12.56
N PRO A 97 -1.20 -2.41 11.52
CA PRO A 97 -0.24 -1.44 11.03
C PRO A 97 0.30 -0.53 12.15
N VAL A 98 1.48 0.05 11.93
CA VAL A 98 2.14 0.90 12.94
C VAL A 98 2.20 2.37 12.55
N TRP A 99 1.97 2.67 11.27
CA TRP A 99 1.87 4.03 10.78
C TRP A 99 0.47 4.61 11.03
N SER A 100 0.28 5.90 10.74
CA SER A 100 -0.99 6.58 10.99
C SER A 100 -2.06 6.19 9.96
N ASP A 101 -2.37 4.90 9.86
CA ASP A 101 -3.37 4.40 8.92
C ASP A 101 -4.76 5.00 9.19
N ASP A 102 -5.05 5.34 10.45
CA ASP A 102 -6.36 5.89 10.78
C ASP A 102 -6.64 7.25 10.16
N ASP A 103 -5.63 8.12 10.10
CA ASP A 103 -5.79 9.45 9.55
C ASP A 103 -5.84 9.44 8.02
N TRP A 104 -4.93 8.71 7.39
CA TRP A 104 -4.85 8.70 5.93
C TRP A 104 -6.02 7.96 5.29
N LEU A 105 -6.39 6.79 5.81
CA LEU A 105 -7.46 6.02 5.19
C LEU A 105 -8.83 6.65 5.48
N LYS A 106 -8.99 7.32 6.62
CA LYS A 106 -10.23 8.03 6.91
C LYS A 106 -10.33 9.30 6.08
N LYS A 107 -9.19 9.82 5.61
CA LYS A 107 -9.16 11.05 4.84
C LYS A 107 -9.65 10.84 3.41
N PHE A 108 -9.17 9.78 2.73
CA PHE A 108 -9.54 9.53 1.34
C PHE A 108 -10.98 9.02 1.31
N SER A 109 -11.38 8.20 2.28
CA SER A 109 -12.76 7.73 2.38
C SER A 109 -13.65 8.84 2.93
N GLY A 110 -13.02 9.89 3.47
CA GLY A 110 -13.67 11.07 3.99
C GLY A 110 -13.95 12.05 2.87
N LYS A 111 -13.16 13.13 2.81
CA LYS A 111 -13.36 14.22 1.86
C LYS A 111 -12.12 15.10 1.78
N THR A 112 -11.69 15.44 0.55
CA THR A 112 -10.50 16.27 0.30
C THR A 112 -9.16 15.72 0.79
N LEU A 113 -8.07 16.10 0.12
CA LEU A 113 -6.73 15.67 0.52
C LEU A 113 -6.19 16.47 1.70
N GLU A 114 -6.97 17.43 2.21
CA GLU A 114 -6.55 18.27 3.32
C GLU A 114 -6.32 17.45 4.59
N GLU A 115 -5.38 17.91 5.42
CA GLU A 115 -5.01 17.23 6.65
C GLU A 115 -4.39 18.21 7.65
N ASN A 116 -4.55 19.51 7.40
CA ASN A 116 -3.96 20.55 8.21
C ASN A 116 -4.79 21.83 8.09
N LYS A 117 -4.67 22.72 9.07
CA LYS A 117 -5.36 24.00 9.05
C LYS A 117 -4.62 25.02 9.91
N ALA A 1 -9.05 -12.48 9.30
CA ALA A 1 -8.74 -13.26 8.08
C ALA A 1 -8.20 -14.64 8.44
N GLY A 2 -7.98 -15.48 7.41
CA GLY A 2 -7.49 -16.85 7.59
C GLY A 2 -5.98 -16.94 7.85
N HIS A 3 -5.26 -15.81 7.83
CA HIS A 3 -3.82 -15.80 8.05
C HIS A 3 -3.39 -14.73 9.04
N MET A 4 -4.31 -13.83 9.42
CA MET A 4 -4.00 -12.71 10.31
C MET A 4 -5.29 -12.13 10.88
N ALA A 5 -5.17 -11.35 11.96
CA ALA A 5 -6.31 -10.67 12.58
C ALA A 5 -6.90 -9.58 11.67
N THR A 6 -6.37 -9.44 10.44
CA THR A 6 -6.85 -8.46 9.47
C THR A 6 -6.84 -8.96 8.03
N THR A 7 -7.63 -8.31 7.17
CA THR A 7 -7.71 -8.67 5.76
C THR A 7 -6.36 -8.30 5.15
N LYS A 8 -5.66 -9.31 4.60
CA LYS A 8 -4.32 -9.14 4.05
C LYS A 8 -4.34 -8.73 2.58
N ARG A 9 -5.54 -8.58 2.00
CA ARG A 9 -5.68 -8.28 0.58
C ARG A 9 -5.07 -6.93 0.20
N VAL A 10 -4.68 -6.11 1.17
CA VAL A 10 -4.06 -4.81 0.90
C VAL A 10 -2.76 -4.64 1.67
N LEU A 11 -1.76 -4.01 1.03
CA LEU A 11 -0.47 -3.78 1.64
C LEU A 11 0.11 -2.41 1.27
N TYR A 12 0.93 -1.89 2.17
CA TYR A 12 1.63 -0.63 2.05
C TYR A 12 2.96 -0.70 1.30
N VAL A 13 3.34 0.38 0.60
CA VAL A 13 4.62 0.48 -0.06
C VAL A 13 5.22 1.86 0.14
N GLY A 14 6.51 1.93 0.50
CA GLY A 14 7.13 3.22 0.79
C GLY A 14 8.61 3.24 0.41
N GLY A 15 9.22 4.42 0.44
CA GLY A 15 10.63 4.60 0.11
C GLY A 15 10.84 4.72 -1.40
N LEU A 16 9.75 4.83 -2.16
CA LEU A 16 9.76 4.86 -3.62
C LEU A 16 10.24 6.21 -4.17
N ALA A 17 10.63 6.21 -5.45
CA ALA A 17 10.95 7.43 -6.18
C ALA A 17 9.66 8.09 -6.69
N GLU A 18 9.77 9.26 -7.32
CA GLU A 18 8.59 10.01 -7.75
C GLU A 18 7.95 9.42 -9.01
N GLU A 19 8.74 8.68 -9.81
CA GLU A 19 8.28 8.10 -11.06
C GLU A 19 7.75 6.67 -10.90
N VAL A 20 7.63 6.20 -9.65
CA VAL A 20 7.11 4.86 -9.33
C VAL A 20 5.58 4.82 -9.43
N ASP A 21 5.07 5.04 -10.64
CA ASP A 21 3.64 5.00 -10.94
C ASP A 21 3.00 3.61 -10.74
N ASP A 22 1.67 3.56 -10.79
CA ASP A 22 0.95 2.31 -10.52
C ASP A 22 1.22 1.21 -11.54
N LYS A 23 1.75 1.58 -12.71
CA LYS A 23 2.09 0.63 -13.76
C LYS A 23 3.36 -0.12 -13.36
N VAL A 24 4.32 0.58 -12.76
CA VAL A 24 5.57 -0.02 -12.32
C VAL A 24 5.40 -0.88 -11.08
N LEU A 25 4.46 -0.49 -10.20
CA LEU A 25 4.15 -1.25 -9.01
C LEU A 25 3.50 -2.58 -9.38
N HIS A 26 2.70 -2.61 -10.44
CA HIS A 26 2.08 -3.85 -10.85
C HIS A 26 3.16 -4.83 -11.29
N ALA A 27 4.06 -4.39 -12.16
CA ALA A 27 5.15 -5.23 -12.64
C ALA A 27 6.14 -5.58 -11.52
N ALA A 28 6.09 -4.85 -10.39
CA ALA A 28 6.99 -5.09 -9.27
C ALA A 28 6.34 -5.94 -8.17
N PHE A 29 5.03 -6.22 -8.26
CA PHE A 29 4.33 -7.00 -7.26
C PHE A 29 3.49 -8.17 -7.78
N ILE A 30 3.39 -8.33 -9.10
CA ILE A 30 2.60 -9.39 -9.71
C ILE A 30 3.22 -10.79 -9.61
N PRO A 31 4.55 -11.00 -9.49
CA PRO A 31 5.11 -12.34 -9.53
C PRO A 31 4.80 -13.17 -8.28
N PHE A 32 4.34 -12.54 -7.20
CA PHE A 32 4.05 -13.25 -5.96
C PHE A 32 2.61 -13.74 -6.00
N GLY A 33 1.79 -13.18 -6.89
CA GLY A 33 0.38 -13.57 -7.02
C GLY A 33 -0.40 -12.50 -7.78
N ASP A 34 -1.63 -12.83 -8.20
CA ASP A 34 -2.43 -11.91 -8.97
C ASP A 34 -2.90 -10.66 -8.23
N ILE A 35 -2.78 -9.50 -8.89
CA ILE A 35 -3.15 -8.21 -8.34
C ILE A 35 -4.58 -7.84 -8.77
N THR A 36 -5.28 -7.12 -7.90
CA THR A 36 -6.62 -6.62 -8.18
C THR A 36 -6.69 -5.13 -8.42
N ASP A 37 -5.86 -4.37 -7.69
CA ASP A 37 -5.83 -2.92 -7.74
C ASP A 37 -4.54 -2.32 -7.19
N ILE A 38 -4.27 -1.06 -7.53
CA ILE A 38 -3.13 -0.30 -7.05
C ILE A 38 -3.59 1.15 -6.89
N GLN A 39 -3.03 1.87 -5.92
CA GLN A 39 -3.45 3.22 -5.61
C GLN A 39 -2.26 4.11 -5.26
N ILE A 40 -2.29 5.36 -5.71
CA ILE A 40 -1.23 6.33 -5.46
C ILE A 40 -1.86 7.69 -5.14
N PRO A 41 -1.78 8.12 -3.87
CA PRO A 41 -2.29 9.40 -3.43
C PRO A 41 -1.34 10.53 -3.82
N LEU A 42 -1.74 11.78 -3.58
CA LEU A 42 -0.94 12.95 -3.90
C LEU A 42 -0.99 13.96 -2.76
N ASP A 43 0.17 14.50 -2.38
CA ASP A 43 0.27 15.52 -1.35
C ASP A 43 -0.11 16.92 -1.81
N TYR A 44 -0.67 17.74 -0.92
CA TYR A 44 -1.05 19.10 -1.25
C TYR A 44 0.08 20.11 -1.40
N GLU A 45 1.24 19.80 -0.82
CA GLU A 45 2.39 20.70 -0.83
C GLU A 45 3.26 20.52 -2.07
N THR A 46 2.98 19.53 -2.92
CA THR A 46 3.79 19.28 -4.10
C THR A 46 3.08 18.58 -5.27
N GLU A 47 1.85 18.10 -5.05
CA GLU A 47 1.07 17.41 -6.06
C GLU A 47 1.77 16.15 -6.60
N LYS A 48 2.52 15.47 -5.72
CA LYS A 48 3.16 14.19 -6.03
C LYS A 48 2.93 13.24 -4.86
N HIS A 49 3.14 11.94 -5.08
CA HIS A 49 3.05 10.98 -4.00
C HIS A 49 4.32 11.06 -3.16
N ARG A 50 4.20 10.71 -1.88
CA ARG A 50 5.29 10.86 -0.92
C ARG A 50 6.28 9.70 -0.98
N GLY A 51 6.46 9.10 -2.16
CA GLY A 51 7.26 7.89 -2.31
C GLY A 51 6.52 6.72 -1.69
N PHE A 52 5.18 6.81 -1.69
CA PHE A 52 4.29 5.90 -1.00
C PHE A 52 2.98 5.59 -1.74
N ALA A 53 2.61 4.31 -1.77
CA ALA A 53 1.46 3.81 -2.50
C ALA A 53 0.87 2.57 -1.82
N PHE A 54 -0.24 2.06 -2.34
CA PHE A 54 -0.86 0.85 -1.82
C PHE A 54 -1.01 -0.12 -2.99
N VAL A 55 -1.10 -1.42 -2.66
CA VAL A 55 -1.29 -2.49 -3.63
C VAL A 55 -2.34 -3.45 -3.09
N GLU A 56 -3.14 -4.05 -3.97
CA GLU A 56 -4.21 -4.96 -3.57
C GLU A 56 -4.17 -6.27 -4.37
N PHE A 57 -4.40 -7.39 -3.68
CA PHE A 57 -4.34 -8.74 -4.23
C PHE A 57 -5.68 -9.47 -4.22
N GLU A 58 -5.84 -10.50 -5.08
CA GLU A 58 -7.06 -11.30 -5.06
C GLU A 58 -6.86 -12.58 -4.24
N LEU A 59 -5.69 -12.71 -3.59
CA LEU A 59 -5.37 -13.83 -2.72
C LEU A 59 -4.65 -13.32 -1.47
N ALA A 60 -5.10 -13.75 -0.28
CA ALA A 60 -4.54 -13.25 0.96
C ALA A 60 -3.20 -13.90 1.31
N GLU A 61 -2.97 -15.14 0.87
CA GLU A 61 -1.70 -15.82 1.15
C GLU A 61 -0.60 -15.31 0.22
N ASP A 62 -0.97 -14.86 -0.99
CA ASP A 62 -0.02 -14.27 -1.91
C ASP A 62 0.34 -12.83 -1.57
N ALA A 63 -0.55 -12.15 -0.85
CA ALA A 63 -0.29 -10.81 -0.36
C ALA A 63 0.74 -10.87 0.76
N ALA A 64 0.65 -11.91 1.60
CA ALA A 64 1.64 -12.15 2.64
C ALA A 64 3.01 -12.45 2.03
N ALA A 65 3.04 -13.14 0.90
CA ALA A 65 4.29 -13.48 0.24
C ALA A 65 4.97 -12.23 -0.32
N ALA A 66 4.19 -11.30 -0.89
CA ALA A 66 4.77 -10.10 -1.48
C ALA A 66 5.33 -9.17 -0.41
N ILE A 67 4.77 -9.20 0.81
CA ILE A 67 5.30 -8.42 1.91
C ILE A 67 6.66 -8.98 2.32
N ASP A 68 6.75 -10.31 2.43
CA ASP A 68 7.97 -10.98 2.85
C ASP A 68 9.04 -11.11 1.77
N ASN A 69 8.72 -10.71 0.53
CA ASN A 69 9.65 -10.77 -0.58
C ASN A 69 10.04 -9.39 -1.11
N MET A 70 9.45 -8.32 -0.59
CA MET A 70 9.78 -6.96 -1.02
C MET A 70 10.06 -6.01 0.14
N ASN A 71 9.95 -6.46 1.40
CA ASN A 71 10.30 -5.62 2.54
C ASN A 71 11.81 -5.40 2.55
N GLU A 72 12.22 -4.15 2.77
CA GLU A 72 13.61 -3.72 2.78
C GLU A 72 14.34 -4.02 1.47
N SER A 73 13.59 -4.39 0.42
CA SER A 73 14.13 -4.66 -0.91
C SER A 73 14.39 -3.35 -1.65
N GLU A 74 14.70 -3.44 -2.94
CA GLU A 74 15.02 -2.29 -3.76
C GLU A 74 14.13 -2.19 -5.01
N LEU A 75 13.82 -0.95 -5.38
CA LEU A 75 13.15 -0.59 -6.61
C LEU A 75 13.70 0.77 -7.05
N PHE A 76 13.74 1.03 -8.35
CA PHE A 76 14.15 2.34 -8.85
C PHE A 76 15.53 2.86 -8.45
N GLY A 77 16.40 1.97 -7.94
CA GLY A 77 17.75 2.35 -7.55
C GLY A 77 17.84 2.79 -6.09
N ARG A 78 16.85 2.43 -5.27
CA ARG A 78 16.77 2.85 -3.88
C ARG A 78 16.01 1.82 -3.05
N THR A 79 16.27 1.81 -1.74
CA THR A 79 15.56 0.93 -0.81
C THR A 79 14.09 1.28 -0.58
N ILE A 80 13.26 0.28 -0.32
CA ILE A 80 11.83 0.47 -0.13
C ILE A 80 11.35 -0.29 1.11
N ARG A 81 10.08 -0.07 1.48
CA ARG A 81 9.42 -0.73 2.61
C ARG A 81 8.10 -1.33 2.12
N VAL A 82 7.70 -2.44 2.75
CA VAL A 82 6.46 -3.14 2.43
C VAL A 82 5.91 -3.79 3.69
N ASN A 83 4.61 -3.58 3.98
CA ASN A 83 4.01 -4.12 5.20
C ASN A 83 2.49 -4.11 5.11
N LEU A 84 1.82 -4.68 6.13
CA LEU A 84 0.37 -4.78 6.18
C LEU A 84 -0.26 -3.38 6.33
N ALA A 85 -1.00 -2.93 5.31
CA ALA A 85 -1.74 -1.69 5.38
C ALA A 85 -3.14 -1.95 5.92
N LYS A 86 -3.68 -1.03 6.74
CA LYS A 86 -5.02 -1.18 7.28
C LYS A 86 -6.01 -1.31 6.12
N PRO A 87 -6.81 -2.39 6.08
CA PRO A 87 -7.75 -2.64 5.00
C PRO A 87 -8.85 -1.58 4.99
N MET A 88 -9.35 -1.24 3.81
CA MET A 88 -10.33 -0.17 3.67
C MET A 88 -11.72 -0.60 4.14
N ARG A 89 -12.18 -0.02 5.27
CA ARG A 89 -13.52 -0.22 5.82
C ARG A 89 -13.87 -1.69 6.07
N ILE A 90 -12.88 -2.55 6.26
CA ILE A 90 -13.11 -3.97 6.52
C ILE A 90 -13.77 -4.18 7.89
N LYS A 91 -14.52 -5.28 8.02
CA LYS A 91 -15.36 -5.58 9.17
C LYS A 91 -14.61 -6.06 10.42
N GLU A 92 -13.28 -5.95 10.47
CA GLU A 92 -12.52 -6.38 11.64
C GLU A 92 -11.37 -5.43 11.95
N GLY A 93 -10.82 -5.54 13.16
CA GLY A 93 -9.79 -4.65 13.67
C GLY A 93 -8.49 -4.72 12.90
N SER A 94 -7.70 -3.64 13.01
CA SER A 94 -6.42 -3.51 12.35
C SER A 94 -5.60 -2.44 13.05
N SER A 95 -4.44 -2.85 13.56
CA SER A 95 -3.47 -1.96 14.21
C SER A 95 -2.06 -2.45 13.88
N ARG A 96 -1.93 -3.11 12.72
CA ARG A 96 -0.70 -3.74 12.29
C ARG A 96 0.40 -2.75 11.91
N PRO A 97 0.11 -1.69 11.16
CA PRO A 97 1.10 -0.71 10.71
C PRO A 97 1.47 0.26 11.84
N VAL A 98 2.55 1.01 11.62
CA VAL A 98 3.07 1.97 12.58
C VAL A 98 3.43 3.33 11.96
N TRP A 99 3.22 3.45 10.64
CA TRP A 99 3.55 4.65 9.88
C TRP A 99 2.53 5.79 10.01
N SER A 100 1.83 5.86 11.15
CA SER A 100 0.83 6.89 11.42
C SER A 100 -0.23 6.92 10.31
N ASP A 101 -0.72 5.74 9.93
CA ASP A 101 -1.76 5.62 8.92
C ASP A 101 -2.96 6.54 9.18
N ASP A 102 -3.28 6.81 10.45
CA ASP A 102 -4.41 7.67 10.79
C ASP A 102 -4.32 9.07 10.21
N ASP A 103 -3.12 9.67 10.23
CA ASP A 103 -2.92 11.01 9.69
C ASP A 103 -2.75 11.02 8.17
N TRP A 104 -2.22 9.94 7.59
CA TRP A 104 -2.05 9.87 6.15
C TRP A 104 -3.35 9.50 5.43
N LEU A 105 -4.14 8.58 5.97
CA LEU A 105 -5.40 8.20 5.36
C LEU A 105 -6.42 9.32 5.55
N LYS A 106 -6.30 10.10 6.63
CA LYS A 106 -7.15 11.27 6.82
C LYS A 106 -6.77 12.37 5.85
N LYS A 107 -5.47 12.50 5.56
CA LYS A 107 -4.96 13.48 4.60
C LYS A 107 -5.45 13.17 3.19
N PHE A 108 -5.51 11.89 2.82
CA PHE A 108 -5.95 11.51 1.49
C PHE A 108 -7.46 11.65 1.35
N SER A 109 -8.19 11.65 2.48
CA SER A 109 -9.62 11.90 2.46
C SER A 109 -9.87 13.40 2.26
N GLY A 110 -9.08 14.24 2.95
CA GLY A 110 -9.20 15.68 2.88
C GLY A 110 -8.61 16.24 1.58
N LYS A 111 -7.89 15.42 0.82
CA LYS A 111 -7.29 15.82 -0.44
C LYS A 111 -8.36 16.16 -1.48
N THR A 112 -9.56 15.58 -1.34
CA THR A 112 -10.66 15.81 -2.26
C THR A 112 -12.04 15.71 -1.62
N LEU A 113 -12.17 16.32 -0.43
CA LEU A 113 -13.43 16.47 0.29
C LEU A 113 -14.24 15.18 0.43
N GLU A 114 -13.56 14.03 0.52
CA GLU A 114 -14.23 12.74 0.65
C GLU A 114 -14.96 12.62 1.99
N GLU A 115 -14.70 13.51 2.95
CA GLU A 115 -15.37 13.50 4.24
C GLU A 115 -16.76 14.12 4.17
N ASN A 116 -17.15 14.62 3.00
CA ASN A 116 -18.42 15.31 2.80
C ASN A 116 -19.33 14.57 1.84
N LYS A 117 -19.85 13.42 2.28
CA LYS A 117 -20.79 12.61 1.49
C LYS A 117 -21.60 11.69 2.39
N ALA A 1 -8.99 -13.74 7.38
CA ALA A 1 -8.27 -14.38 6.25
C ALA A 1 -7.56 -15.65 6.72
N GLY A 2 -7.01 -16.43 5.78
CA GLY A 2 -6.37 -17.69 6.08
C GLY A 2 -4.98 -17.54 6.71
N HIS A 3 -4.50 -16.30 6.87
CA HIS A 3 -3.18 -16.06 7.43
C HIS A 3 -3.18 -14.89 8.42
N MET A 4 -4.29 -14.16 8.53
CA MET A 4 -4.34 -12.96 9.36
C MET A 4 -5.79 -12.59 9.68
N ALA A 5 -5.99 -11.76 10.70
CA ALA A 5 -7.32 -11.31 11.12
C ALA A 5 -7.95 -10.37 10.09
N THR A 6 -7.20 -9.96 9.08
CA THR A 6 -7.70 -9.14 7.97
C THR A 6 -7.19 -9.59 6.61
N THR A 7 -7.80 -9.13 5.53
CA THR A 7 -7.40 -9.54 4.19
C THR A 7 -5.92 -9.35 3.88
N LYS A 8 -5.22 -10.47 3.67
CA LYS A 8 -3.78 -10.48 3.45
C LYS A 8 -3.43 -9.90 2.08
N ARG A 9 -4.40 -9.91 1.16
CA ARG A 9 -4.15 -9.59 -0.25
C ARG A 9 -3.76 -8.13 -0.44
N VAL A 10 -4.22 -7.23 0.44
CA VAL A 10 -3.86 -5.83 0.38
C VAL A 10 -2.63 -5.57 1.23
N LEU A 11 -1.73 -4.70 0.78
CA LEU A 11 -0.52 -4.38 1.51
C LEU A 11 -0.09 -2.93 1.22
N TYR A 12 0.69 -2.36 2.15
CA TYR A 12 1.26 -1.04 2.06
C TYR A 12 2.70 -0.99 1.55
N VAL A 13 3.08 0.09 0.88
CA VAL A 13 4.42 0.30 0.37
C VAL A 13 4.84 1.75 0.61
N GLY A 14 6.12 1.97 0.93
CA GLY A 14 6.65 3.31 1.20
C GLY A 14 8.15 3.39 0.90
N GLY A 15 8.69 4.60 0.93
CA GLY A 15 10.10 4.84 0.65
C GLY A 15 10.36 4.94 -0.87
N LEU A 16 9.29 4.98 -1.66
CA LEU A 16 9.36 5.02 -3.12
C LEU A 16 9.78 6.40 -3.64
N ALA A 17 10.24 6.46 -4.90
CA ALA A 17 10.50 7.72 -5.58
C ALA A 17 9.19 8.31 -6.09
N GLU A 18 9.20 9.58 -6.48
CA GLU A 18 7.98 10.26 -6.93
C GLU A 18 7.58 9.83 -8.34
N GLU A 19 8.50 9.27 -9.12
CA GLU A 19 8.22 8.78 -10.46
C GLU A 19 7.66 7.37 -10.45
N VAL A 20 7.60 6.73 -9.27
CA VAL A 20 7.01 5.41 -9.13
C VAL A 20 5.51 5.54 -9.34
N ASP A 21 4.94 4.72 -10.21
CA ASP A 21 3.50 4.67 -10.43
C ASP A 21 3.01 3.22 -10.43
N ASP A 22 1.71 3.03 -10.63
CA ASP A 22 1.11 1.71 -10.58
C ASP A 22 1.59 0.76 -11.69
N LYS A 23 2.44 1.26 -12.61
CA LYS A 23 3.00 0.45 -13.68
C LYS A 23 4.28 -0.21 -13.19
N VAL A 24 5.15 0.55 -12.52
CA VAL A 24 6.40 0.04 -11.99
C VAL A 24 6.21 -0.87 -10.79
N LEU A 25 5.22 -0.54 -9.95
CA LEU A 25 4.90 -1.36 -8.78
C LEU A 25 4.37 -2.72 -9.20
N HIS A 26 3.66 -2.80 -10.33
CA HIS A 26 3.16 -4.08 -10.79
C HIS A 26 4.34 -4.96 -11.19
N ALA A 27 5.26 -4.41 -11.97
CA ALA A 27 6.44 -5.15 -12.39
C ALA A 27 7.37 -5.45 -11.21
N ALA A 28 7.18 -4.79 -10.07
CA ALA A 28 8.00 -4.97 -8.88
C ALA A 28 7.36 -5.90 -7.85
N PHE A 29 6.09 -6.26 -8.02
CA PHE A 29 5.39 -7.13 -7.08
C PHE A 29 4.71 -8.37 -7.67
N ILE A 30 4.74 -8.50 -9.01
CA ILE A 30 4.12 -9.59 -9.72
C ILE A 30 4.85 -10.94 -9.60
N PRO A 31 6.18 -11.02 -9.34
CA PRO A 31 6.88 -12.29 -9.38
C PRO A 31 6.53 -13.19 -8.18
N PHE A 32 5.92 -12.62 -7.14
CA PHE A 32 5.58 -13.38 -5.94
C PHE A 32 4.20 -14.00 -6.11
N GLY A 33 3.40 -13.49 -7.05
CA GLY A 33 2.06 -13.97 -7.32
C GLY A 33 1.26 -12.94 -8.11
N ASP A 34 0.13 -13.36 -8.69
CA ASP A 34 -0.68 -12.49 -9.51
C ASP A 34 -1.32 -11.31 -8.79
N ILE A 35 -1.31 -10.14 -9.44
CA ILE A 35 -1.87 -8.91 -8.88
C ILE A 35 -3.27 -8.67 -9.43
N THR A 36 -4.14 -8.11 -8.59
CA THR A 36 -5.51 -7.79 -8.96
C THR A 36 -5.58 -6.28 -9.19
N ASP A 37 -4.91 -5.50 -8.33
CA ASP A 37 -4.97 -4.05 -8.32
C ASP A 37 -3.81 -3.37 -7.61
N ILE A 38 -3.67 -2.06 -7.86
CA ILE A 38 -2.67 -1.20 -7.21
C ILE A 38 -3.31 0.18 -7.03
N GLN A 39 -2.94 0.89 -5.96
CA GLN A 39 -3.53 2.19 -5.66
C GLN A 39 -2.46 3.16 -5.16
N ILE A 40 -2.57 4.43 -5.59
CA ILE A 40 -1.62 5.46 -5.21
C ILE A 40 -2.38 6.78 -5.02
N PRO A 41 -2.23 7.44 -3.87
CA PRO A 41 -2.84 8.73 -3.58
C PRO A 41 -2.10 9.82 -4.35
N LEU A 42 -2.76 10.96 -4.59
CA LEU A 42 -2.14 12.08 -5.30
C LEU A 42 -2.65 13.40 -4.72
N ASP A 43 -1.73 14.38 -4.65
CA ASP A 43 -2.06 15.73 -4.23
C ASP A 43 -2.53 16.57 -5.42
N TYR A 44 -3.76 17.09 -5.38
CA TYR A 44 -4.32 17.85 -6.49
C TYR A 44 -3.61 19.15 -6.88
N GLU A 45 -2.64 19.58 -6.08
CA GLU A 45 -1.88 20.80 -6.33
C GLU A 45 -0.78 20.57 -7.38
N THR A 46 -0.40 19.31 -7.62
CA THR A 46 0.70 18.99 -8.53
C THR A 46 0.58 17.59 -9.13
N GLU A 47 -0.41 16.80 -8.69
CA GLU A 47 -0.59 15.43 -9.16
C GLU A 47 0.64 14.56 -8.88
N LYS A 48 1.15 14.62 -7.64
CA LYS A 48 2.29 13.84 -7.19
C LYS A 48 1.95 13.14 -5.89
N HIS A 49 2.78 12.15 -5.49
CA HIS A 49 2.57 11.40 -4.26
C HIS A 49 3.78 11.51 -3.34
N ARG A 50 3.59 11.15 -2.06
CA ARG A 50 4.60 11.26 -1.02
C ARG A 50 5.64 10.14 -1.12
N GLY A 51 5.49 9.22 -2.07
CA GLY A 51 6.41 8.10 -2.24
C GLY A 51 5.95 6.87 -1.48
N PHE A 52 4.65 6.61 -1.47
CA PHE A 52 4.13 5.42 -0.81
C PHE A 52 2.82 5.10 -1.56
N ALA A 53 2.41 3.84 -1.48
CA ALA A 53 1.28 3.31 -2.23
C ALA A 53 0.72 2.05 -1.56
N PHE A 54 -0.26 1.41 -2.21
CA PHE A 54 -0.80 0.13 -1.75
C PHE A 54 -0.84 -0.80 -2.97
N VAL A 55 -0.84 -2.11 -2.71
CA VAL A 55 -0.90 -3.13 -3.73
C VAL A 55 -1.94 -4.16 -3.30
N GLU A 56 -2.54 -4.87 -4.26
CA GLU A 56 -3.55 -5.89 -3.98
C GLU A 56 -3.37 -7.11 -4.87
N PHE A 57 -3.11 -8.26 -4.23
CA PHE A 57 -2.98 -9.55 -4.89
C PHE A 57 -4.30 -10.28 -5.16
N GLU A 58 -4.27 -11.32 -6.02
CA GLU A 58 -5.45 -12.17 -6.18
C GLU A 58 -5.33 -13.40 -5.27
N LEU A 59 -4.21 -13.53 -4.55
CA LEU A 59 -3.96 -14.62 -3.63
C LEU A 59 -3.49 -14.09 -2.28
N ALA A 60 -3.89 -14.73 -1.19
CA ALA A 60 -3.53 -14.25 0.14
C ALA A 60 -2.14 -14.74 0.57
N GLU A 61 -1.77 -15.97 0.20
CA GLU A 61 -0.49 -16.52 0.63
C GLU A 61 0.65 -15.86 -0.14
N ASP A 62 0.39 -15.41 -1.37
CA ASP A 62 1.39 -14.73 -2.18
C ASP A 62 1.60 -13.27 -1.79
N ALA A 63 0.60 -12.64 -1.16
CA ALA A 63 0.74 -11.27 -0.70
C ALA A 63 1.64 -11.24 0.55
N ALA A 64 1.46 -12.21 1.44
CA ALA A 64 2.33 -12.32 2.61
C ALA A 64 3.76 -12.67 2.19
N ALA A 65 3.93 -13.38 1.07
CA ALA A 65 5.27 -13.68 0.57
C ALA A 65 5.92 -12.41 0.02
N ALA A 66 5.17 -11.58 -0.69
CA ALA A 66 5.71 -10.34 -1.26
C ALA A 66 6.06 -9.35 -0.15
N ILE A 67 5.36 -9.42 0.99
CA ILE A 67 5.65 -8.56 2.12
C ILE A 67 7.00 -8.94 2.74
N ASP A 68 7.29 -10.24 2.82
CA ASP A 68 8.54 -10.72 3.41
C ASP A 68 9.73 -10.59 2.46
N ASN A 69 9.46 -10.59 1.15
CA ASN A 69 10.50 -10.57 0.14
C ASN A 69 10.85 -9.16 -0.37
N MET A 70 10.08 -8.14 0.03
CA MET A 70 10.34 -6.77 -0.39
C MET A 70 10.47 -5.81 0.79
N ASN A 71 10.38 -6.30 2.03
CA ASN A 71 10.58 -5.46 3.20
C ASN A 71 12.05 -5.04 3.24
N GLU A 72 12.29 -3.76 3.50
CA GLU A 72 13.63 -3.18 3.56
C GLU A 72 14.42 -3.39 2.25
N SER A 73 13.72 -3.78 1.18
CA SER A 73 14.33 -3.98 -0.12
C SER A 73 14.53 -2.64 -0.81
N GLU A 74 14.83 -2.65 -2.10
CA GLU A 74 15.15 -1.46 -2.86
C GLU A 74 14.41 -1.42 -4.20
N LEU A 75 14.04 -0.19 -4.59
CA LEU A 75 13.45 0.12 -5.87
C LEU A 75 13.86 1.54 -6.24
N PHE A 76 13.99 1.83 -7.54
CA PHE A 76 14.32 3.18 -7.97
C PHE A 76 15.62 3.79 -7.45
N GLY A 77 16.48 2.98 -6.84
CA GLY A 77 17.76 3.44 -6.31
C GLY A 77 17.68 3.86 -4.84
N ARG A 78 16.59 3.51 -4.16
CA ARG A 78 16.41 3.82 -2.75
C ARG A 78 15.71 2.69 -2.00
N THR A 79 15.90 2.65 -0.69
CA THR A 79 15.23 1.69 0.19
C THR A 79 13.72 1.87 0.29
N ILE A 80 12.98 0.76 0.39
CA ILE A 80 11.53 0.79 0.49
C ILE A 80 11.08 -0.08 1.66
N ARG A 81 9.85 0.15 2.12
CA ARG A 81 9.22 -0.63 3.18
C ARG A 81 7.98 -1.29 2.61
N VAL A 82 7.63 -2.47 3.14
CA VAL A 82 6.49 -3.25 2.70
C VAL A 82 5.89 -3.99 3.88
N ASN A 83 4.58 -3.89 4.06
CA ASN A 83 3.89 -4.48 5.19
C ASN A 83 2.39 -4.55 4.94
N LEU A 84 1.65 -5.22 5.81
CA LEU A 84 0.21 -5.37 5.66
C LEU A 84 -0.49 -4.02 5.78
N ALA A 85 -1.69 -3.91 5.19
CA ALA A 85 -2.49 -2.70 5.24
C ALA A 85 -3.97 -3.06 5.32
N LYS A 86 -4.78 -2.18 5.90
CA LYS A 86 -6.22 -2.42 5.99
C LYS A 86 -6.80 -2.36 4.57
N PRO A 87 -7.59 -3.37 4.17
CA PRO A 87 -8.30 -3.35 2.90
C PRO A 87 -9.24 -2.15 2.81
N MET A 88 -9.77 -1.89 1.62
CA MET A 88 -10.73 -0.81 1.44
C MET A 88 -12.01 -1.11 2.22
N ARG A 89 -12.74 -0.06 2.59
CA ARG A 89 -13.96 -0.16 3.38
C ARG A 89 -13.74 -0.83 4.74
N ILE A 90 -12.49 -0.84 5.23
CA ILE A 90 -12.15 -1.40 6.53
C ILE A 90 -11.29 -0.39 7.30
N LYS A 91 -11.46 -0.32 8.63
CA LYS A 91 -10.77 0.66 9.47
C LYS A 91 -10.53 0.17 10.90
N GLU A 92 -10.92 -1.06 11.23
CA GLU A 92 -10.84 -1.58 12.59
C GLU A 92 -9.41 -1.89 13.01
N GLY A 93 -9.22 -2.15 14.31
CA GLY A 93 -7.93 -2.42 14.93
C GLY A 93 -7.44 -3.84 14.66
N SER A 94 -7.20 -4.60 15.74
CA SER A 94 -6.67 -5.96 15.67
C SER A 94 -5.31 -5.97 14.97
N SER A 95 -5.17 -6.74 13.88
CA SER A 95 -3.93 -6.88 13.12
C SER A 95 -3.58 -5.62 12.32
N ARG A 96 -4.00 -4.44 12.78
CA ARG A 96 -3.76 -3.18 12.08
C ARG A 96 -2.25 -2.89 11.95
N PRO A 97 -1.86 -2.12 10.93
CA PRO A 97 -0.51 -1.62 10.76
C PRO A 97 -0.05 -0.72 11.91
N VAL A 98 1.21 -0.27 11.86
CA VAL A 98 1.80 0.58 12.89
C VAL A 98 1.97 2.04 12.47
N TRP A 99 1.80 2.33 11.18
CA TRP A 99 1.88 3.68 10.65
C TRP A 99 0.55 4.44 10.84
N SER A 100 0.44 5.63 10.25
CA SER A 100 -0.75 6.50 10.35
C SER A 100 -1.95 5.95 9.59
N ASP A 101 -2.22 4.65 9.71
CA ASP A 101 -3.32 3.99 9.03
C ASP A 101 -4.67 4.66 9.26
N ASP A 102 -4.95 5.10 10.49
CA ASP A 102 -6.23 5.69 10.82
C ASP A 102 -6.56 6.95 10.04
N ASP A 103 -5.61 7.88 9.95
CA ASP A 103 -5.84 9.15 9.27
C ASP A 103 -5.81 9.06 7.75
N TRP A 104 -4.99 8.16 7.20
CA TRP A 104 -4.86 8.03 5.76
C TRP A 104 -6.00 7.22 5.15
N LEU A 105 -6.36 6.08 5.74
CA LEU A 105 -7.41 5.25 5.17
C LEU A 105 -8.77 5.91 5.39
N LYS A 106 -8.93 6.68 6.47
CA LYS A 106 -10.16 7.43 6.70
C LYS A 106 -10.24 8.62 5.74
N LYS A 107 -9.09 9.15 5.32
CA LYS A 107 -9.05 10.27 4.40
C LYS A 107 -9.47 9.87 3.00
N PHE A 108 -8.97 8.73 2.51
CA PHE A 108 -9.23 8.28 1.14
C PHE A 108 -10.65 7.74 1.00
N SER A 109 -11.15 7.04 2.02
CA SER A 109 -12.53 6.56 2.00
C SER A 109 -13.49 7.69 2.37
N GLY A 110 -12.94 8.78 2.92
CA GLY A 110 -13.66 9.97 3.29
C GLY A 110 -13.51 11.03 2.20
N LYS A 111 -12.66 12.03 2.47
CA LYS A 111 -12.42 13.17 1.60
C LYS A 111 -11.20 13.92 2.09
N THR A 112 -10.66 14.84 1.29
CA THR A 112 -9.57 15.72 1.70
C THR A 112 -9.87 16.54 2.96
N LEU A 113 -8.84 16.88 3.73
CA LEU A 113 -9.00 17.63 4.97
C LEU A 113 -9.31 19.12 4.72
N GLU A 114 -9.42 19.53 3.45
CA GLU A 114 -9.69 20.89 3.05
C GLU A 114 -8.64 21.89 3.53
N GLU A 115 -8.81 23.17 3.18
CA GLU A 115 -7.91 24.24 3.60
C GLU A 115 -8.29 24.73 5.00
N ASN A 116 -9.44 24.26 5.51
CA ASN A 116 -9.99 24.69 6.78
C ASN A 116 -9.24 24.08 7.97
N LYS A 117 -8.11 23.41 7.70
CA LYS A 117 -7.29 22.73 8.70
C LYS A 117 -5.82 23.03 8.48
N ALA A 1 -8.95 -13.90 8.40
CA ALA A 1 -8.43 -14.55 7.17
C ALA A 1 -7.72 -15.86 7.52
N GLY A 2 -7.40 -16.65 6.50
CA GLY A 2 -6.76 -17.96 6.69
C GLY A 2 -5.28 -17.87 7.05
N HIS A 3 -4.72 -16.64 7.12
CA HIS A 3 -3.30 -16.45 7.41
C HIS A 3 -3.07 -15.29 8.38
N MET A 4 -4.12 -14.53 8.71
CA MET A 4 -3.98 -13.32 9.52
C MET A 4 -5.33 -12.89 10.08
N ALA A 5 -5.32 -12.04 11.10
CA ALA A 5 -6.53 -11.50 11.70
C ALA A 5 -7.26 -10.54 10.75
N THR A 6 -6.61 -10.16 9.64
CA THR A 6 -7.18 -9.30 8.62
C THR A 6 -6.80 -9.74 7.21
N THR A 7 -7.54 -9.29 6.20
CA THR A 7 -7.27 -9.73 4.84
C THR A 7 -5.87 -9.37 4.33
N LYS A 8 -5.17 -10.37 3.79
CA LYS A 8 -3.82 -10.17 3.28
C LYS A 8 -3.88 -9.67 1.82
N ARG A 9 -5.08 -9.56 1.27
CA ARG A 9 -5.29 -9.17 -0.13
C ARG A 9 -4.85 -7.74 -0.43
N VAL A 10 -4.39 -7.00 0.58
CA VAL A 10 -3.93 -5.62 0.43
C VAL A 10 -2.64 -5.43 1.23
N LEU A 11 -1.71 -4.63 0.71
CA LEU A 11 -0.45 -4.36 1.39
C LEU A 11 0.06 -2.96 1.06
N TYR A 12 0.87 -2.41 1.97
CA TYR A 12 1.50 -1.11 1.88
C TYR A 12 2.89 -1.08 1.25
N VAL A 13 3.25 0.03 0.63
CA VAL A 13 4.57 0.23 0.05
C VAL A 13 5.09 1.65 0.31
N GLY A 14 6.37 1.80 0.64
CA GLY A 14 6.94 3.11 0.95
C GLY A 14 8.42 3.17 0.64
N GLY A 15 9.01 4.37 0.69
CA GLY A 15 10.42 4.58 0.41
C GLY A 15 10.71 4.68 -1.08
N LEU A 16 9.65 4.73 -1.91
CA LEU A 16 9.77 4.74 -3.36
C LEU A 16 10.29 6.09 -3.90
N ALA A 17 10.70 6.10 -5.16
CA ALA A 17 11.02 7.33 -5.87
C ALA A 17 9.73 7.97 -6.39
N GLU A 18 9.78 9.24 -6.78
CA GLU A 18 8.60 9.94 -7.28
C GLU A 18 8.26 9.55 -8.71
N GLU A 19 9.17 8.86 -9.40
CA GLU A 19 8.97 8.40 -10.77
C GLU A 19 8.02 7.21 -10.77
N VAL A 20 8.04 6.47 -9.66
CA VAL A 20 7.25 5.26 -9.47
C VAL A 20 5.77 5.56 -9.64
N ASP A 21 5.08 4.66 -10.35
CA ASP A 21 3.64 4.72 -10.56
C ASP A 21 3.05 3.31 -10.52
N ASP A 22 1.74 3.20 -10.69
CA ASP A 22 1.06 1.92 -10.62
C ASP A 22 1.44 0.91 -11.72
N LYS A 23 2.29 1.32 -12.66
CA LYS A 23 2.74 0.45 -13.73
C LYS A 23 4.03 -0.25 -13.31
N VAL A 24 4.98 0.49 -12.74
CA VAL A 24 6.23 -0.09 -12.27
C VAL A 24 6.04 -1.00 -11.07
N LEU A 25 5.10 -0.64 -10.19
CA LEU A 25 4.78 -1.43 -9.01
C LEU A 25 4.17 -2.76 -9.42
N HIS A 26 3.42 -2.81 -10.52
CA HIS A 26 2.84 -4.07 -10.96
C HIS A 26 3.96 -5.02 -11.36
N ALA A 27 4.89 -4.53 -12.17
CA ALA A 27 6.02 -5.34 -12.62
C ALA A 27 6.97 -5.67 -11.45
N ALA A 28 6.90 -4.90 -10.36
CA ALA A 28 7.75 -5.11 -9.20
C ALA A 28 7.13 -6.05 -8.16
N PHE A 29 5.84 -6.37 -8.30
CA PHE A 29 5.15 -7.23 -7.34
C PHE A 29 4.41 -8.44 -7.93
N ILE A 30 4.37 -8.55 -9.26
CA ILE A 30 3.66 -9.63 -9.93
C ILE A 30 4.33 -11.02 -9.86
N PRO A 31 5.66 -11.15 -9.67
CA PRO A 31 6.29 -12.46 -9.74
C PRO A 31 5.96 -13.35 -8.53
N PHE A 32 5.41 -12.77 -7.46
CA PHE A 32 5.10 -13.54 -6.26
C PHE A 32 3.68 -14.10 -6.36
N GLY A 33 2.86 -13.55 -7.25
CA GLY A 33 1.48 -13.98 -7.45
C GLY A 33 0.69 -12.93 -8.21
N ASP A 34 -0.50 -13.30 -8.71
CA ASP A 34 -1.31 -12.40 -9.50
C ASP A 34 -1.87 -11.18 -8.75
N ILE A 35 -1.74 -10.01 -9.36
CA ILE A 35 -2.21 -8.75 -8.80
C ILE A 35 -3.63 -8.44 -9.26
N THR A 36 -4.41 -7.80 -8.39
CA THR A 36 -5.76 -7.36 -8.70
C THR A 36 -5.91 -5.86 -8.91
N ASP A 37 -5.15 -5.08 -8.13
CA ASP A 37 -5.18 -3.63 -8.14
C ASP A 37 -3.95 -2.98 -7.51
N ILE A 38 -3.75 -1.69 -7.80
CA ILE A 38 -2.69 -0.88 -7.22
C ILE A 38 -3.23 0.53 -7.04
N GLN A 39 -2.83 1.20 -5.94
CA GLN A 39 -3.34 2.52 -5.62
C GLN A 39 -2.20 3.44 -5.19
N ILE A 40 -2.30 4.72 -5.57
CA ILE A 40 -1.30 5.72 -5.25
C ILE A 40 -2.01 7.03 -4.87
N PRO A 41 -1.90 7.46 -3.60
CA PRO A 41 -2.51 8.69 -3.12
C PRO A 41 -1.72 9.90 -3.61
N LEU A 42 -2.36 11.07 -3.59
CA LEU A 42 -1.74 12.32 -4.02
C LEU A 42 -2.17 13.45 -3.08
N ASP A 43 -1.23 14.33 -2.73
CA ASP A 43 -1.52 15.49 -1.89
C ASP A 43 -1.93 16.75 -2.65
N TYR A 44 -2.80 17.56 -2.05
CA TYR A 44 -3.34 18.74 -2.71
C TYR A 44 -2.38 19.89 -3.00
N GLU A 45 -1.25 19.95 -2.27
CA GLU A 45 -0.31 21.06 -2.38
C GLU A 45 0.61 20.93 -3.60
N THR A 46 0.62 19.78 -4.27
CA THR A 46 1.49 19.56 -5.43
C THR A 46 1.00 18.45 -6.37
N GLU A 47 -0.01 17.69 -5.95
CA GLU A 47 -0.56 16.57 -6.72
C GLU A 47 0.48 15.48 -7.00
N LYS A 48 1.36 15.22 -6.02
CA LYS A 48 2.39 14.18 -6.13
C LYS A 48 2.26 13.22 -4.95
N HIS A 49 2.88 12.04 -5.06
CA HIS A 49 2.92 11.07 -3.97
C HIS A 49 4.26 11.17 -3.25
N ARG A 50 4.30 10.70 -2.00
CA ARG A 50 5.49 10.82 -1.14
C ARG A 50 6.35 9.56 -1.17
N GLY A 51 6.36 8.84 -2.30
CA GLY A 51 7.11 7.60 -2.42
C GLY A 51 6.36 6.46 -1.72
N PHE A 52 5.03 6.52 -1.77
CA PHE A 52 4.15 5.61 -1.04
C PHE A 52 2.90 5.22 -1.81
N ALA A 53 2.52 3.93 -1.71
CA ALA A 53 1.43 3.34 -2.47
C ALA A 53 0.89 2.09 -1.79
N PHE A 54 -0.15 1.49 -2.37
CA PHE A 54 -0.72 0.23 -1.92
C PHE A 54 -0.79 -0.73 -3.10
N VAL A 55 -0.80 -2.03 -2.83
CA VAL A 55 -0.88 -3.08 -3.82
C VAL A 55 -1.91 -4.12 -3.36
N GLU A 56 -2.59 -4.76 -4.31
CA GLU A 56 -3.62 -5.74 -3.99
C GLU A 56 -3.46 -7.01 -4.82
N PHE A 57 -3.66 -8.16 -4.16
CA PHE A 57 -3.53 -9.49 -4.77
C PHE A 57 -4.83 -10.27 -4.85
N GLU A 58 -4.92 -11.28 -5.72
CA GLU A 58 -6.09 -12.15 -5.77
C GLU A 58 -5.85 -13.43 -4.97
N LEU A 59 -4.72 -13.52 -4.28
CA LEU A 59 -4.38 -14.67 -3.44
C LEU A 59 -3.76 -14.15 -2.13
N ALA A 60 -4.23 -14.67 -0.99
CA ALA A 60 -3.77 -14.17 0.30
C ALA A 60 -2.38 -14.70 0.68
N GLU A 61 -2.04 -15.93 0.28
CA GLU A 61 -0.74 -16.49 0.62
C GLU A 61 0.37 -15.89 -0.24
N ASP A 62 0.03 -15.47 -1.46
CA ASP A 62 1.00 -14.83 -2.35
C ASP A 62 1.30 -13.39 -1.97
N ALA A 63 0.36 -12.72 -1.30
CA ALA A 63 0.56 -11.37 -0.84
C ALA A 63 1.51 -11.37 0.36
N ALA A 64 1.39 -12.36 1.24
CA ALA A 64 2.29 -12.52 2.37
C ALA A 64 3.70 -12.82 1.88
N ALA A 65 3.83 -13.53 0.76
CA ALA A 65 5.14 -13.83 0.19
C ALA A 65 5.78 -12.57 -0.40
N ALA A 66 4.99 -11.71 -1.04
CA ALA A 66 5.52 -10.50 -1.63
C ALA A 66 5.97 -9.51 -0.55
N ILE A 67 5.36 -9.56 0.63
CA ILE A 67 5.79 -8.73 1.75
C ILE A 67 7.15 -9.22 2.24
N ASP A 68 7.29 -10.54 2.41
CA ASP A 68 8.51 -11.14 2.90
C ASP A 68 9.67 -11.20 1.90
N ASN A 69 9.40 -10.84 0.64
CA ASN A 69 10.40 -10.85 -0.42
C ASN A 69 10.73 -9.45 -0.95
N MET A 70 10.03 -8.41 -0.48
CA MET A 70 10.31 -7.04 -0.91
C MET A 70 10.50 -6.07 0.26
N ASN A 71 10.34 -6.53 1.51
CA ASN A 71 10.59 -5.68 2.65
C ASN A 71 12.08 -5.36 2.71
N GLU A 72 12.40 -4.08 2.92
CA GLU A 72 13.77 -3.58 2.99
C GLU A 72 14.58 -3.85 1.71
N SER A 73 13.90 -4.23 0.63
CA SER A 73 14.54 -4.44 -0.67
C SER A 73 14.75 -3.11 -1.40
N GLU A 74 15.35 -3.17 -2.58
CA GLU A 74 15.61 -2.00 -3.41
C GLU A 74 14.62 -1.89 -4.56
N LEU A 75 14.24 -0.64 -4.89
CA LEU A 75 13.37 -0.31 -6.02
C LEU A 75 13.70 1.12 -6.44
N PHE A 76 13.83 1.36 -7.74
CA PHE A 76 14.19 2.69 -8.25
C PHE A 76 15.51 3.30 -7.76
N GLY A 77 16.42 2.46 -7.25
CA GLY A 77 17.73 2.92 -6.80
C GLY A 77 17.76 3.32 -5.32
N ARG A 78 16.72 2.95 -4.56
CA ARG A 78 16.66 3.24 -3.13
C ARG A 78 15.93 2.13 -2.39
N THR A 79 16.16 2.05 -1.08
CA THR A 79 15.47 1.10 -0.22
C THR A 79 13.98 1.39 -0.02
N ILE A 80 13.16 0.35 0.11
CA ILE A 80 11.72 0.49 0.25
C ILE A 80 11.23 -0.31 1.45
N ARG A 81 9.96 -0.10 1.81
CA ARG A 81 9.30 -0.83 2.87
C ARG A 81 8.07 -1.53 2.29
N VAL A 82 7.72 -2.69 2.85
CA VAL A 82 6.56 -3.46 2.42
C VAL A 82 5.97 -4.19 3.62
N ASN A 83 4.66 -4.07 3.83
CA ASN A 83 4.00 -4.68 4.97
C ASN A 83 2.49 -4.71 4.77
N LEU A 84 1.78 -5.48 5.59
CA LEU A 84 0.33 -5.57 5.52
C LEU A 84 -0.28 -4.24 5.96
N ALA A 85 -1.16 -3.69 5.12
CA ALA A 85 -1.80 -2.41 5.37
C ALA A 85 -3.17 -2.59 6.04
N LYS A 86 -3.68 -1.51 6.63
CA LYS A 86 -5.04 -1.48 7.14
C LYS A 86 -5.99 -1.50 5.94
N PRO A 87 -6.95 -2.43 5.90
CA PRO A 87 -7.82 -2.60 4.74
C PRO A 87 -8.78 -1.42 4.59
N MET A 88 -9.19 -1.15 3.34
CA MET A 88 -10.18 -0.12 3.03
C MET A 88 -11.59 -0.65 3.32
N ARG A 89 -11.68 -1.92 3.71
CA ARG A 89 -12.92 -2.60 4.03
C ARG A 89 -12.83 -3.17 5.46
N ILE A 90 -13.83 -3.97 5.86
CA ILE A 90 -13.94 -4.52 7.21
C ILE A 90 -14.17 -3.42 8.24
N LYS A 91 -14.82 -3.76 9.36
CA LYS A 91 -15.18 -2.78 10.38
C LYS A 91 -13.95 -2.20 11.10
N GLU A 92 -12.89 -2.99 11.28
CA GLU A 92 -11.64 -2.51 11.87
C GLU A 92 -10.47 -3.47 11.63
N GLY A 93 -10.75 -4.72 11.25
CA GLY A 93 -9.72 -5.72 10.96
C GLY A 93 -9.02 -6.24 12.20
N SER A 94 -9.30 -5.66 13.37
CA SER A 94 -8.75 -6.02 14.68
C SER A 94 -7.21 -6.09 14.69
N SER A 95 -6.57 -5.53 13.67
CA SER A 95 -5.12 -5.50 13.55
C SER A 95 -4.76 -4.37 12.59
N ARG A 96 -3.68 -3.63 12.88
CA ARG A 96 -3.33 -2.46 12.09
C ARG A 96 -1.80 -2.30 12.02
N PRO A 97 -1.31 -1.56 11.01
CA PRO A 97 0.11 -1.27 10.82
C PRO A 97 0.69 -0.43 11.95
N VAL A 98 2.00 -0.17 11.88
CA VAL A 98 2.73 0.62 12.86
C VAL A 98 3.00 2.05 12.40
N TRP A 99 2.81 2.33 11.11
CA TRP A 99 2.94 3.66 10.56
C TRP A 99 1.68 4.49 10.79
N SER A 100 1.65 5.71 10.26
CA SER A 100 0.54 6.66 10.44
C SER A 100 -0.70 6.27 9.63
N ASP A 101 -1.12 5.00 9.67
CA ASP A 101 -2.30 4.56 8.94
C ASP A 101 -3.54 5.35 9.36
N ASP A 102 -3.57 5.88 10.59
CA ASP A 102 -4.72 6.64 11.05
C ASP A 102 -4.93 7.96 10.30
N ASP A 103 -3.85 8.72 10.11
CA ASP A 103 -3.93 10.01 9.45
C ASP A 103 -3.99 9.93 7.93
N TRP A 104 -3.40 8.89 7.34
CA TRP A 104 -3.37 8.74 5.90
C TRP A 104 -4.67 8.15 5.37
N LEU A 105 -5.19 7.10 6.01
CA LEU A 105 -6.44 6.50 5.55
C LEU A 105 -7.62 7.44 5.87
N LYS A 106 -7.51 8.24 6.94
CA LYS A 106 -8.55 9.22 7.24
C LYS A 106 -8.49 10.39 6.27
N LYS A 107 -7.29 10.68 5.73
CA LYS A 107 -7.12 11.78 4.78
C LYS A 107 -7.81 11.47 3.46
N PHE A 108 -7.73 10.24 2.97
CA PHE A 108 -8.35 9.90 1.70
C PHE A 108 -9.86 9.84 1.93
N SER A 109 -10.28 9.50 3.16
CA SER A 109 -11.70 9.47 3.51
C SER A 109 -12.26 10.88 3.66
N GLY A 110 -11.42 11.84 4.07
CA GLY A 110 -11.82 13.23 4.25
C GLY A 110 -11.78 14.00 2.93
N LYS A 111 -11.14 13.43 1.90
CA LYS A 111 -11.02 14.04 0.58
C LYS A 111 -10.40 15.43 0.69
N THR A 112 -10.72 16.33 -0.25
CA THR A 112 -10.16 17.67 -0.31
C THR A 112 -10.40 18.54 0.92
N LEU A 113 -9.44 19.41 1.26
CA LEU A 113 -9.55 20.30 2.42
C LEU A 113 -10.57 21.42 2.19
N GLU A 114 -11.11 21.54 0.98
CA GLU A 114 -12.07 22.58 0.64
C GLU A 114 -13.44 22.35 1.31
N GLU A 115 -13.59 21.25 2.04
CA GLU A 115 -14.82 20.92 2.75
C GLU A 115 -14.53 20.20 4.05
N ASN A 116 -13.26 20.16 4.46
CA ASN A 116 -12.83 19.49 5.69
C ASN A 116 -13.01 20.42 6.90
N LYS A 117 -13.53 21.63 6.67
CA LYS A 117 -13.75 22.61 7.73
C LYS A 117 -14.84 22.15 8.69
N ALA A 1 -9.65 -13.09 8.74
CA ALA A 1 -9.32 -13.69 7.43
C ALA A 1 -8.62 -15.03 7.62
N GLY A 2 -8.37 -15.74 6.51
CA GLY A 2 -7.76 -17.07 6.54
C GLY A 2 -6.27 -17.07 6.86
N HIS A 3 -5.66 -15.88 7.04
CA HIS A 3 -4.22 -15.78 7.30
C HIS A 3 -3.89 -14.68 8.32
N MET A 4 -4.85 -13.82 8.66
CA MET A 4 -4.58 -12.65 9.50
C MET A 4 -5.89 -12.08 10.03
N ALA A 5 -5.82 -11.16 10.99
CA ALA A 5 -6.99 -10.48 11.55
C ALA A 5 -7.68 -9.58 10.52
N THR A 6 -7.06 -9.39 9.36
CA THR A 6 -7.63 -8.66 8.24
C THR A 6 -7.27 -9.27 6.89
N THR A 7 -8.04 -8.99 5.84
CA THR A 7 -7.72 -9.57 4.55
C THR A 7 -6.35 -9.18 4.03
N LYS A 8 -5.57 -10.18 3.62
CA LYS A 8 -4.20 -9.98 3.15
C LYS A 8 -4.18 -9.43 1.73
N ARG A 9 -5.35 -9.31 1.10
CA ARG A 9 -5.51 -8.92 -0.29
C ARG A 9 -4.94 -7.53 -0.60
N VAL A 10 -4.62 -6.74 0.42
CA VAL A 10 -4.05 -5.41 0.24
C VAL A 10 -2.78 -5.27 1.06
N LEU A 11 -1.81 -4.50 0.56
CA LEU A 11 -0.55 -4.26 1.26
C LEU A 11 0.02 -2.89 0.92
N TYR A 12 0.83 -2.37 1.84
CA TYR A 12 1.52 -1.08 1.74
C TYR A 12 2.95 -1.13 1.21
N VAL A 13 3.40 -0.03 0.59
CA VAL A 13 4.75 0.11 0.06
C VAL A 13 5.28 1.52 0.33
N GLY A 14 6.58 1.66 0.60
CA GLY A 14 7.18 2.95 0.87
C GLY A 14 8.67 2.97 0.61
N GLY A 15 9.28 4.17 0.66
CA GLY A 15 10.70 4.35 0.42
C GLY A 15 11.02 4.52 -1.08
N LEU A 16 9.98 4.68 -1.90
CA LEU A 16 10.09 4.74 -3.35
C LEU A 16 10.54 6.11 -3.86
N ALA A 17 11.03 6.13 -5.11
CA ALA A 17 11.40 7.36 -5.81
C ALA A 17 10.14 8.04 -6.38
N GLU A 18 10.31 9.22 -6.99
CA GLU A 18 9.19 10.01 -7.49
C GLU A 18 8.61 9.46 -8.79
N GLU A 19 9.33 8.56 -9.46
CA GLU A 19 8.92 8.00 -10.74
C GLU A 19 8.41 6.56 -10.62
N VAL A 20 8.27 6.06 -9.38
CA VAL A 20 7.76 4.72 -9.11
C VAL A 20 6.23 4.65 -9.23
N ASP A 21 5.73 4.92 -10.45
CA ASP A 21 4.32 4.87 -10.76
C ASP A 21 3.71 3.48 -10.69
N ASP A 22 2.38 3.38 -10.80
CA ASP A 22 1.68 2.11 -10.65
C ASP A 22 2.03 1.07 -11.70
N LYS A 23 2.59 1.52 -12.83
CA LYS A 23 3.01 0.64 -13.92
C LYS A 23 4.27 -0.13 -13.49
N VAL A 24 5.17 0.55 -12.79
CA VAL A 24 6.41 -0.06 -12.34
C VAL A 24 6.20 -0.96 -11.12
N LEU A 25 5.24 -0.60 -10.27
CA LEU A 25 4.89 -1.39 -9.10
C LEU A 25 4.24 -2.70 -9.52
N HIS A 26 3.48 -2.69 -10.61
CA HIS A 26 2.87 -3.92 -11.09
C HIS A 26 3.97 -4.87 -11.54
N ALA A 27 4.92 -4.37 -12.34
CA ALA A 27 6.02 -5.18 -12.80
C ALA A 27 6.97 -5.58 -11.66
N ALA A 28 6.86 -4.93 -10.50
CA ALA A 28 7.71 -5.20 -9.35
C ALA A 28 7.03 -6.08 -8.30
N PHE A 29 5.72 -6.35 -8.45
CA PHE A 29 4.98 -7.17 -7.51
C PHE A 29 4.18 -8.33 -8.09
N ILE A 30 4.16 -8.45 -9.42
CA ILE A 30 3.41 -9.49 -10.11
C ILE A 30 4.04 -10.90 -10.02
N PRO A 31 5.35 -11.08 -9.82
CA PRO A 31 5.95 -12.41 -9.88
C PRO A 31 5.58 -13.28 -8.68
N PHE A 32 5.02 -12.69 -7.62
CA PHE A 32 4.67 -13.44 -6.41
C PHE A 32 3.23 -13.95 -6.55
N GLY A 33 2.44 -13.34 -7.45
CA GLY A 33 1.06 -13.72 -7.68
C GLY A 33 0.32 -12.61 -8.42
N ASP A 34 -0.86 -12.94 -8.97
CA ASP A 34 -1.61 -11.97 -9.76
C ASP A 34 -2.13 -10.76 -9.00
N ILE A 35 -1.97 -9.58 -9.60
CA ILE A 35 -2.40 -8.31 -9.02
C ILE A 35 -3.81 -7.95 -9.49
N THR A 36 -4.53 -7.20 -8.65
CA THR A 36 -5.85 -6.70 -8.96
C THR A 36 -5.96 -5.19 -9.08
N ASP A 37 -5.12 -4.45 -8.35
CA ASP A 37 -5.16 -3.00 -8.38
C ASP A 37 -3.90 -2.48 -7.69
N ILE A 38 -3.62 -1.19 -7.90
CA ILE A 38 -2.52 -0.47 -7.29
C ILE A 38 -2.98 0.97 -7.07
N GLN A 39 -2.58 1.59 -5.94
CA GLN A 39 -3.03 2.93 -5.61
C GLN A 39 -1.84 3.81 -5.25
N ILE A 40 -1.89 5.08 -5.63
CA ILE A 40 -0.81 6.03 -5.41
C ILE A 40 -1.38 7.40 -5.05
N PRO A 41 -0.93 8.00 -3.93
CA PRO A 41 -1.36 9.31 -3.47
C PRO A 41 -0.66 10.42 -4.24
N LEU A 42 -1.08 11.68 -4.02
CA LEU A 42 -0.42 12.85 -4.61
C LEU A 42 -0.38 13.97 -3.57
N ASP A 43 0.71 14.72 -3.54
CA ASP A 43 0.86 15.85 -2.63
C ASP A 43 0.14 17.12 -3.08
N TYR A 44 -0.30 17.13 -4.34
CA TYR A 44 -1.01 18.25 -4.96
C TYR A 44 -0.31 19.61 -5.04
N GLU A 45 0.80 19.77 -4.30
CA GLU A 45 1.63 20.97 -4.36
C GLU A 45 2.60 20.88 -5.55
N THR A 46 2.84 19.67 -6.04
CA THR A 46 3.75 19.41 -7.15
C THR A 46 3.31 18.25 -8.06
N GLU A 47 2.11 17.73 -7.82
CA GLU A 47 1.53 16.62 -8.59
C GLU A 47 2.38 15.35 -8.56
N LYS A 48 3.07 15.10 -7.45
CA LYS A 48 3.87 13.90 -7.27
C LYS A 48 3.44 13.13 -6.03
N HIS A 49 3.71 11.82 -6.03
CA HIS A 49 3.38 10.98 -4.89
C HIS A 49 4.46 11.10 -3.81
N ARG A 50 4.11 10.74 -2.57
CA ARG A 50 4.99 10.89 -1.42
C ARG A 50 6.03 9.78 -1.30
N GLY A 51 6.23 9.01 -2.37
CA GLY A 51 7.22 7.94 -2.39
C GLY A 51 6.72 6.68 -1.70
N PHE A 52 5.41 6.47 -1.68
CA PHE A 52 4.84 5.28 -1.06
C PHE A 52 3.51 5.05 -1.79
N ALA A 53 3.01 3.81 -1.71
CA ALA A 53 1.85 3.38 -2.48
C ALA A 53 1.19 2.17 -1.81
N PHE A 54 0.15 1.62 -2.44
CA PHE A 54 -0.51 0.40 -1.98
C PHE A 54 -0.69 -0.51 -3.18
N VAL A 55 -0.79 -1.82 -2.92
CA VAL A 55 -0.95 -2.84 -3.94
C VAL A 55 -2.05 -3.81 -3.50
N GLU A 56 -2.76 -4.39 -4.47
CA GLU A 56 -3.83 -5.33 -4.20
C GLU A 56 -3.67 -6.58 -5.06
N PHE A 57 -3.92 -7.74 -4.45
CA PHE A 57 -3.80 -9.06 -5.08
C PHE A 57 -5.13 -9.80 -5.24
N GLU A 58 -5.20 -10.80 -6.12
CA GLU A 58 -6.41 -11.60 -6.25
C GLU A 58 -6.27 -12.89 -5.42
N LEU A 59 -5.15 -13.06 -4.71
CA LEU A 59 -4.90 -14.20 -3.84
C LEU A 59 -4.33 -13.70 -2.52
N ALA A 60 -4.86 -14.20 -1.40
CA ALA A 60 -4.46 -13.72 -0.09
C ALA A 60 -3.12 -14.30 0.36
N GLU A 61 -2.79 -15.52 -0.04
CA GLU A 61 -1.53 -16.13 0.38
C GLU A 61 -0.36 -15.60 -0.45
N ASP A 62 -0.63 -15.23 -1.72
CA ASP A 62 0.40 -14.64 -2.56
C ASP A 62 0.74 -13.20 -2.20
N ALA A 63 -0.18 -12.51 -1.52
CA ALA A 63 0.05 -11.16 -1.06
C ALA A 63 1.01 -11.18 0.13
N ALA A 64 0.90 -12.18 1.01
CA ALA A 64 1.83 -12.32 2.13
C ALA A 64 3.21 -12.70 1.62
N ALA A 65 3.29 -13.42 0.50
CA ALA A 65 4.58 -13.78 -0.08
C ALA A 65 5.28 -12.55 -0.64
N ALA A 66 4.53 -11.63 -1.25
CA ALA A 66 5.12 -10.42 -1.81
C ALA A 66 5.62 -9.48 -0.71
N ILE A 67 5.02 -9.55 0.48
CA ILE A 67 5.50 -8.76 1.61
C ILE A 67 6.83 -9.32 2.07
N ASP A 68 6.90 -10.65 2.21
CA ASP A 68 8.11 -11.32 2.69
C ASP A 68 9.24 -11.43 1.67
N ASN A 69 8.97 -11.04 0.42
CA ASN A 69 9.96 -11.07 -0.65
C ASN A 69 10.37 -9.68 -1.15
N MET A 70 9.75 -8.62 -0.62
CA MET A 70 10.10 -7.26 -1.02
C MET A 70 10.33 -6.33 0.18
N ASN A 71 10.17 -6.81 1.42
CA ASN A 71 10.44 -6.00 2.59
C ASN A 71 11.95 -5.76 2.69
N GLU A 72 12.33 -4.52 2.94
CA GLU A 72 13.73 -4.08 3.04
C GLU A 72 14.51 -4.35 1.75
N SER A 73 13.81 -4.70 0.67
CA SER A 73 14.41 -4.91 -0.64
C SER A 73 14.67 -3.57 -1.33
N GLU A 74 15.03 -3.61 -2.61
CA GLU A 74 15.37 -2.40 -3.36
C GLU A 74 14.56 -2.27 -4.65
N LEU A 75 14.26 -1.02 -5.01
CA LEU A 75 13.65 -0.64 -6.27
C LEU A 75 14.18 0.75 -6.63
N PHE A 76 14.31 1.02 -7.93
CA PHE A 76 14.72 2.34 -8.39
C PHE A 76 16.06 2.88 -7.88
N GLY A 77 16.90 2.01 -7.30
CA GLY A 77 18.22 2.39 -6.81
C GLY A 77 18.22 2.74 -5.32
N ARG A 78 17.13 2.46 -4.59
CA ARG A 78 17.04 2.74 -3.17
C ARG A 78 16.22 1.68 -2.42
N THR A 79 16.45 1.60 -1.12
CA THR A 79 15.70 0.69 -0.25
C THR A 79 14.22 1.02 -0.11
N ILE A 80 13.38 0.00 0.03
CA ILE A 80 11.94 0.15 0.15
C ILE A 80 11.42 -0.69 1.31
N ARG A 81 10.21 -0.37 1.77
CA ARG A 81 9.52 -1.10 2.82
C ARG A 81 8.23 -1.68 2.25
N VAL A 82 7.80 -2.81 2.80
CA VAL A 82 6.58 -3.49 2.37
C VAL A 82 5.96 -4.19 3.57
N ASN A 83 4.66 -3.97 3.80
CA ASN A 83 3.97 -4.56 4.94
C ASN A 83 2.46 -4.46 4.76
N LEU A 84 1.72 -5.29 5.51
CA LEU A 84 0.27 -5.32 5.44
C LEU A 84 -0.32 -4.02 5.96
N ALA A 85 -1.45 -3.60 5.38
CA ALA A 85 -2.18 -2.41 5.77
C ALA A 85 -3.67 -2.72 5.73
N LYS A 86 -4.46 -2.10 6.61
CA LYS A 86 -5.88 -2.36 6.65
C LYS A 86 -6.52 -1.89 5.34
N PRO A 87 -7.49 -2.65 4.79
CA PRO A 87 -8.14 -2.31 3.54
C PRO A 87 -8.79 -0.94 3.56
N MET A 88 -9.05 -0.37 2.38
CA MET A 88 -9.56 0.98 2.23
C MET A 88 -10.95 1.15 2.84
N ARG A 89 -11.68 0.05 3.07
CA ARG A 89 -13.03 0.08 3.60
C ARG A 89 -13.05 0.27 5.12
N ILE A 90 -11.94 -0.04 5.80
CA ILE A 90 -11.89 0.01 7.25
C ILE A 90 -11.69 1.44 7.74
N LYS A 91 -12.24 1.74 8.93
CA LYS A 91 -12.07 3.01 9.61
C LYS A 91 -11.71 2.79 11.08
N GLU A 92 -11.74 1.53 11.52
CA GLU A 92 -11.45 1.13 12.89
C GLU A 92 -9.95 0.98 13.14
N GLY A 93 -9.63 0.61 14.38
CA GLY A 93 -8.27 0.30 14.76
C GLY A 93 -8.23 -0.50 16.07
N SER A 94 -7.31 -1.47 16.14
CA SER A 94 -7.10 -2.32 17.31
C SER A 94 -5.73 -2.96 17.22
N SER A 95 -5.25 -3.16 15.98
CA SER A 95 -3.91 -3.60 15.66
C SER A 95 -3.54 -2.96 14.32
N ARG A 96 -2.34 -2.37 14.22
CA ARG A 96 -2.01 -1.55 13.06
C ARG A 96 -0.49 -1.36 12.90
N PRO A 97 -0.05 -0.94 11.70
CA PRO A 97 1.32 -0.58 11.40
C PRO A 97 1.85 0.54 12.30
N VAL A 98 3.13 0.86 12.14
CA VAL A 98 3.81 1.87 12.95
C VAL A 98 3.76 3.26 12.31
N TRP A 99 3.51 3.32 11.00
CA TRP A 99 3.34 4.56 10.28
C TRP A 99 1.93 5.13 10.48
N SER A 100 1.69 6.35 10.01
CA SER A 100 0.44 7.06 10.19
C SER A 100 -0.70 6.48 9.35
N ASP A 101 -0.90 5.17 9.36
CA ASP A 101 -1.96 4.55 8.57
C ASP A 101 -3.33 5.14 8.96
N ASP A 102 -3.51 5.55 10.21
CA ASP A 102 -4.78 6.11 10.64
C ASP A 102 -5.21 7.33 9.83
N ASP A 103 -4.32 8.33 9.73
CA ASP A 103 -4.60 9.56 9.01
C ASP A 103 -4.51 9.39 7.49
N TRP A 104 -3.71 8.43 7.01
CA TRP A 104 -3.54 8.22 5.59
C TRP A 104 -4.68 7.42 4.98
N LEU A 105 -5.06 6.31 5.61
CA LEU A 105 -6.13 5.48 5.07
C LEU A 105 -7.45 6.21 5.18
N LYS A 106 -7.62 7.06 6.20
CA LYS A 106 -8.82 7.88 6.35
C LYS A 106 -8.85 8.98 5.30
N LYS A 107 -7.67 9.51 4.93
CA LYS A 107 -7.55 10.57 3.95
C LYS A 107 -7.96 10.09 2.55
N PHE A 108 -7.68 8.83 2.21
CA PHE A 108 -8.00 8.33 0.88
C PHE A 108 -9.41 7.72 0.84
N SER A 109 -9.98 7.39 2.00
CA SER A 109 -11.31 6.77 2.05
C SER A 109 -12.43 7.81 2.19
N GLY A 110 -12.10 9.05 2.54
CA GLY A 110 -13.12 10.09 2.68
C GLY A 110 -12.55 11.50 2.82
N LYS A 111 -11.22 11.64 2.91
CA LYS A 111 -10.54 12.93 3.03
C LYS A 111 -11.10 13.74 4.22
N THR A 112 -10.90 15.05 4.19
CA THR A 112 -11.33 15.97 5.25
C THR A 112 -12.81 15.94 5.60
N LEU A 113 -13.12 15.83 6.89
CA LEU A 113 -14.51 15.77 7.36
C LEU A 113 -15.20 17.13 7.25
N GLU A 114 -14.45 18.19 6.93
CA GLU A 114 -14.99 19.54 6.80
C GLU A 114 -15.78 19.73 5.51
N GLU A 115 -15.77 18.74 4.61
CA GLU A 115 -16.48 18.84 3.35
C GLU A 115 -16.88 17.46 2.81
N ASN A 116 -16.71 16.42 3.62
CA ASN A 116 -17.04 15.05 3.24
C ASN A 116 -17.60 14.28 4.44
N LYS A 117 -18.29 13.18 4.14
CA LYS A 117 -18.90 12.32 5.15
C LYS A 117 -17.85 11.57 5.96
N ALA A 1 -10.15 -13.02 8.76
CA ALA A 1 -9.21 -13.27 7.66
C ALA A 1 -8.10 -14.21 8.10
N GLY A 2 -7.37 -14.79 7.13
CA GLY A 2 -6.26 -15.69 7.43
C GLY A 2 -4.95 -14.93 7.63
N HIS A 3 -3.95 -15.63 8.20
CA HIS A 3 -2.60 -15.15 8.44
C HIS A 3 -2.52 -13.93 9.37
N MET A 4 -3.62 -13.23 9.64
CA MET A 4 -3.60 -12.00 10.42
C MET A 4 -5.01 -11.63 10.87
N ALA A 5 -5.13 -10.69 11.80
CA ALA A 5 -6.42 -10.22 12.31
C ALA A 5 -7.18 -9.41 11.25
N THR A 6 -6.59 -9.16 10.09
CA THR A 6 -7.22 -8.46 8.98
C THR A 6 -6.84 -9.00 7.60
N THR A 7 -7.55 -8.61 6.55
CA THR A 7 -7.26 -9.09 5.20
C THR A 7 -5.88 -8.73 4.69
N LYS A 8 -5.28 -9.63 3.89
CA LYS A 8 -3.96 -9.43 3.33
C LYS A 8 -4.04 -8.86 1.93
N ARG A 9 -5.25 -8.75 1.38
CA ARG A 9 -5.44 -8.38 -0.02
C ARG A 9 -4.91 -6.99 -0.35
N VAL A 10 -4.57 -6.17 0.66
CA VAL A 10 -4.01 -4.84 0.42
C VAL A 10 -2.76 -4.60 1.26
N LEU A 11 -1.77 -3.92 0.68
CA LEU A 11 -0.51 -3.65 1.34
C LEU A 11 0.04 -2.28 0.93
N TYR A 12 0.84 -1.72 1.83
CA TYR A 12 1.52 -0.44 1.69
C TYR A 12 2.93 -0.50 1.12
N VAL A 13 3.36 0.56 0.42
CA VAL A 13 4.69 0.68 -0.14
C VAL A 13 5.24 2.09 0.05
N GLY A 14 6.53 2.23 0.39
CA GLY A 14 7.11 3.54 0.62
C GLY A 14 8.61 3.55 0.37
N GLY A 15 9.21 4.75 0.39
CA GLY A 15 10.64 4.93 0.16
C GLY A 15 10.99 4.96 -1.32
N LEU A 16 9.96 4.99 -2.18
CA LEU A 16 10.13 4.93 -3.63
C LEU A 16 10.67 6.24 -4.21
N ALA A 17 11.18 6.16 -5.45
CA ALA A 17 11.61 7.32 -6.22
C ALA A 17 10.40 8.01 -6.87
N GLU A 18 10.62 9.14 -7.55
CA GLU A 18 9.55 9.93 -8.14
C GLU A 18 8.93 9.26 -9.36
N GLU A 19 9.70 8.43 -10.07
CA GLU A 19 9.25 7.78 -11.31
C GLU A 19 8.68 6.38 -11.07
N VAL A 20 8.51 5.97 -9.81
CA VAL A 20 7.95 4.67 -9.45
C VAL A 20 6.43 4.64 -9.59
N ASP A 21 5.95 4.78 -10.83
CA ASP A 21 4.54 4.73 -11.16
C ASP A 21 3.89 3.36 -10.95
N ASP A 22 2.56 3.29 -11.10
CA ASP A 22 1.80 2.07 -10.82
C ASP A 22 2.15 0.90 -11.74
N LYS A 23 2.73 1.21 -12.89
CA LYS A 23 3.11 0.21 -13.89
C LYS A 23 4.40 -0.50 -13.46
N VAL A 24 5.33 0.25 -12.86
CA VAL A 24 6.58 -0.33 -12.37
C VAL A 24 6.37 -1.15 -11.12
N LEU A 25 5.39 -0.74 -10.30
CA LEU A 25 5.03 -1.46 -9.09
C LEU A 25 4.42 -2.81 -9.44
N HIS A 26 3.68 -2.90 -10.55
CA HIS A 26 3.11 -4.17 -10.95
C HIS A 26 4.25 -5.14 -11.28
N ALA A 27 5.21 -4.68 -12.09
CA ALA A 27 6.35 -5.50 -12.48
C ALA A 27 7.26 -5.78 -11.28
N ALA A 28 7.10 -5.04 -10.18
CA ALA A 28 7.92 -5.21 -8.99
C ALA A 28 7.23 -6.05 -7.91
N PHE A 29 5.94 -6.37 -8.08
CA PHE A 29 5.20 -7.15 -7.09
C PHE A 29 4.43 -8.37 -7.62
N ILE A 30 4.44 -8.57 -8.95
CA ILE A 30 3.71 -9.67 -9.57
C ILE A 30 4.36 -11.06 -9.40
N PRO A 31 5.68 -11.21 -9.16
CA PRO A 31 6.29 -12.53 -9.14
C PRO A 31 5.91 -13.34 -7.90
N PHE A 32 5.37 -12.69 -6.87
CA PHE A 32 5.00 -13.37 -5.63
C PHE A 32 3.56 -13.89 -5.75
N GLY A 33 2.79 -13.37 -6.70
CA GLY A 33 1.42 -13.78 -6.91
C GLY A 33 0.66 -12.75 -7.75
N ASP A 34 -0.52 -13.13 -8.27
CA ASP A 34 -1.29 -12.26 -9.14
C ASP A 34 -1.84 -11.00 -8.47
N ILE A 35 -1.72 -9.87 -9.17
CA ILE A 35 -2.18 -8.57 -8.69
C ILE A 35 -3.57 -8.24 -9.24
N THR A 36 -4.36 -7.53 -8.44
CA THR A 36 -5.69 -7.08 -8.82
C THR A 36 -5.79 -5.60 -9.13
N ASP A 37 -5.03 -4.79 -8.39
CA ASP A 37 -5.02 -3.33 -8.48
C ASP A 37 -3.82 -2.68 -7.84
N ILE A 38 -3.56 -1.42 -8.20
CA ILE A 38 -2.49 -0.61 -7.64
C ILE A 38 -3.00 0.83 -7.53
N GLN A 39 -2.56 1.56 -6.50
CA GLN A 39 -3.05 2.90 -6.23
C GLN A 39 -1.90 3.82 -5.82
N ILE A 40 -1.96 5.08 -6.27
CA ILE A 40 -0.90 6.05 -5.99
C ILE A 40 -1.53 7.42 -5.68
N PRO A 41 -1.23 8.00 -4.51
CA PRO A 41 -1.68 9.33 -4.13
C PRO A 41 -0.85 10.39 -4.84
N LEU A 42 -1.35 11.63 -4.88
CA LEU A 42 -0.65 12.73 -5.52
C LEU A 42 -0.73 13.99 -4.67
N ASP A 43 0.23 14.90 -4.84
CA ASP A 43 0.26 16.17 -4.15
C ASP A 43 -0.75 17.20 -4.64
N TYR A 44 -1.44 16.89 -5.75
CA TYR A 44 -2.47 17.76 -6.33
C TYR A 44 -2.05 19.16 -6.77
N GLU A 45 -0.74 19.41 -6.88
CA GLU A 45 -0.22 20.69 -7.33
C GLU A 45 1.00 20.51 -8.23
N THR A 46 1.37 19.26 -8.53
CA THR A 46 2.51 18.94 -9.37
C THR A 46 2.32 17.56 -10.04
N GLU A 47 1.23 16.87 -9.72
CA GLU A 47 0.92 15.55 -10.26
C GLU A 47 1.98 14.50 -9.96
N LYS A 48 2.72 14.65 -8.85
CA LYS A 48 3.72 13.67 -8.43
C LYS A 48 3.27 13.00 -7.12
N HIS A 49 3.78 11.79 -6.86
CA HIS A 49 3.48 11.07 -5.64
C HIS A 49 4.61 11.23 -4.62
N ARG A 50 4.33 10.89 -3.36
CA ARG A 50 5.22 11.12 -2.24
C ARG A 50 6.22 9.98 -2.04
N GLY A 51 6.46 9.16 -3.06
CA GLY A 51 7.33 8.00 -2.92
C GLY A 51 6.61 6.89 -2.16
N PHE A 52 5.28 6.91 -2.21
CA PHE A 52 4.40 6.01 -1.48
C PHE A 52 3.18 5.58 -2.28
N ALA A 53 2.78 4.31 -2.16
CA ALA A 53 1.71 3.73 -2.94
C ALA A 53 1.09 2.52 -2.22
N PHE A 54 0.03 1.97 -2.80
CA PHE A 54 -0.60 0.74 -2.30
C PHE A 54 -0.64 -0.30 -3.42
N VAL A 55 -0.74 -1.57 -3.06
CA VAL A 55 -0.85 -2.69 -3.99
C VAL A 55 -1.94 -3.63 -3.51
N GLU A 56 -2.62 -4.29 -4.44
CA GLU A 56 -3.70 -5.21 -4.11
C GLU A 56 -3.56 -6.53 -4.85
N PHE A 57 -3.76 -7.64 -4.12
CA PHE A 57 -3.64 -9.00 -4.63
C PHE A 57 -4.96 -9.76 -4.72
N GLU A 58 -5.01 -10.84 -5.52
CA GLU A 58 -6.19 -11.68 -5.57
C GLU A 58 -6.02 -12.94 -4.70
N LEU A 59 -4.91 -13.03 -3.96
CA LEU A 59 -4.63 -14.12 -3.04
C LEU A 59 -4.03 -13.57 -1.75
N ALA A 60 -4.56 -13.99 -0.60
CA ALA A 60 -4.13 -13.45 0.68
C ALA A 60 -2.77 -13.99 1.14
N GLU A 61 -2.42 -15.23 0.78
CA GLU A 61 -1.15 -15.80 1.21
C GLU A 61 -0.01 -15.26 0.35
N ASP A 62 -0.29 -14.91 -0.90
CA ASP A 62 0.70 -14.33 -1.80
C ASP A 62 1.04 -12.88 -1.48
N ALA A 63 0.09 -12.16 -0.86
CA ALA A 63 0.31 -10.79 -0.45
C ALA A 63 1.25 -10.76 0.76
N ALA A 64 1.13 -11.75 1.65
CA ALA A 64 2.00 -11.85 2.81
C ALA A 64 3.42 -12.21 2.38
N ALA A 65 3.56 -12.97 1.28
CA ALA A 65 4.86 -13.32 0.76
C ALA A 65 5.54 -12.11 0.13
N ALA A 66 4.79 -11.25 -0.57
CA ALA A 66 5.36 -10.08 -1.21
C ALA A 66 5.83 -9.05 -0.19
N ILE A 67 5.21 -9.03 1.00
CA ILE A 67 5.65 -8.15 2.07
C ILE A 67 6.98 -8.63 2.62
N ASP A 68 7.08 -9.94 2.89
CA ASP A 68 8.27 -10.55 3.44
C ASP A 68 9.43 -10.70 2.47
N ASN A 69 9.20 -10.42 1.18
CA ASN A 69 10.22 -10.50 0.14
C ASN A 69 10.62 -9.13 -0.41
N MET A 70 9.95 -8.06 0.01
CA MET A 70 10.27 -6.72 -0.47
C MET A 70 10.44 -5.71 0.67
N ASN A 71 10.20 -6.10 1.92
CA ASN A 71 10.44 -5.20 3.04
C ASN A 71 11.94 -4.93 3.14
N GLU A 72 12.31 -3.67 3.34
CA GLU A 72 13.70 -3.23 3.43
C GLU A 72 14.50 -3.59 2.18
N SER A 73 13.81 -3.99 1.10
CA SER A 73 14.45 -4.32 -0.17
C SER A 73 14.76 -3.03 -0.94
N GLU A 74 15.06 -3.16 -2.23
CA GLU A 74 15.46 -2.04 -3.07
C GLU A 74 14.69 -2.01 -4.38
N LEU A 75 14.43 -0.79 -4.85
CA LEU A 75 13.84 -0.50 -6.14
C LEU A 75 14.40 0.83 -6.61
N PHE A 76 14.55 1.01 -7.93
CA PHE A 76 14.97 2.28 -8.50
C PHE A 76 16.31 2.85 -8.02
N GLY A 77 17.13 2.04 -7.33
CA GLY A 77 18.44 2.46 -6.86
C GLY A 77 18.42 2.96 -5.41
N ARG A 78 17.37 2.62 -4.66
CA ARG A 78 17.21 3.10 -3.30
C ARG A 78 16.41 2.09 -2.46
N THR A 79 16.59 2.15 -1.15
CA THR A 79 15.83 1.31 -0.22
C THR A 79 14.35 1.64 -0.14
N ILE A 80 13.51 0.62 0.11
CA ILE A 80 12.06 0.82 0.19
C ILE A 80 11.52 0.10 1.42
N ARG A 81 10.22 0.33 1.69
CA ARG A 81 9.49 -0.31 2.77
C ARG A 81 8.24 -0.98 2.20
N VAL A 82 7.83 -2.08 2.81
CA VAL A 82 6.64 -2.84 2.41
C VAL A 82 6.03 -3.50 3.62
N ASN A 83 4.71 -3.32 3.80
CA ASN A 83 4.01 -3.87 4.95
C ASN A 83 2.51 -3.87 4.68
N LEU A 84 1.76 -4.60 5.50
CA LEU A 84 0.32 -4.73 5.34
C LEU A 84 -0.35 -3.38 5.57
N ALA A 85 -1.49 -3.16 4.92
CA ALA A 85 -2.24 -1.91 5.04
C ALA A 85 -3.68 -2.18 5.49
N LYS A 86 -4.29 -1.20 6.16
CA LYS A 86 -5.65 -1.31 6.64
C LYS A 86 -6.62 -1.31 5.47
N PRO A 87 -7.58 -2.23 5.42
CA PRO A 87 -8.54 -2.33 4.33
C PRO A 87 -9.56 -1.20 4.38
N MET A 88 -10.34 -1.07 3.30
CA MET A 88 -11.40 -0.08 3.21
C MET A 88 -12.69 -0.68 2.62
N ARG A 89 -12.59 -1.86 2.00
CA ARG A 89 -13.73 -2.56 1.44
C ARG A 89 -14.38 -3.48 2.47
N ILE A 90 -13.59 -3.92 3.46
CA ILE A 90 -14.06 -4.83 4.50
C ILE A 90 -14.85 -4.07 5.56
N LYS A 91 -15.80 -4.77 6.20
CA LYS A 91 -16.61 -4.22 7.26
C LYS A 91 -15.76 -3.89 8.48
N GLU A 92 -15.79 -2.62 8.90
CA GLU A 92 -15.12 -2.10 10.08
C GLU A 92 -13.65 -2.54 10.17
N GLY A 93 -13.03 -2.35 11.35
CA GLY A 93 -11.65 -2.74 11.59
C GLY A 93 -11.18 -2.33 12.98
N SER A 94 -9.96 -2.74 13.34
CA SER A 94 -9.34 -2.41 14.62
C SER A 94 -7.84 -2.68 14.54
N SER A 95 -7.45 -3.80 13.92
CA SER A 95 -6.06 -4.09 13.63
C SER A 95 -5.61 -3.20 12.47
N ARG A 96 -4.43 -2.58 12.60
CA ARG A 96 -3.96 -1.63 11.60
C ARG A 96 -2.45 -1.42 11.71
N PRO A 97 -1.83 -0.83 10.67
CA PRO A 97 -0.41 -0.54 10.62
C PRO A 97 0.06 0.41 11.73
N VAL A 98 1.37 0.60 11.82
CA VAL A 98 2.00 1.44 12.83
C VAL A 98 2.21 2.88 12.39
N TRP A 99 2.17 3.12 11.08
CA TRP A 99 2.22 4.46 10.52
C TRP A 99 0.89 5.18 10.69
N SER A 100 0.82 6.44 10.24
CA SER A 100 -0.38 7.26 10.35
C SER A 100 -1.47 6.82 9.36
N ASP A 101 -1.79 5.52 9.33
CA ASP A 101 -2.79 4.99 8.42
C ASP A 101 -4.14 5.65 8.69
N ASP A 102 -4.41 6.12 9.90
CA ASP A 102 -5.69 6.74 10.20
C ASP A 102 -6.01 7.96 9.32
N ASP A 103 -5.03 8.86 9.17
CA ASP A 103 -5.21 10.06 8.36
C ASP A 103 -5.21 9.75 6.87
N TRP A 104 -4.28 8.92 6.42
CA TRP A 104 -4.12 8.64 5.00
C TRP A 104 -5.24 7.79 4.43
N LEU A 105 -5.68 6.74 5.14
CA LEU A 105 -6.72 5.88 4.62
C LEU A 105 -8.07 6.60 4.66
N LYS A 106 -8.32 7.44 5.67
CA LYS A 106 -9.56 8.20 5.72
C LYS A 106 -9.55 9.29 4.66
N LYS A 107 -8.37 9.84 4.35
CA LYS A 107 -8.22 10.87 3.34
C LYS A 107 -8.73 10.39 1.98
N PHE A 108 -8.14 9.31 1.45
CA PHE A 108 -8.50 8.81 0.13
C PHE A 108 -9.89 8.16 0.24
N SER A 109 -10.33 7.77 1.44
CA SER A 109 -11.66 7.21 1.61
C SER A 109 -12.74 8.26 1.42
N GLY A 110 -12.40 9.55 1.58
CA GLY A 110 -13.37 10.60 1.34
C GLY A 110 -12.87 12.01 1.61
N LYS A 111 -12.00 12.20 2.61
CA LYS A 111 -11.65 13.55 3.07
C LYS A 111 -10.56 13.50 4.14
N THR A 112 -9.63 14.46 4.10
CA THR A 112 -8.62 14.62 5.12
C THR A 112 -9.16 15.05 6.49
N LEU A 113 -8.69 14.42 7.57
CA LEU A 113 -9.20 14.70 8.90
C LEU A 113 -8.62 15.98 9.51
N GLU A 114 -7.70 16.64 8.81
CA GLU A 114 -7.06 17.85 9.31
C GLU A 114 -8.02 19.05 9.29
N GLU A 115 -9.15 18.94 8.59
CA GLU A 115 -10.14 20.01 8.52
C GLU A 115 -11.31 19.77 9.47
N ASN A 116 -11.37 18.58 10.08
CA ASN A 116 -12.43 18.22 11.01
C ASN A 116 -12.27 18.96 12.34
N LYS A 117 -13.38 19.04 13.07
CA LYS A 117 -13.46 19.76 14.32
C LYS A 117 -12.64 19.07 15.41
N ALA A 1 -10.39 -13.85 7.42
CA ALA A 1 -10.05 -14.24 6.03
C ALA A 1 -8.77 -15.08 6.00
N GLY A 2 -8.83 -16.30 6.51
CA GLY A 2 -7.68 -17.20 6.49
C GLY A 2 -6.55 -16.67 7.35
N HIS A 3 -5.45 -16.27 6.70
CA HIS A 3 -4.21 -15.85 7.35
C HIS A 3 -4.37 -14.57 8.17
N MET A 4 -5.45 -13.82 7.99
CA MET A 4 -5.63 -12.56 8.70
C MET A 4 -7.12 -12.20 8.77
N ALA A 5 -7.55 -11.58 9.87
CA ALA A 5 -8.94 -11.18 10.06
C ALA A 5 -9.30 -9.97 9.19
N THR A 6 -8.30 -9.17 8.79
CA THR A 6 -8.47 -8.02 7.92
C THR A 6 -8.15 -8.27 6.45
N THR A 7 -7.93 -9.55 6.10
CA THR A 7 -7.46 -9.97 4.79
C THR A 7 -6.10 -9.43 4.35
N LYS A 8 -5.38 -10.22 3.55
CA LYS A 8 -4.05 -9.87 3.09
C LYS A 8 -4.08 -9.42 1.63
N ARG A 9 -5.27 -9.43 1.01
CA ARG A 9 -5.44 -9.12 -0.40
C ARG A 9 -5.06 -7.68 -0.75
N VAL A 10 -4.77 -6.85 0.26
CA VAL A 10 -4.33 -5.47 0.04
C VAL A 10 -3.14 -5.16 0.94
N LEU A 11 -2.19 -4.35 0.44
CA LEU A 11 -1.00 -3.97 1.19
C LEU A 11 -0.49 -2.59 0.78
N TYR A 12 0.27 -1.97 1.68
CA TYR A 12 0.89 -0.67 1.53
C TYR A 12 2.32 -0.65 1.01
N VAL A 13 2.70 0.44 0.34
CA VAL A 13 4.06 0.65 -0.15
C VAL A 13 4.49 2.09 0.06
N GLY A 14 5.74 2.33 0.47
CA GLY A 14 6.23 3.68 0.72
C GLY A 14 7.73 3.80 0.51
N GLY A 15 8.24 5.03 0.48
CA GLY A 15 9.66 5.31 0.31
C GLY A 15 10.04 5.39 -1.18
N LEU A 16 9.05 5.36 -2.06
CA LEU A 16 9.25 5.31 -3.51
C LEU A 16 9.66 6.66 -4.10
N ALA A 17 10.18 6.63 -5.33
CA ALA A 17 10.46 7.82 -6.11
C ALA A 17 9.18 8.33 -6.79
N GLU A 18 9.26 9.49 -7.45
CA GLU A 18 8.09 10.12 -8.06
C GLU A 18 7.66 9.42 -9.35
N GLU A 19 8.55 8.64 -9.96
CA GLU A 19 8.28 7.95 -11.23
C GLU A 19 7.87 6.49 -11.01
N VAL A 20 7.69 6.07 -9.77
CA VAL A 20 7.26 4.73 -9.41
C VAL A 20 5.76 4.52 -9.63
N ASP A 21 5.33 4.64 -10.89
CA ASP A 21 3.95 4.44 -11.30
C ASP A 21 3.44 3.02 -11.09
N ASP A 22 2.14 2.82 -11.24
CA ASP A 22 1.52 1.51 -10.99
C ASP A 22 1.99 0.40 -11.93
N LYS A 23 2.63 0.77 -13.04
CA LYS A 23 3.16 -0.18 -14.00
C LYS A 23 4.45 -0.79 -13.47
N VAL A 24 5.27 0.02 -12.78
CA VAL A 24 6.52 -0.44 -12.22
C VAL A 24 6.32 -1.25 -10.94
N LEU A 25 5.27 -0.92 -10.18
CA LEU A 25 4.94 -1.65 -8.97
C LEU A 25 4.45 -3.04 -9.33
N HIS A 26 3.79 -3.20 -10.48
CA HIS A 26 3.35 -4.53 -10.89
C HIS A 26 4.57 -5.39 -11.18
N ALA A 27 5.51 -4.85 -11.96
CA ALA A 27 6.73 -5.57 -12.29
C ALA A 27 7.62 -5.77 -11.06
N ALA A 28 7.36 -5.06 -9.96
CA ALA A 28 8.15 -5.16 -8.75
C ALA A 28 7.49 -6.04 -7.68
N PHE A 29 6.23 -6.44 -7.87
CA PHE A 29 5.52 -7.26 -6.90
C PHE A 29 4.88 -8.54 -7.44
N ILE A 30 4.97 -8.77 -8.75
CA ILE A 30 4.36 -9.93 -9.39
C ILE A 30 5.11 -11.26 -9.15
N PRO A 31 6.42 -11.30 -8.84
CA PRO A 31 7.13 -12.58 -8.75
C PRO A 31 6.74 -13.38 -7.52
N PHE A 32 6.08 -12.75 -6.54
CA PHE A 32 5.70 -13.43 -5.31
C PHE A 32 4.33 -14.08 -5.49
N GLY A 33 3.56 -13.63 -6.49
CA GLY A 33 2.23 -14.16 -6.77
C GLY A 33 1.45 -13.19 -7.65
N ASP A 34 0.34 -13.66 -8.22
CA ASP A 34 -0.46 -12.85 -9.13
C ASP A 34 -1.12 -11.63 -8.50
N ILE A 35 -1.08 -10.50 -9.22
CA ILE A 35 -1.64 -9.24 -8.77
C ILE A 35 -3.04 -9.04 -9.35
N THR A 36 -3.89 -8.36 -8.57
CA THR A 36 -5.24 -8.00 -8.98
C THR A 36 -5.47 -6.53 -9.28
N ASP A 37 -4.73 -5.65 -8.58
CA ASP A 37 -4.90 -4.22 -8.79
C ASP A 37 -3.74 -3.52 -8.10
N ILE A 38 -3.55 -2.24 -8.44
CA ILE A 38 -2.56 -1.35 -7.86
C ILE A 38 -3.16 0.04 -7.82
N GLN A 39 -2.86 0.81 -6.77
CA GLN A 39 -3.47 2.12 -6.55
C GLN A 39 -2.42 3.14 -6.10
N ILE A 40 -2.55 4.38 -6.58
CA ILE A 40 -1.63 5.46 -6.26
C ILE A 40 -2.42 6.76 -6.06
N PRO A 41 -2.36 7.35 -4.86
CA PRO A 41 -2.98 8.65 -4.58
C PRO A 41 -2.14 9.76 -5.19
N LEU A 42 -2.73 10.92 -5.43
CA LEU A 42 -2.02 12.06 -6.03
C LEU A 42 -2.42 13.36 -5.34
N ASP A 43 -1.45 14.26 -5.15
CA ASP A 43 -1.70 15.57 -4.59
C ASP A 43 -2.12 16.60 -5.65
N TYR A 44 -3.08 17.46 -5.31
CA TYR A 44 -3.58 18.45 -6.26
C TYR A 44 -2.65 19.59 -6.61
N GLU A 45 -1.67 19.87 -5.74
CA GLU A 45 -0.74 20.97 -5.92
C GLU A 45 0.46 20.62 -6.81
N THR A 46 0.60 19.35 -7.20
CA THR A 46 1.74 18.91 -8.00
C THR A 46 1.50 17.70 -8.90
N GLU A 47 0.34 17.04 -8.76
CA GLU A 47 -0.03 15.86 -9.54
C GLU A 47 0.96 14.70 -9.36
N LYS A 48 1.55 14.57 -8.18
CA LYS A 48 2.47 13.47 -7.86
C LYS A 48 2.06 12.78 -6.57
N HIS A 49 2.57 11.57 -6.36
CA HIS A 49 2.31 10.80 -5.14
C HIS A 49 3.42 11.06 -4.13
N ARG A 50 3.13 10.78 -2.85
CA ARG A 50 4.05 11.03 -1.74
C ARG A 50 5.10 9.91 -1.63
N GLY A 51 5.43 9.26 -2.75
CA GLY A 51 6.34 8.12 -2.73
C GLY A 51 5.64 6.93 -2.10
N PHE A 52 4.31 6.88 -2.23
CA PHE A 52 3.44 5.93 -1.55
C PHE A 52 2.29 5.41 -2.41
N ALA A 53 2.00 4.12 -2.30
CA ALA A 53 1.01 3.44 -3.12
C ALA A 53 0.45 2.21 -2.41
N PHE A 54 -0.52 1.55 -3.05
CA PHE A 54 -1.10 0.30 -2.57
C PHE A 54 -0.99 -0.77 -3.65
N VAL A 55 -1.00 -2.04 -3.23
CA VAL A 55 -0.94 -3.18 -4.14
C VAL A 55 -1.97 -4.20 -3.70
N GLU A 56 -2.53 -4.96 -4.64
CA GLU A 56 -3.55 -5.96 -4.32
C GLU A 56 -3.25 -7.28 -5.03
N PHE A 57 -3.42 -8.38 -4.31
CA PHE A 57 -3.19 -9.74 -4.79
C PHE A 57 -4.45 -10.59 -4.94
N GLU A 58 -4.38 -11.68 -5.73
CA GLU A 58 -5.49 -12.61 -5.82
C GLU A 58 -5.27 -13.82 -4.92
N LEU A 59 -4.18 -13.81 -4.15
CA LEU A 59 -3.85 -14.86 -3.19
C LEU A 59 -3.37 -14.21 -1.89
N ALA A 60 -3.96 -14.60 -0.76
CA ALA A 60 -3.65 -13.95 0.51
C ALA A 60 -2.32 -14.42 1.11
N GLU A 61 -1.87 -15.63 0.78
CA GLU A 61 -0.60 -16.13 1.30
C GLU A 61 0.57 -15.53 0.52
N ASP A 62 0.34 -15.20 -0.76
CA ASP A 62 1.36 -14.58 -1.60
C ASP A 62 1.57 -13.10 -1.30
N ALA A 63 0.55 -12.45 -0.75
CA ALA A 63 0.63 -11.05 -0.37
C ALA A 63 1.47 -10.90 0.89
N ALA A 64 1.30 -11.81 1.85
CA ALA A 64 2.13 -11.82 3.05
C ALA A 64 3.58 -12.15 2.70
N ALA A 65 3.81 -12.92 1.63
CA ALA A 65 5.15 -13.22 1.19
C ALA A 65 5.79 -11.99 0.55
N ALA A 66 5.03 -11.24 -0.26
CA ALA A 66 5.55 -10.04 -0.89
C ALA A 66 5.85 -8.95 0.13
N ILE A 67 5.16 -8.98 1.27
CA ILE A 67 5.43 -8.04 2.35
C ILE A 67 6.78 -8.36 2.98
N ASP A 68 7.03 -9.65 3.28
CA ASP A 68 8.26 -10.07 3.92
C ASP A 68 9.48 -9.98 3.01
N ASN A 69 9.26 -10.13 1.69
CA ASN A 69 10.33 -10.14 0.71
C ASN A 69 10.68 -8.74 0.18
N MET A 70 9.89 -7.73 0.49
CA MET A 70 10.15 -6.37 0.02
C MET A 70 10.19 -5.35 1.15
N ASN A 71 10.02 -5.78 2.41
CA ASN A 71 10.14 -4.87 3.53
C ASN A 71 11.60 -4.42 3.63
N GLU A 72 11.80 -3.11 3.80
CA GLU A 72 13.12 -2.51 3.89
C GLU A 72 13.99 -2.80 2.66
N SER A 73 13.38 -3.27 1.57
CA SER A 73 14.07 -3.54 0.33
C SER A 73 14.28 -2.23 -0.43
N GLU A 74 14.65 -2.32 -1.71
CA GLU A 74 14.98 -1.16 -2.52
C GLU A 74 14.32 -1.23 -3.89
N LEU A 75 13.95 -0.04 -4.39
CA LEU A 75 13.42 0.18 -5.72
C LEU A 75 13.83 1.59 -6.16
N PHE A 76 14.03 1.78 -7.46
CA PHE A 76 14.36 3.09 -8.00
C PHE A 76 15.60 3.79 -7.44
N GLY A 77 16.44 3.08 -6.70
CA GLY A 77 17.66 3.63 -6.14
C GLY A 77 17.50 4.10 -4.70
N ARG A 78 16.39 3.75 -4.03
CA ARG A 78 16.16 4.12 -2.64
C ARG A 78 15.39 3.05 -1.89
N THR A 79 15.52 3.06 -0.57
CA THR A 79 14.81 2.15 0.31
C THR A 79 13.30 2.30 0.32
N ILE A 80 12.58 1.19 0.47
CA ILE A 80 11.12 1.19 0.48
C ILE A 80 10.61 0.38 1.67
N ARG A 81 9.34 0.62 2.03
CA ARG A 81 8.65 -0.12 3.09
C ARG A 81 7.46 -0.82 2.49
N VAL A 82 7.10 -1.99 3.05
CA VAL A 82 5.97 -2.78 2.58
C VAL A 82 5.32 -3.48 3.78
N ASN A 83 4.00 -3.34 3.93
CA ASN A 83 3.29 -3.91 5.07
C ASN A 83 1.78 -3.91 4.82
N LEU A 84 1.03 -4.58 5.68
CA LEU A 84 -0.42 -4.67 5.56
C LEU A 84 -1.07 -3.35 5.98
N ALA A 85 -2.06 -2.88 5.21
CA ALA A 85 -2.79 -1.66 5.47
C ALA A 85 -4.26 -1.99 5.77
N LYS A 86 -5.02 -1.04 6.33
CA LYS A 86 -6.44 -1.27 6.54
C LYS A 86 -7.15 -1.32 5.19
N PRO A 87 -7.99 -2.33 4.95
CA PRO A 87 -8.76 -2.46 3.71
C PRO A 87 -9.72 -1.30 3.50
N MET A 88 -10.29 -1.22 2.29
CA MET A 88 -11.18 -0.14 1.92
C MET A 88 -12.62 -0.36 2.36
N ARG A 89 -12.98 -1.59 2.76
CA ARG A 89 -14.38 -1.91 3.11
C ARG A 89 -14.55 -2.89 4.27
N ILE A 90 -13.47 -3.47 4.79
CA ILE A 90 -13.58 -4.44 5.88
C ILE A 90 -13.97 -3.74 7.18
N LYS A 91 -14.69 -4.45 8.04
CA LYS A 91 -15.29 -3.89 9.25
C LYS A 91 -14.28 -3.51 10.34
N GLU A 92 -13.02 -3.94 10.23
CA GLU A 92 -12.01 -3.62 11.23
C GLU A 92 -10.61 -3.64 10.64
N GLY A 93 -9.71 -2.86 11.23
CA GLY A 93 -8.31 -2.83 10.84
C GLY A 93 -7.39 -2.68 12.06
N SER A 94 -7.98 -2.60 13.26
CA SER A 94 -7.28 -2.44 14.53
C SER A 94 -6.12 -1.44 14.43
N SER A 95 -4.91 -1.87 14.80
CA SER A 95 -3.73 -1.03 14.85
C SER A 95 -2.53 -1.75 14.24
N ARG A 96 -2.78 -2.56 13.21
CA ARG A 96 -1.74 -3.33 12.53
C ARG A 96 -0.59 -2.49 11.97
N PRO A 97 -0.88 -1.38 11.28
CA PRO A 97 0.13 -0.49 10.73
C PRO A 97 0.65 0.46 11.82
N VAL A 98 1.82 1.07 11.58
CA VAL A 98 2.43 2.03 12.50
C VAL A 98 2.58 3.42 11.90
N TRP A 99 2.29 3.56 10.60
CA TRP A 99 2.31 4.82 9.88
C TRP A 99 0.98 5.56 10.02
N SER A 100 0.84 6.70 9.33
CA SER A 100 -0.34 7.54 9.37
C SER A 100 -1.53 6.91 8.61
N ASP A 101 -1.73 5.60 8.74
CA ASP A 101 -2.77 4.89 8.03
C ASP A 101 -4.18 5.44 8.23
N ASP A 102 -4.56 5.72 9.48
CA ASP A 102 -5.89 6.24 9.74
C ASP A 102 -6.17 7.61 9.13
N ASP A 103 -5.12 8.43 8.98
CA ASP A 103 -5.24 9.75 8.39
C ASP A 103 -5.29 9.65 6.87
N TRP A 104 -4.45 8.79 6.27
CA TRP A 104 -4.40 8.65 4.83
C TRP A 104 -5.55 7.83 4.27
N LEU A 105 -5.93 6.73 4.92
CA LEU A 105 -7.02 5.91 4.44
C LEU A 105 -8.35 6.63 4.61
N LYS A 106 -8.54 7.37 5.71
CA LYS A 106 -9.79 8.11 5.87
C LYS A 106 -9.83 9.31 4.93
N LYS A 107 -8.66 9.85 4.55
CA LYS A 107 -8.60 11.00 3.66
C LYS A 107 -9.23 10.67 2.32
N PHE A 108 -8.79 9.58 1.67
CA PHE A 108 -9.33 9.21 0.37
C PHE A 108 -10.76 8.69 0.57
N SER A 109 -11.13 8.28 1.79
CA SER A 109 -12.48 7.81 2.07
C SER A 109 -13.47 8.95 2.31
N GLY A 110 -13.01 10.17 2.58
CA GLY A 110 -13.92 11.28 2.80
C GLY A 110 -13.35 12.47 3.58
N LYS A 111 -12.12 12.39 4.09
CA LYS A 111 -11.56 13.48 4.89
C LYS A 111 -10.83 14.51 4.04
N THR A 112 -10.78 15.75 4.54
CA THR A 112 -10.03 16.85 3.97
C THR A 112 -9.13 17.57 4.97
N LEU A 113 -8.14 18.33 4.49
CA LEU A 113 -7.19 19.03 5.35
C LEU A 113 -7.85 20.12 6.22
N GLU A 114 -9.14 20.39 6.03
CA GLU A 114 -9.84 21.37 6.85
C GLU A 114 -10.28 20.78 8.20
N GLU A 115 -10.15 19.46 8.37
CA GLU A 115 -10.53 18.78 9.60
C GLU A 115 -9.52 19.04 10.72
N ASN A 116 -8.33 19.57 10.38
CA ASN A 116 -7.27 19.80 11.35
C ASN A 116 -6.40 20.99 10.98
N LYS A 117 -5.71 21.54 11.99
CA LYS A 117 -4.78 22.66 11.85
C LYS A 117 -3.63 22.53 12.84
N ALA A 1 -8.50 -14.75 9.17
CA ALA A 1 -8.28 -14.82 7.71
C ALA A 1 -7.29 -15.92 7.35
N GLY A 2 -7.57 -17.17 7.76
CA GLY A 2 -6.68 -18.28 7.44
C GLY A 2 -5.36 -18.17 8.21
N HIS A 3 -4.28 -17.90 7.47
CA HIS A 3 -2.92 -17.88 8.00
C HIS A 3 -2.72 -16.76 9.02
N MET A 4 -3.62 -15.77 9.06
CA MET A 4 -3.41 -14.57 9.84
C MET A 4 -4.73 -14.00 10.37
N ALA A 5 -4.63 -13.08 11.34
CA ALA A 5 -5.78 -12.49 12.01
C ALA A 5 -6.45 -11.38 11.19
N THR A 6 -5.88 -11.01 10.03
CA THR A 6 -6.44 -9.97 9.18
C THR A 6 -6.25 -10.21 7.69
N THR A 7 -7.07 -9.58 6.85
CA THR A 7 -7.01 -9.80 5.42
C THR A 7 -5.68 -9.24 4.90
N LYS A 8 -4.86 -10.13 4.35
CA LYS A 8 -3.54 -9.79 3.81
C LYS A 8 -3.59 -9.51 2.31
N ARG A 9 -4.80 -9.51 1.74
CA ARG A 9 -5.03 -9.24 0.32
C ARG A 9 -4.54 -7.83 -0.05
N VAL A 10 -4.26 -6.98 0.94
CA VAL A 10 -3.81 -5.61 0.71
C VAL A 10 -2.58 -5.32 1.56
N LEU A 11 -1.67 -4.49 1.04
CA LEU A 11 -0.42 -4.14 1.68
C LEU A 11 -0.02 -2.71 1.36
N TYR A 12 0.88 -2.17 2.18
CA TYR A 12 1.39 -0.81 2.09
C TYR A 12 2.84 -0.69 1.62
N VAL A 13 3.17 0.41 0.94
CA VAL A 13 4.52 0.66 0.43
C VAL A 13 4.93 2.11 0.65
N GLY A 14 6.21 2.35 0.93
CA GLY A 14 6.73 3.69 1.16
C GLY A 14 8.23 3.78 0.90
N GLY A 15 8.76 5.01 0.84
CA GLY A 15 10.17 5.27 0.59
C GLY A 15 10.46 5.36 -0.91
N LEU A 16 9.42 5.36 -1.74
CA LEU A 16 9.52 5.36 -3.19
C LEU A 16 9.89 6.74 -3.74
N ALA A 17 10.34 6.76 -5.00
CA ALA A 17 10.56 8.01 -5.74
C ALA A 17 9.21 8.54 -6.26
N GLU A 18 9.20 9.79 -6.75
CA GLU A 18 7.97 10.45 -7.20
C GLU A 18 7.48 9.93 -8.56
N GLU A 19 8.26 9.05 -9.21
CA GLU A 19 7.91 8.49 -10.51
C GLU A 19 7.56 7.00 -10.40
N VAL A 20 7.47 6.48 -9.18
CA VAL A 20 7.07 5.09 -8.91
C VAL A 20 5.56 4.91 -9.05
N ASP A 21 5.06 5.08 -10.26
CA ASP A 21 3.65 4.94 -10.58
C ASP A 21 3.10 3.51 -10.43
N ASP A 22 1.78 3.37 -10.56
CA ASP A 22 1.11 2.09 -10.35
C ASP A 22 1.51 1.01 -11.34
N LYS A 23 2.09 1.42 -12.47
CA LYS A 23 2.54 0.52 -13.53
C LYS A 23 3.88 -0.10 -13.16
N VAL A 24 4.76 0.69 -12.53
CA VAL A 24 6.05 0.19 -12.09
C VAL A 24 5.93 -0.71 -10.86
N LEU A 25 4.95 -0.39 -10.00
CA LEU A 25 4.68 -1.19 -8.80
C LEU A 25 4.12 -2.54 -9.20
N HIS A 26 3.33 -2.61 -10.28
CA HIS A 26 2.80 -3.90 -10.72
C HIS A 26 3.96 -4.79 -11.14
N ALA A 27 4.87 -4.26 -11.97
CA ALA A 27 6.03 -5.02 -12.42
C ALA A 27 6.99 -5.32 -11.27
N ALA A 28 6.87 -4.61 -10.14
CA ALA A 28 7.74 -4.80 -8.99
C ALA A 28 7.14 -5.71 -7.93
N PHE A 29 5.86 -6.07 -8.05
CA PHE A 29 5.18 -6.93 -7.09
C PHE A 29 4.48 -8.15 -7.66
N ILE A 30 4.45 -8.29 -8.99
CA ILE A 30 3.76 -9.40 -9.65
C ILE A 30 4.49 -10.76 -9.55
N PRO A 31 5.82 -10.85 -9.37
CA PRO A 31 6.49 -12.14 -9.40
C PRO A 31 6.19 -13.01 -8.17
N PHE A 32 5.62 -12.42 -7.11
CA PHE A 32 5.32 -13.15 -5.89
C PHE A 32 3.91 -13.75 -6.00
N GLY A 33 3.09 -13.24 -6.93
CA GLY A 33 1.74 -13.73 -7.13
C GLY A 33 0.89 -12.70 -7.88
N ASP A 34 -0.27 -13.12 -8.37
CA ASP A 34 -1.12 -12.24 -9.16
C ASP A 34 -1.72 -11.04 -8.41
N ILE A 35 -1.65 -9.87 -9.05
CA ILE A 35 -2.14 -8.62 -8.50
C ILE A 35 -3.58 -8.34 -8.95
N THR A 36 -4.33 -7.63 -8.12
CA THR A 36 -5.69 -7.22 -8.40
C THR A 36 -5.90 -5.73 -8.60
N ASP A 37 -5.12 -4.91 -7.91
CA ASP A 37 -5.24 -3.46 -8.00
C ASP A 37 -4.02 -2.83 -7.34
N ILE A 38 -3.81 -1.55 -7.62
CA ILE A 38 -2.75 -0.73 -7.05
C ILE A 38 -3.27 0.70 -6.96
N GLN A 39 -2.97 1.40 -5.87
CA GLN A 39 -3.49 2.75 -5.65
C GLN A 39 -2.38 3.66 -5.11
N ILE A 40 -2.43 4.94 -5.50
CA ILE A 40 -1.43 5.93 -5.13
C ILE A 40 -2.09 7.29 -4.97
N PRO A 41 -1.78 8.04 -3.90
CA PRO A 41 -2.26 9.40 -3.71
C PRO A 41 -1.55 10.35 -4.66
N LEU A 42 -2.09 11.55 -4.86
CA LEU A 42 -1.49 12.57 -5.71
C LEU A 42 -1.71 13.95 -5.12
N ASP A 43 -0.71 14.82 -5.25
CA ASP A 43 -0.78 16.19 -4.76
C ASP A 43 -1.51 17.15 -5.70
N TYR A 44 -1.76 16.72 -6.93
CA TYR A 44 -2.43 17.47 -7.98
C TYR A 44 -1.84 18.81 -8.42
N GLU A 45 -0.84 19.32 -7.69
CA GLU A 45 -0.14 20.54 -8.06
C GLU A 45 0.93 20.25 -9.13
N THR A 46 1.29 18.97 -9.25
CA THR A 46 2.32 18.50 -10.18
C THR A 46 2.01 17.07 -10.62
N GLU A 47 0.89 16.51 -10.15
CA GLU A 47 0.49 15.14 -10.45
C GLU A 47 1.56 14.13 -10.04
N LYS A 48 2.12 14.31 -8.83
CA LYS A 48 3.11 13.41 -8.25
C LYS A 48 2.62 12.91 -6.89
N HIS A 49 3.13 11.77 -6.44
CA HIS A 49 2.72 11.17 -5.19
C HIS A 49 3.75 11.39 -4.09
N ARG A 50 3.37 11.10 -2.84
CA ARG A 50 4.19 11.32 -1.66
C ARG A 50 5.33 10.30 -1.53
N GLY A 51 5.46 9.37 -2.48
CA GLY A 51 6.48 8.34 -2.41
C GLY A 51 6.00 7.13 -1.62
N PHE A 52 4.68 6.89 -1.58
CA PHE A 52 4.13 5.76 -0.86
C PHE A 52 2.84 5.39 -1.58
N ALA A 53 2.45 4.11 -1.50
CA ALA A 53 1.33 3.56 -2.25
C ALA A 53 0.76 2.33 -1.54
N PHE A 54 -0.26 1.70 -2.16
CA PHE A 54 -0.85 0.47 -1.65
C PHE A 54 -0.92 -0.49 -2.84
N VAL A 55 -0.95 -1.79 -2.55
CA VAL A 55 -1.03 -2.86 -3.55
C VAL A 55 -2.04 -3.89 -3.07
N GLU A 56 -2.71 -4.58 -4.01
CA GLU A 56 -3.70 -5.58 -3.69
C GLU A 56 -3.49 -6.84 -4.53
N PHE A 57 -3.58 -8.00 -3.86
CA PHE A 57 -3.42 -9.32 -4.47
C PHE A 57 -4.71 -10.13 -4.55
N GLU A 58 -4.75 -11.15 -5.42
CA GLU A 58 -5.91 -12.04 -5.47
C GLU A 58 -5.67 -13.29 -4.61
N LEU A 59 -4.53 -13.33 -3.92
CA LEU A 59 -4.17 -14.43 -3.02
C LEU A 59 -3.55 -13.85 -1.75
N ALA A 60 -3.99 -14.33 -0.57
CA ALA A 60 -3.52 -13.78 0.69
C ALA A 60 -2.14 -14.30 1.07
N GLU A 61 -1.80 -15.52 0.66
CA GLU A 61 -0.50 -16.11 1.00
C GLU A 61 0.60 -15.54 0.10
N ASP A 62 0.24 -15.10 -1.11
CA ASP A 62 1.20 -14.48 -2.01
C ASP A 62 1.51 -13.03 -1.66
N ALA A 63 0.55 -12.36 -1.02
CA ALA A 63 0.75 -11.01 -0.54
C ALA A 63 1.69 -11.03 0.66
N ALA A 64 1.55 -12.05 1.52
CA ALA A 64 2.44 -12.25 2.65
C ALA A 64 3.88 -12.45 2.18
N ALA A 65 4.06 -13.15 1.05
CA ALA A 65 5.39 -13.40 0.51
C ALA A 65 5.97 -12.11 -0.07
N ALA A 66 5.15 -11.29 -0.72
CA ALA A 66 5.62 -10.05 -1.32
C ALA A 66 6.02 -9.04 -0.24
N ILE A 67 5.43 -9.13 0.95
CA ILE A 67 5.80 -8.26 2.05
C ILE A 67 7.18 -8.65 2.58
N ASP A 68 7.45 -9.95 2.69
CA ASP A 68 8.72 -10.43 3.21
C ASP A 68 9.87 -10.29 2.22
N ASN A 69 9.55 -10.28 0.92
CA ASN A 69 10.54 -10.25 -0.15
C ASN A 69 10.86 -8.83 -0.63
N MET A 70 10.12 -7.81 -0.18
CA MET A 70 10.34 -6.44 -0.61
C MET A 70 10.54 -5.48 0.56
N ASN A 71 10.51 -5.99 1.81
CA ASN A 71 10.75 -5.16 2.97
C ASN A 71 12.22 -4.74 3.00
N GLU A 72 12.46 -3.44 3.23
CA GLU A 72 13.80 -2.86 3.28
C GLU A 72 14.59 -3.08 1.97
N SER A 73 13.90 -3.48 0.90
CA SER A 73 14.51 -3.70 -0.40
C SER A 73 14.70 -2.38 -1.14
N GLU A 74 15.30 -2.44 -2.33
CA GLU A 74 15.53 -1.27 -3.17
C GLU A 74 14.54 -1.20 -4.31
N LEU A 75 14.12 0.02 -4.68
CA LEU A 75 13.25 0.29 -5.81
C LEU A 75 13.55 1.72 -6.27
N PHE A 76 13.68 1.95 -7.57
CA PHE A 76 14.02 3.27 -8.10
C PHE A 76 15.32 3.90 -7.62
N GLY A 77 16.23 3.09 -7.06
CA GLY A 77 17.53 3.58 -6.61
C GLY A 77 17.55 3.99 -5.14
N ARG A 78 16.51 3.63 -4.37
CA ARG A 78 16.45 3.94 -2.96
C ARG A 78 15.73 2.84 -2.18
N THR A 79 15.95 2.80 -0.87
CA THR A 79 15.29 1.86 0.03
C THR A 79 13.79 2.08 0.16
N ILE A 80 13.02 0.99 0.36
CA ILE A 80 11.58 1.06 0.49
C ILE A 80 11.12 0.18 1.65
N ARG A 81 9.91 0.45 2.14
CA ARG A 81 9.28 -0.33 3.20
C ARG A 81 8.04 -0.99 2.63
N VAL A 82 7.70 -2.18 3.16
CA VAL A 82 6.54 -2.94 2.74
C VAL A 82 5.97 -3.69 3.94
N ASN A 83 4.66 -3.59 4.16
CA ASN A 83 4.03 -4.20 5.32
C ASN A 83 2.52 -4.35 5.14
N LEU A 84 1.89 -5.07 6.07
CA LEU A 84 0.45 -5.31 6.05
C LEU A 84 -0.29 -3.99 6.21
N ALA A 85 -1.30 -3.77 5.36
CA ALA A 85 -2.08 -2.54 5.37
C ALA A 85 -3.52 -2.81 5.77
N LYS A 86 -4.24 -1.75 6.17
CA LYS A 86 -5.65 -1.87 6.49
C LYS A 86 -6.36 -2.41 5.25
N PRO A 87 -7.05 -3.55 5.36
CA PRO A 87 -7.65 -4.20 4.21
C PRO A 87 -8.75 -3.34 3.61
N MET A 88 -8.85 -3.33 2.28
CA MET A 88 -9.87 -2.55 1.59
C MET A 88 -11.24 -3.18 1.76
N ARG A 89 -12.30 -2.37 1.59
CA ARG A 89 -13.69 -2.79 1.71
C ARG A 89 -14.09 -3.25 3.12
N ILE A 90 -13.15 -3.24 4.07
CA ILE A 90 -13.44 -3.51 5.47
C ILE A 90 -13.91 -2.22 6.14
N LYS A 91 -14.69 -2.33 7.22
CA LYS A 91 -15.26 -1.18 7.90
C LYS A 91 -15.45 -1.44 9.40
N GLU A 92 -14.73 -2.40 9.97
CA GLU A 92 -14.89 -2.78 11.36
C GLU A 92 -13.60 -2.71 12.17
N GLY A 93 -12.48 -2.31 11.55
CA GLY A 93 -11.22 -2.16 12.26
C GLY A 93 -10.67 -3.49 12.76
N SER A 94 -9.95 -3.42 13.87
CA SER A 94 -9.19 -4.51 14.46
C SER A 94 -8.05 -4.99 13.56
N SER A 95 -6.92 -5.28 14.19
CA SER A 95 -5.70 -5.77 13.54
C SER A 95 -5.15 -4.81 12.49
N ARG A 96 -5.48 -3.52 12.63
CA ARG A 96 -5.01 -2.48 11.73
C ARG A 96 -3.50 -2.21 11.88
N PRO A 97 -2.86 -1.61 10.87
CA PRO A 97 -1.45 -1.28 10.85
C PRO A 97 -1.00 -0.37 12.00
N VAL A 98 0.32 -0.14 12.10
CA VAL A 98 0.89 0.70 13.15
C VAL A 98 1.17 2.14 12.72
N TRP A 99 1.10 2.42 11.42
CA TRP A 99 1.27 3.76 10.87
C TRP A 99 -0.03 4.56 10.91
N SER A 100 -0.05 5.72 10.26
CA SER A 100 -1.20 6.63 10.23
C SER A 100 -2.34 6.12 9.35
N ASP A 101 -2.63 4.81 9.36
CA ASP A 101 -3.68 4.26 8.51
C ASP A 101 -5.05 4.82 8.88
N ASP A 102 -5.20 5.39 10.08
CA ASP A 102 -6.45 6.02 10.48
C ASP A 102 -6.78 7.27 9.70
N ASP A 103 -5.88 8.25 9.74
CA ASP A 103 -6.10 9.52 9.06
C ASP A 103 -5.84 9.51 7.56
N TRP A 104 -5.02 8.56 7.06
CA TRP A 104 -4.74 8.50 5.63
C TRP A 104 -5.87 7.81 4.86
N LEU A 105 -6.37 6.68 5.34
CA LEU A 105 -7.43 5.97 4.63
C LEU A 105 -8.76 6.70 4.81
N LYS A 106 -8.94 7.41 5.93
CA LYS A 106 -10.12 8.23 6.14
C LYS A 106 -10.08 9.47 5.27
N LYS A 107 -8.87 9.96 4.97
CA LYS A 107 -8.69 11.16 4.16
C LYS A 107 -9.14 10.94 2.72
N PHE A 108 -8.76 9.81 2.11
CA PHE A 108 -9.14 9.53 0.72
C PHE A 108 -10.62 9.15 0.67
N SER A 109 -11.14 8.56 1.75
CA SER A 109 -12.54 8.20 1.83
C SER A 109 -13.42 9.38 2.26
N GLY A 110 -12.78 10.51 2.62
CA GLY A 110 -13.48 11.69 3.09
C GLY A 110 -13.02 12.95 2.35
N LYS A 111 -11.95 13.57 2.86
CA LYS A 111 -11.47 14.86 2.38
C LYS A 111 -10.07 15.11 2.95
N THR A 112 -9.33 16.06 2.35
CA THR A 112 -8.01 16.45 2.80
C THR A 112 -7.91 16.81 4.30
N LEU A 113 -6.72 16.63 4.88
CA LEU A 113 -6.50 16.88 6.30
C LEU A 113 -6.63 18.37 6.66
N GLU A 114 -6.77 19.25 5.68
CA GLU A 114 -6.93 20.68 5.90
C GLU A 114 -8.25 21.00 6.59
N GLU A 115 -9.14 20.01 6.69
CA GLU A 115 -10.42 20.17 7.37
C GLU A 115 -10.27 20.11 8.90
N ASN A 116 -9.03 20.00 9.39
CA ASN A 116 -8.75 19.93 10.82
C ASN A 116 -9.19 21.18 11.56
N LYS A 117 -9.42 21.01 12.86
CA LYS A 117 -9.79 22.09 13.74
C LYS A 117 -9.42 21.74 15.19
N ALA A 1 -10.05 -12.36 8.61
CA ALA A 1 -9.61 -13.07 7.39
C ALA A 1 -8.91 -14.38 7.76
N GLY A 2 -8.61 -15.21 6.75
CA GLY A 2 -8.01 -16.52 6.95
C GLY A 2 -6.52 -16.47 7.33
N HIS A 3 -5.94 -15.26 7.43
CA HIS A 3 -4.51 -15.13 7.72
C HIS A 3 -4.24 -13.97 8.70
N MET A 4 -5.22 -13.12 8.96
CA MET A 4 -5.04 -11.93 9.78
C MET A 4 -6.40 -11.37 10.20
N ALA A 5 -6.45 -10.48 11.19
CA ALA A 5 -7.70 -9.87 11.63
C ALA A 5 -8.28 -8.93 10.57
N THR A 6 -7.54 -8.69 9.49
CA THR A 6 -7.99 -7.89 8.36
C THR A 6 -7.59 -8.49 7.02
N THR A 7 -8.29 -8.14 5.94
CA THR A 7 -7.98 -8.72 4.65
C THR A 7 -6.57 -8.40 4.14
N LYS A 8 -5.83 -9.44 3.75
CA LYS A 8 -4.46 -9.32 3.28
C LYS A 8 -4.43 -8.83 1.83
N ARG A 9 -5.61 -8.72 1.20
CA ARG A 9 -5.75 -8.39 -0.20
C ARG A 9 -5.14 -7.03 -0.56
N VAL A 10 -4.87 -6.18 0.43
CA VAL A 10 -4.30 -4.86 0.20
C VAL A 10 -3.04 -4.71 1.06
N LEU A 11 -2.05 -3.98 0.55
CA LEU A 11 -0.78 -3.76 1.26
C LEU A 11 -0.18 -2.41 0.88
N TYR A 12 0.67 -1.89 1.77
CA TYR A 12 1.39 -0.64 1.64
C TYR A 12 2.81 -0.73 1.08
N VAL A 13 3.28 0.35 0.44
CA VAL A 13 4.63 0.45 -0.09
C VAL A 13 5.21 1.84 0.14
N GLY A 14 6.49 1.92 0.50
CA GLY A 14 7.13 3.21 0.77
C GLY A 14 8.63 3.17 0.50
N GLY A 15 9.28 4.33 0.47
CA GLY A 15 10.72 4.44 0.24
C GLY A 15 11.05 4.45 -1.26
N LEU A 16 10.04 4.51 -2.12
CA LEU A 16 10.19 4.46 -3.56
C LEU A 16 10.85 5.71 -4.13
N ALA A 17 11.37 5.62 -5.36
CA ALA A 17 11.89 6.77 -6.10
C ALA A 17 10.74 7.51 -6.79
N GLU A 18 11.02 8.72 -7.29
CA GLU A 18 9.99 9.54 -7.94
C GLU A 18 9.63 8.99 -9.31
N GLU A 19 10.49 8.16 -9.91
CA GLU A 19 10.27 7.59 -11.22
C GLU A 19 9.21 6.49 -11.15
N VAL A 20 9.12 5.86 -9.98
CA VAL A 20 8.21 4.76 -9.72
C VAL A 20 6.78 5.16 -10.03
N ASP A 21 6.04 4.25 -10.66
CA ASP A 21 4.65 4.44 -11.05
C ASP A 21 3.99 3.06 -10.99
N ASP A 22 2.67 3.02 -11.13
CA ASP A 22 1.93 1.77 -11.02
C ASP A 22 2.31 0.71 -12.05
N LYS A 23 3.03 1.12 -13.09
CA LYS A 23 3.50 0.21 -14.14
C LYS A 23 4.67 -0.62 -13.60
N VAL A 24 5.59 0.06 -12.93
CA VAL A 24 6.78 -0.58 -12.37
C VAL A 24 6.48 -1.40 -11.12
N LEU A 25 5.52 -0.94 -10.31
CA LEU A 25 5.11 -1.64 -9.11
C LEU A 25 4.40 -2.94 -9.48
N HIS A 26 3.68 -2.97 -10.60
CA HIS A 26 3.02 -4.20 -11.02
C HIS A 26 4.08 -5.24 -11.37
N ALA A 27 5.07 -4.84 -12.17
CA ALA A 27 6.16 -5.73 -12.55
C ALA A 27 7.04 -6.09 -11.34
N ALA A 28 6.93 -5.36 -10.24
CA ALA A 28 7.72 -5.58 -9.05
C ALA A 28 6.98 -6.39 -7.99
N PHE A 29 5.67 -6.62 -8.17
CA PHE A 29 4.87 -7.38 -7.22
C PHE A 29 4.07 -8.55 -7.79
N ILE A 30 4.08 -8.72 -9.11
CA ILE A 30 3.34 -9.77 -9.79
C ILE A 30 3.93 -11.19 -9.63
N PRO A 31 5.23 -11.39 -9.36
CA PRO A 31 5.78 -12.75 -9.34
C PRO A 31 5.33 -13.55 -8.11
N PHE A 32 4.78 -12.88 -7.10
CA PHE A 32 4.35 -13.57 -5.87
C PHE A 32 2.90 -14.03 -6.04
N GLY A 33 2.17 -13.44 -6.98
CA GLY A 33 0.78 -13.79 -7.24
C GLY A 33 0.09 -12.71 -8.08
N ASP A 34 -1.09 -13.01 -8.61
CA ASP A 34 -1.79 -12.07 -9.46
C ASP A 34 -2.30 -10.80 -8.78
N ILE A 35 -2.11 -9.67 -9.46
CA ILE A 35 -2.51 -8.35 -8.96
C ILE A 35 -3.90 -7.98 -9.44
N THR A 36 -4.57 -7.10 -8.69
CA THR A 36 -5.90 -6.59 -9.01
C THR A 36 -5.99 -5.08 -9.17
N ASP A 37 -5.12 -4.34 -8.46
CA ASP A 37 -5.15 -2.89 -8.54
C ASP A 37 -3.87 -2.37 -7.87
N ILE A 38 -3.54 -1.10 -8.14
CA ILE A 38 -2.42 -0.38 -7.56
C ILE A 38 -2.83 1.09 -7.47
N GLN A 39 -2.46 1.76 -6.38
CA GLN A 39 -2.84 3.16 -6.18
C GLN A 39 -1.65 3.99 -5.72
N ILE A 40 -1.57 5.24 -6.21
CA ILE A 40 -0.48 6.15 -5.91
C ILE A 40 -1.03 7.56 -5.71
N PRO A 41 -0.87 8.13 -4.52
CA PRO A 41 -1.29 9.48 -4.21
C PRO A 41 -0.28 10.50 -4.77
N LEU A 42 -0.66 11.78 -4.77
CA LEU A 42 0.21 12.85 -5.24
C LEU A 42 0.16 14.02 -4.24
N ASP A 43 1.27 14.73 -4.10
CA ASP A 43 1.35 15.86 -3.18
C ASP A 43 0.73 17.17 -3.69
N TYR A 44 0.34 17.19 -4.97
CA TYR A 44 -0.25 18.34 -5.64
C TYR A 44 0.58 19.63 -5.74
N GLU A 45 1.55 19.80 -4.84
CA GLU A 45 2.44 20.95 -4.85
C GLU A 45 3.50 20.82 -5.94
N THR A 46 3.72 19.59 -6.42
CA THR A 46 4.71 19.30 -7.45
C THR A 46 4.31 18.16 -8.38
N GLU A 47 3.08 17.65 -8.24
CA GLU A 47 2.55 16.55 -9.04
C GLU A 47 3.38 15.27 -8.93
N LYS A 48 3.95 15.00 -7.74
CA LYS A 48 4.72 13.78 -7.48
C LYS A 48 4.22 13.08 -6.23
N HIS A 49 4.51 11.77 -6.14
CA HIS A 49 4.18 10.99 -4.96
C HIS A 49 5.36 11.04 -3.98
N ARG A 50 5.08 10.77 -2.70
CA ARG A 50 6.08 10.85 -1.64
C ARG A 50 6.90 9.55 -1.55
N GLY A 51 7.04 8.83 -2.67
CA GLY A 51 7.73 7.55 -2.69
C GLY A 51 6.88 6.48 -2.01
N PHE A 52 5.57 6.62 -2.09
CA PHE A 52 4.60 5.80 -1.39
C PHE A 52 3.36 5.44 -2.22
N ALA A 53 2.90 4.19 -2.07
CA ALA A 53 1.81 3.63 -2.85
C ALA A 53 1.14 2.47 -2.13
N PHE A 54 0.12 1.88 -2.76
CA PHE A 54 -0.57 0.69 -2.27
C PHE A 54 -0.67 -0.31 -3.42
N VAL A 55 -0.84 -1.59 -3.08
CA VAL A 55 -0.97 -2.68 -4.03
C VAL A 55 -2.11 -3.59 -3.59
N GLU A 56 -2.79 -4.22 -4.55
CA GLU A 56 -3.89 -5.13 -4.26
C GLU A 56 -3.77 -6.41 -5.05
N PHE A 57 -4.00 -7.54 -4.38
CA PHE A 57 -3.93 -8.88 -4.96
C PHE A 57 -5.29 -9.57 -5.13
N GLU A 58 -5.37 -10.58 -5.99
CA GLU A 58 -6.60 -11.36 -6.11
C GLU A 58 -6.55 -12.61 -5.21
N LEU A 59 -5.46 -12.75 -4.44
CA LEU A 59 -5.26 -13.86 -3.51
C LEU A 59 -4.68 -13.33 -2.20
N ALA A 60 -5.25 -13.73 -1.07
CA ALA A 60 -4.83 -13.20 0.23
C ALA A 60 -3.51 -13.82 0.70
N GLU A 61 -3.26 -15.09 0.37
CA GLU A 61 -2.03 -15.74 0.83
C GLU A 61 -0.83 -15.29 0.01
N ASP A 62 -1.05 -14.93 -1.26
CA ASP A 62 0.01 -14.41 -2.12
C ASP A 62 0.45 -12.99 -1.78
N ALA A 63 -0.47 -12.22 -1.17
CA ALA A 63 -0.18 -10.88 -0.75
C ALA A 63 0.71 -10.91 0.50
N ALA A 64 0.49 -11.90 1.38
CA ALA A 64 1.34 -12.08 2.55
C ALA A 64 2.76 -12.44 2.14
N ALA A 65 2.91 -13.22 1.05
CA ALA A 65 4.22 -13.59 0.56
C ALA A 65 4.94 -12.38 -0.04
N ALA A 66 4.21 -11.51 -0.74
CA ALA A 66 4.82 -10.34 -1.37
C ALA A 66 5.28 -9.33 -0.33
N ILE A 67 4.67 -9.33 0.86
CA ILE A 67 5.09 -8.43 1.94
C ILE A 67 6.42 -8.91 2.51
N ASP A 68 6.56 -10.22 2.74
CA ASP A 68 7.76 -10.78 3.33
C ASP A 68 8.94 -10.78 2.36
N ASN A 69 8.67 -10.83 1.06
CA ASN A 69 9.68 -10.93 0.03
C ASN A 69 10.16 -9.56 -0.47
N MET A 70 9.47 -8.48 -0.12
CA MET A 70 9.85 -7.14 -0.58
C MET A 70 10.09 -6.16 0.56
N ASN A 71 9.91 -6.59 1.82
CA ASN A 71 10.19 -5.75 2.97
C ASN A 71 11.70 -5.49 3.02
N GLU A 72 12.07 -4.22 3.23
CA GLU A 72 13.45 -3.79 3.31
C GLU A 72 14.26 -4.16 2.06
N SER A 73 13.57 -4.51 0.97
CA SER A 73 14.20 -4.87 -0.30
C SER A 73 14.55 -3.61 -1.09
N GLU A 74 15.17 -3.79 -2.25
CA GLU A 74 15.58 -2.70 -3.12
C GLU A 74 14.65 -2.55 -4.32
N LEU A 75 14.37 -1.30 -4.71
CA LEU A 75 13.57 -0.96 -5.88
C LEU A 75 14.05 0.41 -6.36
N PHE A 76 14.29 0.56 -7.66
CA PHE A 76 14.79 1.82 -8.21
C PHE A 76 16.12 2.34 -7.67
N GLY A 77 16.96 1.44 -7.15
CA GLY A 77 18.29 1.79 -6.68
C GLY A 77 18.30 2.23 -5.21
N ARG A 78 17.24 1.92 -4.46
CA ARG A 78 17.11 2.35 -3.07
C ARG A 78 16.23 1.39 -2.29
N THR A 79 16.36 1.43 -0.96
CA THR A 79 15.54 0.63 -0.06
C THR A 79 14.06 1.01 -0.02
N ILE A 80 13.18 0.02 0.18
CA ILE A 80 11.75 0.24 0.25
C ILE A 80 11.18 -0.53 1.44
N ARG A 81 9.98 -0.14 1.87
CA ARG A 81 9.26 -0.80 2.94
C ARG A 81 7.95 -1.35 2.38
N VAL A 82 7.48 -2.46 2.96
CA VAL A 82 6.25 -3.12 2.53
C VAL A 82 5.58 -3.76 3.74
N ASN A 83 4.29 -3.49 3.94
CA ASN A 83 3.57 -4.00 5.09
C ASN A 83 2.07 -3.93 4.89
N LEU A 84 1.32 -4.77 5.61
CA LEU A 84 -0.12 -4.80 5.53
C LEU A 84 -0.70 -3.54 6.15
N ALA A 85 -1.41 -2.75 5.35
CA ALA A 85 -2.09 -1.55 5.82
C ALA A 85 -3.55 -1.86 6.10
N LYS A 86 -4.22 -1.02 6.89
CA LYS A 86 -5.65 -1.16 7.08
C LYS A 86 -6.33 -0.90 5.74
N PRO A 87 -7.19 -1.80 5.26
CA PRO A 87 -8.01 -1.57 4.09
C PRO A 87 -8.87 -0.33 4.29
N MET A 88 -9.39 0.25 3.20
CA MET A 88 -10.13 1.49 3.27
C MET A 88 -11.28 1.43 4.27
N ARG A 89 -11.45 2.52 5.03
CA ARG A 89 -12.50 2.70 6.04
C ARG A 89 -12.53 1.66 7.16
N ILE A 90 -11.56 0.73 7.22
CA ILE A 90 -11.46 -0.19 8.34
C ILE A 90 -10.78 0.52 9.52
N LYS A 91 -11.29 0.31 10.74
CA LYS A 91 -10.85 1.08 11.89
C LYS A 91 -9.59 0.52 12.56
N GLU A 92 -9.29 -0.76 12.37
CA GLU A 92 -8.20 -1.40 13.08
C GLU A 92 -7.63 -2.58 12.30
N GLY A 93 -6.56 -3.16 12.84
CA GLY A 93 -5.91 -4.33 12.28
C GLY A 93 -4.90 -4.90 13.25
N SER A 94 -4.76 -6.22 13.25
CA SER A 94 -3.80 -6.90 14.08
C SER A 94 -2.42 -6.77 13.43
N SER A 95 -1.42 -6.46 14.25
CA SER A 95 -0.05 -6.25 13.79
C SER A 95 0.04 -5.14 12.74
N ARG A 96 -0.86 -4.16 12.86
CA ARG A 96 -0.96 -3.03 11.94
C ARG A 96 0.30 -2.17 11.95
N PRO A 97 0.49 -1.32 10.93
CA PRO A 97 1.62 -0.41 10.79
C PRO A 97 1.70 0.64 11.90
N VAL A 98 2.67 1.55 11.79
CA VAL A 98 2.91 2.60 12.77
C VAL A 98 2.81 4.01 12.19
N TRP A 99 2.72 4.13 10.87
CA TRP A 99 2.51 5.40 10.21
C TRP A 99 1.06 5.88 10.32
N SER A 100 0.76 7.05 9.78
CA SER A 100 -0.54 7.69 9.85
C SER A 100 -1.61 6.99 8.99
N ASP A 101 -1.70 5.66 9.06
CA ASP A 101 -2.67 4.90 8.27
C ASP A 101 -4.11 5.39 8.36
N ASP A 102 -4.58 5.78 9.55
CA ASP A 102 -5.95 6.24 9.70
C ASP A 102 -6.27 7.51 8.93
N ASP A 103 -5.34 8.47 8.96
CA ASP A 103 -5.53 9.74 8.26
C ASP A 103 -5.30 9.64 6.76
N TRP A 104 -4.40 8.75 6.32
CA TRP A 104 -4.11 8.60 4.90
C TRP A 104 -5.16 7.77 4.18
N LEU A 105 -5.58 6.64 4.76
CA LEU A 105 -6.54 5.77 4.11
C LEU A 105 -7.92 6.44 4.08
N LYS A 106 -8.24 7.25 5.10
CA LYS A 106 -9.50 7.98 5.10
C LYS A 106 -9.44 9.14 4.11
N LYS A 107 -8.24 9.71 3.90
CA LYS A 107 -8.07 10.84 3.00
C LYS A 107 -8.33 10.44 1.55
N PHE A 108 -7.94 9.24 1.13
CA PHE A 108 -8.13 8.83 -0.25
C PHE A 108 -9.52 8.21 -0.42
N SER A 109 -10.13 7.71 0.66
CA SER A 109 -11.43 7.05 0.59
C SER A 109 -12.59 8.01 0.90
N GLY A 110 -12.31 9.18 1.47
CA GLY A 110 -13.37 10.10 1.87
C GLY A 110 -12.91 11.55 2.03
N LYS A 111 -11.61 11.84 1.84
CA LYS A 111 -11.07 13.19 1.99
C LYS A 111 -11.49 13.78 3.34
N THR A 112 -12.01 15.00 3.36
CA THR A 112 -12.42 15.67 4.59
C THR A 112 -13.58 15.01 5.33
N LEU A 113 -13.62 15.16 6.66
CA LEU A 113 -14.63 14.54 7.50
C LEU A 113 -16.01 15.16 7.29
N GLU A 114 -16.10 16.25 6.52
CA GLU A 114 -17.37 16.90 6.23
C GLU A 114 -17.93 16.45 4.88
N GLU A 115 -17.18 15.65 4.12
CA GLU A 115 -17.62 15.16 2.81
C GLU A 115 -18.65 14.05 2.93
N ASN A 116 -18.85 13.52 4.15
CA ASN A 116 -19.81 12.46 4.41
C ASN A 116 -20.21 12.42 5.88
N LYS A 117 -21.41 11.90 6.16
CA LYS A 117 -21.89 11.76 7.53
C LYS A 117 -22.98 10.70 7.60
N ALA A 1 -9.67 -13.04 8.37
CA ALA A 1 -9.03 -13.70 7.23
C ALA A 1 -8.31 -14.98 7.67
N GLY A 2 -7.79 -15.76 6.73
CA GLY A 2 -7.16 -17.04 7.00
C GLY A 2 -5.77 -16.92 7.64
N HIS A 3 -5.25 -15.70 7.83
CA HIS A 3 -3.90 -15.51 8.37
C HIS A 3 -3.85 -14.35 9.38
N MET A 4 -4.91 -13.53 9.45
CA MET A 4 -4.92 -12.34 10.29
C MET A 4 -6.36 -11.84 10.47
N ALA A 5 -6.57 -10.93 11.42
CA ALA A 5 -7.88 -10.34 11.67
C ALA A 5 -8.34 -9.43 10.52
N THR A 6 -7.53 -9.28 9.46
CA THR A 6 -7.88 -8.48 8.30
C THR A 6 -7.40 -9.03 6.97
N THR A 7 -8.05 -8.61 5.88
CA THR A 7 -7.74 -9.03 4.54
C THR A 7 -6.33 -8.65 4.07
N LYS A 8 -5.59 -9.64 3.54
CA LYS A 8 -4.22 -9.44 3.08
C LYS A 8 -4.18 -9.01 1.62
N ARG A 9 -5.34 -8.94 0.98
CA ARG A 9 -5.47 -8.66 -0.45
C ARG A 9 -5.05 -7.23 -0.80
N VAL A 10 -4.63 -6.44 0.20
CA VAL A 10 -4.13 -5.08 -0.01
C VAL A 10 -2.91 -4.81 0.87
N LEU A 11 -1.84 -4.23 0.31
CA LEU A 11 -0.64 -3.89 1.05
C LEU A 11 -0.18 -2.46 0.77
N TYR A 12 0.51 -1.87 1.74
CA TYR A 12 1.13 -0.56 1.63
C TYR A 12 2.54 -0.54 1.05
N VAL A 13 2.90 0.54 0.36
CA VAL A 13 4.24 0.72 -0.19
C VAL A 13 4.72 2.16 -0.04
N GLY A 14 5.96 2.35 0.42
CA GLY A 14 6.49 3.69 0.63
C GLY A 14 8.00 3.76 0.46
N GLY A 15 8.55 4.98 0.47
CA GLY A 15 9.97 5.22 0.33
C GLY A 15 10.40 5.24 -1.15
N LEU A 16 9.42 5.17 -2.06
CA LEU A 16 9.65 5.09 -3.49
C LEU A 16 10.15 6.41 -4.08
N ALA A 17 10.71 6.34 -5.30
CA ALA A 17 11.05 7.51 -6.09
C ALA A 17 9.79 7.99 -6.82
N GLU A 18 9.86 9.18 -7.45
CA GLU A 18 8.71 9.73 -8.15
C GLU A 18 8.44 9.01 -9.46
N GLU A 19 9.42 8.23 -9.95
CA GLU A 19 9.31 7.49 -11.21
C GLU A 19 8.62 6.15 -11.01
N VAL A 20 8.34 5.77 -9.76
CA VAL A 20 7.78 4.48 -9.40
C VAL A 20 6.28 4.38 -9.68
N ASP A 21 5.90 4.51 -10.95
CA ASP A 21 4.53 4.35 -11.40
C ASP A 21 3.98 2.92 -11.24
N ASP A 22 2.67 2.77 -11.38
CA ASP A 22 2.01 1.47 -11.18
C ASP A 22 2.50 0.36 -12.11
N LYS A 23 3.13 0.73 -13.22
CA LYS A 23 3.66 -0.22 -14.18
C LYS A 23 4.87 -0.93 -13.57
N VAL A 24 5.73 -0.16 -12.91
CA VAL A 24 6.93 -0.69 -12.29
C VAL A 24 6.64 -1.47 -11.01
N LEU A 25 5.58 -1.07 -10.29
CA LEU A 25 5.16 -1.75 -9.08
C LEU A 25 4.60 -3.13 -9.42
N HIS A 26 3.94 -3.27 -10.57
CA HIS A 26 3.42 -4.58 -10.96
C HIS A 26 4.59 -5.52 -11.21
N ALA A 27 5.58 -5.06 -11.97
CA ALA A 27 6.77 -5.87 -12.26
C ALA A 27 7.61 -6.10 -11.00
N ALA A 28 7.39 -5.32 -9.93
CA ALA A 28 8.15 -5.43 -8.70
C ALA A 28 7.45 -6.30 -7.65
N PHE A 29 6.17 -6.63 -7.85
CA PHE A 29 5.42 -7.41 -6.89
C PHE A 29 4.73 -8.67 -7.43
N ILE A 30 4.82 -8.91 -8.74
CA ILE A 30 4.18 -10.05 -9.39
C ILE A 30 4.86 -11.40 -9.12
N PRO A 31 6.17 -11.49 -8.80
CA PRO A 31 6.83 -12.80 -8.71
C PRO A 31 6.43 -13.57 -7.45
N PHE A 32 5.78 -12.92 -6.48
CA PHE A 32 5.39 -13.57 -5.24
C PHE A 32 3.99 -14.17 -5.42
N GLY A 33 3.24 -13.68 -6.41
CA GLY A 33 1.88 -14.15 -6.67
C GLY A 33 1.15 -13.17 -7.58
N ASP A 34 0.03 -13.58 -8.16
CA ASP A 34 -0.71 -12.74 -9.09
C ASP A 34 -1.33 -11.49 -8.49
N ILE A 35 -1.21 -10.37 -9.21
CA ILE A 35 -1.72 -9.07 -8.79
C ILE A 35 -3.11 -8.83 -9.36
N THR A 36 -3.90 -8.03 -8.63
CA THR A 36 -5.23 -7.63 -9.04
C THR A 36 -5.40 -6.13 -9.30
N ASP A 37 -4.67 -5.32 -8.53
CA ASP A 37 -4.75 -3.86 -8.60
C ASP A 37 -3.56 -3.14 -7.97
N ILE A 38 -3.40 -1.85 -8.32
CA ILE A 38 -2.36 -0.98 -7.79
C ILE A 38 -2.95 0.43 -7.72
N GLN A 39 -2.53 1.24 -6.74
CA GLN A 39 -3.05 2.58 -6.56
C GLN A 39 -1.92 3.56 -6.31
N ILE A 40 -2.07 4.79 -6.81
CA ILE A 40 -1.09 5.85 -6.65
C ILE A 40 -1.79 7.20 -6.48
N PRO A 41 -1.67 7.85 -5.32
CA PRO A 41 -2.22 9.17 -5.06
C PRO A 41 -1.34 10.24 -5.67
N LEU A 42 -1.79 11.50 -5.64
CA LEU A 42 -1.03 12.62 -6.17
C LEU A 42 -1.08 13.79 -5.19
N ASP A 43 0.04 14.51 -5.06
CA ASP A 43 0.15 15.63 -4.14
C ASP A 43 -0.43 16.95 -4.64
N TYR A 44 -0.81 17.02 -5.92
CA TYR A 44 -1.36 18.20 -6.57
C TYR A 44 -0.47 19.44 -6.65
N GLU A 45 0.49 19.59 -5.74
CA GLU A 45 1.44 20.70 -5.74
C GLU A 45 2.49 20.50 -6.84
N THR A 46 2.62 19.27 -7.33
CA THR A 46 3.60 18.91 -8.35
C THR A 46 3.10 17.84 -9.32
N GLU A 47 1.87 17.36 -9.11
CA GLU A 47 1.28 16.31 -9.93
C GLU A 47 2.05 14.99 -9.87
N LYS A 48 2.69 14.70 -8.74
CA LYS A 48 3.44 13.46 -8.53
C LYS A 48 3.04 12.83 -7.20
N HIS A 49 3.32 11.53 -7.06
CA HIS A 49 3.01 10.82 -5.82
C HIS A 49 4.11 11.05 -4.78
N ARG A 50 3.79 10.85 -3.52
CA ARG A 50 4.67 11.15 -2.39
C ARG A 50 5.66 10.02 -2.12
N GLY A 51 5.98 9.20 -3.14
CA GLY A 51 6.83 8.04 -2.96
C GLY A 51 6.07 6.92 -2.25
N PHE A 52 4.75 6.90 -2.44
CA PHE A 52 3.83 5.99 -1.76
C PHE A 52 2.69 5.49 -2.65
N ALA A 53 2.34 4.21 -2.49
CA ALA A 53 1.37 3.53 -3.33
C ALA A 53 0.77 2.32 -2.61
N PHE A 54 -0.20 1.67 -3.24
CA PHE A 54 -0.78 0.42 -2.75
C PHE A 54 -0.70 -0.68 -3.80
N VAL A 55 -0.70 -1.94 -3.36
CA VAL A 55 -0.69 -3.09 -4.26
C VAL A 55 -1.74 -4.09 -3.76
N GLU A 56 -2.38 -4.80 -4.70
CA GLU A 56 -3.43 -5.74 -4.35
C GLU A 56 -3.20 -7.07 -5.07
N PHE A 57 -3.44 -8.17 -4.35
CA PHE A 57 -3.24 -9.53 -4.81
C PHE A 57 -4.53 -10.32 -4.99
N GLU A 58 -4.50 -11.42 -5.74
CA GLU A 58 -5.66 -12.28 -5.85
C GLU A 58 -5.54 -13.49 -4.91
N LEU A 59 -4.47 -13.52 -4.11
CA LEU A 59 -4.23 -14.58 -3.12
C LEU A 59 -3.75 -13.94 -1.82
N ALA A 60 -4.35 -14.31 -0.69
CA ALA A 60 -4.04 -13.68 0.58
C ALA A 60 -2.70 -14.16 1.16
N GLU A 61 -2.28 -15.40 0.86
CA GLU A 61 -1.03 -15.92 1.40
C GLU A 61 0.16 -15.39 0.60
N ASP A 62 -0.03 -15.13 -0.69
CA ASP A 62 1.01 -14.58 -1.53
C ASP A 62 1.29 -13.10 -1.27
N ALA A 63 0.29 -12.40 -0.71
CA ALA A 63 0.45 -11.00 -0.37
C ALA A 63 1.35 -10.86 0.86
N ALA A 64 1.19 -11.74 1.85
CA ALA A 64 2.05 -11.75 3.02
C ALA A 64 3.48 -12.10 2.64
N ALA A 65 3.67 -12.94 1.60
CA ALA A 65 5.00 -13.26 1.13
C ALA A 65 5.66 -12.04 0.50
N ALA A 66 4.88 -11.21 -0.20
CA ALA A 66 5.41 -10.01 -0.85
C ALA A 66 5.80 -8.96 0.19
N ILE A 67 5.21 -9.02 1.39
CA ILE A 67 5.62 -8.13 2.47
C ILE A 67 7.05 -8.47 2.88
N ASP A 68 7.27 -9.73 3.27
CA ASP A 68 8.56 -10.15 3.80
C ASP A 68 9.69 -10.13 2.77
N ASN A 69 9.34 -10.24 1.49
CA ASN A 69 10.32 -10.29 0.41
C ASN A 69 10.67 -8.91 -0.15
N MET A 70 9.96 -7.85 0.24
CA MET A 70 10.22 -6.51 -0.28
C MET A 70 10.32 -5.47 0.83
N ASN A 71 10.07 -5.84 2.09
CA ASN A 71 10.21 -4.91 3.20
C ASN A 71 11.68 -4.53 3.33
N GLU A 72 11.95 -3.23 3.49
CA GLU A 72 13.29 -2.69 3.63
C GLU A 72 14.18 -3.03 2.42
N SER A 73 13.58 -3.48 1.32
CA SER A 73 14.31 -3.81 0.10
C SER A 73 14.57 -2.53 -0.71
N GLU A 74 15.21 -2.68 -1.87
CA GLU A 74 15.55 -1.59 -2.75
C GLU A 74 14.63 -1.55 -3.98
N LEU A 75 14.28 -0.34 -4.42
CA LEU A 75 13.49 -0.11 -5.62
C LEU A 75 13.86 1.28 -6.14
N PHE A 76 14.12 1.41 -7.45
CA PHE A 76 14.53 2.69 -8.02
C PHE A 76 15.81 3.33 -7.48
N GLY A 77 16.70 2.51 -6.89
CA GLY A 77 17.99 2.99 -6.40
C GLY A 77 17.95 3.47 -4.96
N ARG A 78 16.89 3.11 -4.21
CA ARG A 78 16.70 3.56 -2.84
C ARG A 78 15.88 2.54 -2.05
N THR A 79 15.98 2.63 -0.71
CA THR A 79 15.21 1.77 0.18
C THR A 79 13.72 2.05 0.19
N ILE A 80 12.90 1.02 0.45
CA ILE A 80 11.45 1.14 0.47
C ILE A 80 10.87 0.40 1.67
N ARG A 81 9.56 0.57 1.88
CA ARG A 81 8.82 -0.10 2.94
C ARG A 81 7.64 -0.84 2.31
N VAL A 82 7.27 -1.97 2.91
CA VAL A 82 6.15 -2.79 2.46
C VAL A 82 5.52 -3.46 3.66
N ASN A 83 4.19 -3.35 3.81
CA ASN A 83 3.51 -3.96 4.94
C ASN A 83 2.00 -4.07 4.70
N LEU A 84 1.35 -4.90 5.51
CA LEU A 84 -0.09 -5.13 5.41
C LEU A 84 -0.82 -3.82 5.72
N ALA A 85 -1.81 -3.48 4.89
CA ALA A 85 -2.60 -2.27 5.03
C ALA A 85 -4.08 -2.63 5.13
N LYS A 86 -4.90 -1.68 5.59
CA LYS A 86 -6.33 -1.91 5.73
C LYS A 86 -6.95 -2.09 4.34
N PRO A 87 -7.84 -3.07 4.16
CA PRO A 87 -8.53 -3.29 2.89
C PRO A 87 -9.34 -2.07 2.47
N MET A 88 -9.71 -1.98 1.20
CA MET A 88 -10.51 -0.86 0.71
C MET A 88 -11.88 -0.80 1.39
N ARG A 89 -12.46 0.40 1.44
CA ARG A 89 -13.72 0.68 2.13
C ARG A 89 -13.67 0.11 3.54
N ILE A 90 -12.86 0.75 4.40
CA ILE A 90 -12.60 0.27 5.75
C ILE A 90 -13.85 0.32 6.62
N LYS A 91 -14.01 -0.69 7.47
CA LYS A 91 -15.06 -0.76 8.49
C LYS A 91 -14.61 -1.61 9.68
N GLU A 92 -13.37 -2.11 9.65
CA GLU A 92 -12.81 -3.01 10.64
C GLU A 92 -12.32 -2.26 11.89
N GLY A 93 -11.94 -3.03 12.90
CA GLY A 93 -11.32 -2.51 14.10
C GLY A 93 -10.64 -3.62 14.88
N SER A 94 -9.31 -3.55 14.89
CA SER A 94 -8.43 -4.53 15.51
C SER A 94 -7.03 -3.93 15.49
N SER A 95 -6.01 -4.76 15.34
CA SER A 95 -4.63 -4.30 15.19
C SER A 95 -4.46 -3.61 13.84
N ARG A 96 -3.60 -2.59 13.78
CA ARG A 96 -3.40 -1.82 12.56
C ARG A 96 -2.00 -1.17 12.52
N PRO A 97 -1.56 -0.73 11.33
CA PRO A 97 -0.26 -0.10 11.12
C PRO A 97 0.01 1.11 12.01
N VAL A 98 1.26 1.56 12.02
CA VAL A 98 1.71 2.66 12.88
C VAL A 98 1.79 4.01 12.17
N TRP A 99 1.77 3.99 10.84
CA TRP A 99 1.75 5.21 10.04
C TRP A 99 0.37 5.86 10.01
N SER A 100 0.19 6.90 9.17
CA SER A 100 -1.05 7.65 9.07
C SER A 100 -2.17 6.87 8.38
N ASP A 101 -2.36 5.60 8.74
CA ASP A 101 -3.39 4.75 8.16
C ASP A 101 -4.79 5.32 8.23
N ASP A 102 -5.12 6.07 9.29
CA ASP A 102 -6.45 6.65 9.42
C ASP A 102 -6.75 7.70 8.36
N ASP A 103 -5.81 8.61 8.13
CA ASP A 103 -5.98 9.70 7.17
C ASP A 103 -5.96 9.23 5.73
N TRP A 104 -4.90 8.50 5.35
CA TRP A 104 -4.70 8.12 3.96
C TRP A 104 -5.78 7.16 3.47
N LEU A 105 -6.11 6.12 4.25
CA LEU A 105 -7.07 5.13 3.77
C LEU A 105 -8.49 5.70 3.77
N LYS A 106 -8.86 6.54 4.74
CA LYS A 106 -10.21 7.09 4.73
C LYS A 106 -10.33 8.12 3.60
N LYS A 107 -9.23 8.80 3.29
CA LYS A 107 -9.22 9.84 2.28
C LYS A 107 -9.67 9.30 0.93
N PHE A 108 -8.89 8.38 0.36
CA PHE A 108 -9.14 7.89 -1.00
C PHE A 108 -10.40 7.03 -0.97
N SER A 109 -10.76 6.44 0.17
CA SER A 109 -11.94 5.59 0.22
C SER A 109 -13.22 6.42 0.28
N GLY A 110 -13.15 7.73 0.53
CA GLY A 110 -14.35 8.54 0.43
C GLY A 110 -14.29 9.96 1.01
N LYS A 111 -13.37 10.29 1.92
CA LYS A 111 -13.49 11.58 2.61
C LYS A 111 -12.25 12.00 3.40
N THR A 112 -12.02 13.31 3.42
CA THR A 112 -10.95 13.97 4.17
C THR A 112 -10.96 13.77 5.68
N LEU A 113 -9.80 13.92 6.34
CA LEU A 113 -9.70 13.76 7.78
C LEU A 113 -10.23 14.97 8.55
N GLU A 114 -10.56 16.06 7.84
CA GLU A 114 -11.04 17.32 8.43
C GLU A 114 -10.07 17.96 9.41
N GLU A 115 -10.41 19.17 9.86
CA GLU A 115 -9.62 19.94 10.82
C GLU A 115 -10.30 19.94 12.18
N ASN A 116 -11.31 19.08 12.36
CA ASN A 116 -12.11 19.00 13.58
C ASN A 116 -11.41 18.20 14.67
N LYS A 117 -10.14 17.83 14.47
CA LYS A 117 -9.38 17.02 15.42
C LYS A 117 -9.16 17.77 16.73
N ALA A 1 -10.82 -13.09 8.05
CA ALA A 1 -10.52 -13.34 6.62
C ALA A 1 -10.02 -14.77 6.39
N GLY A 2 -8.95 -15.15 7.10
CA GLY A 2 -8.34 -16.46 6.96
C GLY A 2 -7.12 -16.57 7.86
N HIS A 3 -5.93 -16.40 7.28
CA HIS A 3 -4.67 -16.39 8.02
C HIS A 3 -4.59 -15.17 8.95
N MET A 4 -5.59 -14.28 8.83
CA MET A 4 -5.56 -12.97 9.46
C MET A 4 -6.98 -12.45 9.71
N ALA A 5 -7.09 -11.42 10.54
CA ALA A 5 -8.38 -10.84 10.93
C ALA A 5 -8.89 -9.81 9.91
N THR A 6 -8.07 -9.45 8.91
CA THR A 6 -8.47 -8.49 7.88
C THR A 6 -8.01 -8.87 6.49
N THR A 7 -8.74 -8.46 5.45
CA THR A 7 -8.36 -8.86 4.10
C THR A 7 -7.00 -8.38 3.66
N LYS A 8 -6.12 -9.33 3.32
CA LYS A 8 -4.74 -9.06 2.95
C LYS A 8 -4.64 -8.77 1.45
N ARG A 9 -5.80 -8.65 0.79
CA ARG A 9 -5.90 -8.33 -0.63
C ARG A 9 -5.36 -6.93 -0.94
N VAL A 10 -5.00 -6.16 0.10
CA VAL A 10 -4.46 -4.81 -0.04
C VAL A 10 -3.24 -4.65 0.86
N LEU A 11 -2.22 -3.92 0.40
CA LEU A 11 -1.00 -3.70 1.18
C LEU A 11 -0.37 -2.35 0.84
N TYR A 12 0.48 -1.88 1.76
CA TYR A 12 1.22 -0.63 1.67
C TYR A 12 2.66 -0.75 1.18
N VAL A 13 3.16 0.33 0.55
CA VAL A 13 4.54 0.44 0.10
C VAL A 13 5.10 1.83 0.36
N GLY A 14 6.36 1.94 0.77
CA GLY A 14 6.96 3.23 1.06
C GLY A 14 8.47 3.21 0.92
N GLY A 15 9.11 4.38 0.95
CA GLY A 15 10.55 4.51 0.82
C GLY A 15 10.98 4.54 -0.65
N LEU A 16 10.02 4.62 -1.57
CA LEU A 16 10.26 4.58 -3.00
C LEU A 16 10.85 5.89 -3.53
N ALA A 17 11.43 5.84 -4.74
CA ALA A 17 11.90 7.01 -5.46
C ALA A 17 10.73 7.72 -6.16
N GLU A 18 11.00 8.87 -6.79
CA GLU A 18 9.98 9.67 -7.45
C GLU A 18 9.42 9.00 -8.71
N GLU A 19 10.25 8.26 -9.44
CA GLU A 19 9.87 7.65 -10.71
C GLU A 19 9.23 6.27 -10.54
N VAL A 20 8.94 5.88 -9.30
CA VAL A 20 8.31 4.59 -8.98
C VAL A 20 6.81 4.61 -9.21
N ASP A 21 6.41 4.75 -10.48
CA ASP A 21 5.01 4.71 -10.89
C ASP A 21 4.35 3.34 -10.75
N ASP A 22 3.04 3.28 -10.92
CA ASP A 22 2.29 2.03 -10.74
C ASP A 22 2.67 0.92 -11.71
N LYS A 23 3.34 1.28 -12.81
CA LYS A 23 3.79 0.33 -13.81
C LYS A 23 4.98 -0.46 -13.26
N VAL A 24 5.88 0.22 -12.56
CA VAL A 24 7.06 -0.41 -11.99
C VAL A 24 6.74 -1.23 -10.74
N LEU A 25 5.73 -0.80 -9.99
CA LEU A 25 5.28 -1.52 -8.81
C LEU A 25 4.65 -2.85 -9.22
N HIS A 26 3.98 -2.89 -10.38
CA HIS A 26 3.39 -4.14 -10.84
C HIS A 26 4.51 -5.13 -11.15
N ALA A 27 5.52 -4.68 -11.89
CA ALA A 27 6.66 -5.53 -12.23
C ALA A 27 7.48 -5.89 -10.98
N ALA A 28 7.30 -5.16 -9.87
CA ALA A 28 8.06 -5.38 -8.66
C ALA A 28 7.30 -6.25 -7.64
N PHE A 29 6.00 -6.50 -7.87
CA PHE A 29 5.20 -7.28 -6.95
C PHE A 29 4.44 -8.47 -7.55
N ILE A 30 4.52 -8.64 -8.86
CA ILE A 30 3.81 -9.70 -9.57
C ILE A 30 4.40 -11.11 -9.38
N PRO A 31 5.69 -11.32 -9.06
CA PRO A 31 6.24 -12.67 -9.02
C PRO A 31 5.75 -13.48 -7.82
N PHE A 32 5.13 -12.83 -6.83
CA PHE A 32 4.65 -13.53 -5.64
C PHE A 32 3.22 -14.01 -5.86
N GLY A 33 2.53 -13.47 -6.87
CA GLY A 33 1.17 -13.83 -7.19
C GLY A 33 0.51 -12.75 -8.04
N ASP A 34 -0.64 -13.07 -8.64
CA ASP A 34 -1.32 -12.12 -9.53
C ASP A 34 -1.85 -10.86 -8.86
N ILE A 35 -1.66 -9.72 -9.53
CA ILE A 35 -2.10 -8.42 -9.04
C ILE A 35 -3.45 -8.04 -9.63
N THR A 36 -4.25 -7.31 -8.85
CA THR A 36 -5.54 -6.79 -9.26
C THR A 36 -5.56 -5.30 -9.56
N ASP A 37 -4.84 -4.54 -8.73
CA ASP A 37 -4.79 -3.09 -8.79
C ASP A 37 -3.59 -2.49 -8.06
N ILE A 38 -3.28 -1.22 -8.37
CA ILE A 38 -2.22 -0.47 -7.71
C ILE A 38 -2.69 0.99 -7.59
N GLN A 39 -2.35 1.64 -6.49
CA GLN A 39 -2.78 3.01 -6.24
C GLN A 39 -1.63 3.88 -5.75
N ILE A 40 -1.62 5.14 -6.17
CA ILE A 40 -0.57 6.09 -5.77
C ILE A 40 -1.21 7.46 -5.55
N PRO A 41 -1.15 7.99 -4.33
CA PRO A 41 -1.58 9.35 -4.04
C PRO A 41 -0.74 10.35 -4.83
N LEU A 42 -1.36 11.40 -5.38
CA LEU A 42 -0.66 12.38 -6.20
C LEU A 42 -1.13 13.79 -5.88
N ASP A 43 -0.20 14.75 -6.01
CA ASP A 43 -0.47 16.15 -5.76
C ASP A 43 -1.37 16.81 -6.82
N TYR A 44 -2.23 17.73 -6.36
CA TYR A 44 -3.20 18.40 -7.23
C TYR A 44 -2.66 19.45 -8.19
N GLU A 45 -1.36 19.79 -8.09
CA GLU A 45 -0.78 20.83 -8.92
C GLU A 45 0.65 20.48 -9.38
N THR A 46 1.11 19.25 -9.13
CA THR A 46 2.43 18.82 -9.56
C THR A 46 2.54 17.33 -9.88
N GLU A 47 1.49 16.55 -9.57
CA GLU A 47 1.41 15.14 -9.90
C GLU A 47 2.60 14.32 -9.38
N LYS A 48 3.08 14.63 -8.16
CA LYS A 48 4.14 13.85 -7.52
C LYS A 48 3.59 13.09 -6.32
N HIS A 49 4.29 12.03 -5.91
CA HIS A 49 3.91 11.21 -4.76
C HIS A 49 4.99 11.23 -3.69
N ARG A 50 4.63 10.77 -2.49
CA ARG A 50 5.48 10.81 -1.29
C ARG A 50 6.53 9.71 -1.27
N GLY A 51 6.72 8.98 -2.38
CA GLY A 51 7.56 7.78 -2.36
C GLY A 51 6.77 6.63 -1.72
N PHE A 52 5.45 6.68 -1.85
CA PHE A 52 4.50 5.79 -1.19
C PHE A 52 3.30 5.43 -2.07
N ALA A 53 2.87 4.18 -1.98
CA ALA A 53 1.81 3.62 -2.81
C ALA A 53 1.14 2.43 -2.12
N PHE A 54 0.08 1.90 -2.74
CA PHE A 54 -0.58 0.68 -2.28
C PHE A 54 -0.59 -0.31 -3.44
N VAL A 55 -0.73 -1.60 -3.12
CA VAL A 55 -0.78 -2.68 -4.10
C VAL A 55 -1.93 -3.61 -3.71
N GLU A 56 -2.57 -4.26 -4.69
CA GLU A 56 -3.69 -5.15 -4.43
C GLU A 56 -3.54 -6.45 -5.21
N PHE A 57 -3.79 -7.57 -4.53
CA PHE A 57 -3.71 -8.91 -5.09
C PHE A 57 -5.06 -9.60 -5.31
N GLU A 58 -5.11 -10.63 -6.17
CA GLU A 58 -6.33 -11.41 -6.35
C GLU A 58 -6.29 -12.66 -5.47
N LEU A 59 -5.23 -12.82 -4.67
CA LEU A 59 -5.06 -13.92 -3.74
C LEU A 59 -4.51 -13.37 -2.43
N ALA A 60 -5.13 -13.73 -1.29
CA ALA A 60 -4.75 -13.16 -0.02
C ALA A 60 -3.47 -13.77 0.55
N GLU A 61 -3.19 -15.04 0.24
CA GLU A 61 -1.99 -15.70 0.74
C GLU A 61 -0.76 -15.25 -0.04
N ASP A 62 -0.94 -14.84 -1.29
CA ASP A 62 0.15 -14.33 -2.11
C ASP A 62 0.56 -12.89 -1.78
N ALA A 63 -0.38 -12.12 -1.22
CA ALA A 63 -0.11 -10.77 -0.78
C ALA A 63 0.71 -10.82 0.52
N ALA A 64 0.35 -11.75 1.41
CA ALA A 64 1.11 -11.97 2.63
C ALA A 64 2.54 -12.39 2.31
N ALA A 65 2.74 -13.14 1.22
CA ALA A 65 4.06 -13.55 0.81
C ALA A 65 4.84 -12.36 0.25
N ALA A 66 4.18 -11.48 -0.50
CA ALA A 66 4.86 -10.33 -1.08
C ALA A 66 5.28 -9.34 0.01
N ILE A 67 4.53 -9.27 1.12
CA ILE A 67 4.90 -8.44 2.24
C ILE A 67 6.15 -9.01 2.90
N ASP A 68 6.18 -10.32 3.09
CA ASP A 68 7.30 -11.01 3.72
C ASP A 68 8.54 -11.20 2.84
N ASN A 69 8.43 -10.83 1.55
CA ASN A 69 9.54 -10.96 0.60
C ASN A 69 10.03 -9.61 0.09
N MET A 70 9.36 -8.50 0.43
CA MET A 70 9.77 -7.17 -0.01
C MET A 70 9.93 -6.19 1.15
N ASN A 71 9.61 -6.58 2.39
CA ASN A 71 9.80 -5.71 3.53
C ASN A 71 11.30 -5.48 3.74
N GLU A 72 11.68 -4.22 3.96
CA GLU A 72 13.05 -3.80 4.16
C GLU A 72 13.95 -4.16 2.97
N SER A 73 13.37 -4.53 1.84
CA SER A 73 14.11 -4.86 0.63
C SER A 73 14.46 -3.58 -0.15
N GLU A 74 15.14 -3.74 -1.27
CA GLU A 74 15.58 -2.63 -2.11
C GLU A 74 14.74 -2.52 -3.38
N LEU A 75 14.46 -1.28 -3.79
CA LEU A 75 13.73 -0.97 -5.02
C LEU A 75 14.22 0.39 -5.51
N PHE A 76 14.49 0.52 -6.81
CA PHE A 76 15.01 1.76 -7.37
C PHE A 76 16.34 2.28 -6.81
N GLY A 77 17.11 1.41 -6.12
CA GLY A 77 18.40 1.79 -5.57
C GLY A 77 18.34 2.25 -4.11
N ARG A 78 17.19 2.06 -3.45
CA ARG A 78 17.02 2.44 -2.05
C ARG A 78 16.11 1.46 -1.32
N THR A 79 16.20 1.45 0.00
CA THR A 79 15.34 0.63 0.85
C THR A 79 13.87 1.00 0.84
N ILE A 80 12.99 0.01 0.99
CA ILE A 80 11.55 0.22 0.97
C ILE A 80 10.89 -0.55 2.10
N ARG A 81 9.67 -0.15 2.45
CA ARG A 81 8.86 -0.80 3.47
C ARG A 81 7.63 -1.40 2.81
N VAL A 82 7.13 -2.51 3.35
CA VAL A 82 5.95 -3.20 2.85
C VAL A 82 5.20 -3.84 4.02
N ASN A 83 3.89 -3.61 4.11
CA ASN A 83 3.10 -4.14 5.22
C ASN A 83 1.60 -4.05 4.93
N LEU A 84 0.80 -4.72 5.77
CA LEU A 84 -0.64 -4.75 5.63
C LEU A 84 -1.26 -3.41 6.03
N ALA A 85 -1.81 -2.69 5.04
CA ALA A 85 -2.55 -1.46 5.28
C ALA A 85 -4.01 -1.82 5.56
N LYS A 86 -4.71 -1.05 6.40
CA LYS A 86 -6.11 -1.36 6.65
C LYS A 86 -6.87 -1.21 5.33
N PRO A 87 -7.62 -2.24 4.89
CA PRO A 87 -8.42 -2.17 3.70
C PRO A 87 -9.49 -1.09 3.81
N MET A 88 -10.00 -0.63 2.65
CA MET A 88 -10.99 0.44 2.59
C MET A 88 -12.34 0.01 3.16
N ARG A 89 -12.44 -1.22 3.70
CA ARG A 89 -13.69 -1.74 4.26
C ARG A 89 -13.56 -2.09 5.74
N ILE A 90 -12.40 -1.83 6.35
CA ILE A 90 -12.17 -2.12 7.76
C ILE A 90 -11.48 -0.94 8.44
N LYS A 91 -11.79 -0.73 9.72
CA LYS A 91 -11.29 0.41 10.50
C LYS A 91 -9.83 0.25 10.92
N GLU A 92 -9.26 -0.95 10.81
CA GLU A 92 -7.90 -1.20 11.26
C GLU A 92 -7.29 -2.41 10.58
N GLY A 93 -5.96 -2.54 10.65
CA GLY A 93 -5.22 -3.66 10.09
C GLY A 93 -5.03 -4.78 11.13
N SER A 94 -4.73 -6.00 10.66
CA SER A 94 -4.55 -7.15 11.53
C SER A 94 -3.08 -7.35 11.93
N SER A 95 -2.16 -6.64 11.27
CA SER A 95 -0.72 -6.74 11.53
C SER A 95 -0.16 -5.40 12.01
N ARG A 96 -1.02 -4.36 11.97
CA ARG A 96 -0.73 -2.99 12.35
C ARG A 96 0.39 -2.35 11.53
N PRO A 97 0.19 -1.08 11.10
CA PRO A 97 1.17 -0.33 10.32
C PRO A 97 2.26 0.27 11.21
N VAL A 98 3.22 0.91 10.57
CA VAL A 98 4.33 1.62 11.21
C VAL A 98 4.47 3.04 10.65
N TRP A 99 3.38 3.55 10.07
CA TRP A 99 3.32 4.82 9.36
C TRP A 99 2.03 5.58 9.69
N SER A 100 1.88 6.79 9.15
CA SER A 100 0.74 7.65 9.39
C SER A 100 -0.54 7.17 8.71
N ASP A 101 -0.84 5.87 8.81
CA ASP A 101 -2.00 5.26 8.15
C ASP A 101 -3.33 5.92 8.48
N ASP A 102 -3.59 6.20 9.76
CA ASP A 102 -4.85 6.83 10.14
C ASP A 102 -5.08 8.19 9.50
N ASP A 103 -4.01 8.98 9.38
CA ASP A 103 -4.09 10.30 8.77
C ASP A 103 -4.17 10.25 7.26
N TRP A 104 -3.34 9.42 6.63
CA TRP A 104 -3.29 9.34 5.18
C TRP A 104 -4.53 8.66 4.59
N LEU A 105 -5.00 7.57 5.19
CA LEU A 105 -6.17 6.88 4.65
C LEU A 105 -7.43 7.69 4.93
N LYS A 106 -7.48 8.45 6.04
CA LYS A 106 -8.63 9.31 6.28
C LYS A 106 -8.59 10.52 5.33
N LYS A 107 -7.39 10.92 4.90
CA LYS A 107 -7.22 12.06 4.02
C LYS A 107 -7.78 11.78 2.62
N PHE A 108 -7.60 10.55 2.10
CA PHE A 108 -8.12 10.25 0.78
C PHE A 108 -9.59 9.89 0.93
N SER A 109 -10.03 9.51 2.14
CA SER A 109 -11.40 9.08 2.39
C SER A 109 -12.31 10.21 2.87
N GLY A 110 -11.77 11.41 3.12
CA GLY A 110 -12.57 12.50 3.63
C GLY A 110 -11.84 13.84 3.75
N LYS A 111 -10.51 13.84 3.56
CA LYS A 111 -9.63 15.01 3.63
C LYS A 111 -9.56 15.68 5.01
N THR A 112 -10.69 15.81 5.71
CA THR A 112 -10.74 16.46 7.02
C THR A 112 -11.97 16.03 7.81
N LEU A 113 -11.98 16.32 9.11
CA LEU A 113 -13.09 15.98 10.00
C LEU A 113 -14.37 16.74 9.62
N GLU A 114 -14.25 17.79 8.80
CA GLU A 114 -15.38 18.60 8.35
C GLU A 114 -15.98 18.07 7.04
N GLU A 115 -15.43 17.00 6.47
CA GLU A 115 -15.88 16.48 5.19
C GLU A 115 -15.90 14.95 5.15
N ASN A 116 -15.28 14.28 6.14
CA ASN A 116 -15.29 12.82 6.23
C ASN A 116 -16.66 12.27 6.66
N LYS A 117 -17.68 13.14 6.73
CA LYS A 117 -19.02 12.78 7.19
C LYS A 117 -19.69 11.83 6.21
#